data_3P2L
#
_entry.id   3P2L
#
_cell.length_a   120.523
_cell.length_b   128.823
_cell.length_c   98.030
_cell.angle_alpha   90.00
_cell.angle_beta   90.00
_cell.angle_gamma   90.00
#
_symmetry.space_group_name_H-M   'P 21 21 2'
#
loop_
_entity.id
_entity.type
_entity.pdbx_description
1 polymer 'ATP-dependent Clp protease proteolytic subunit'
2 non-polymer 'MAGNESIUM ION'
3 non-polymer DI(HYDROXYETHYL)ETHER
4 non-polymer GLYCEROL
5 non-polymer 1,2-ETHANEDIOL
6 non-polymer 'PHOSPHATE ION'
7 water water
#
_entity_poly.entity_id   1
_entity_poly.type   'polypeptide(L)'
_entity_poly.pdbx_seq_one_letter_code
;SNANNLVPTVIEKTAGGERAFDIYSRLLKERIVFLNGEVNDHSANLVIAQLLFLESEDPDKDIYFYINSPGG(MSE)VTA
G(MSE)GVYDT(MSE)QFIKPDVSTICIGLAAS(MSE)GSLLLAGGAKGKRYSLPSSQI(MSE)IHQPLGGFRGQASDIE
IHAKNILRIKDRLNKVLAHHTGQDLETIVKDTDRDNF(MSE)(MSE)ADEAKAYGLIDHVIESREAIIK
;
_entity_poly.pdbx_strand_id   A,B,C,D,E,F,G
#
loop_
_chem_comp.id
_chem_comp.type
_chem_comp.name
_chem_comp.formula
EDO non-polymer 1,2-ETHANEDIOL 'C2 H6 O2'
GOL non-polymer GLYCEROL 'C3 H8 O3'
MG non-polymer 'MAGNESIUM ION' 'Mg 2'
PEG non-polymer DI(HYDROXYETHYL)ETHER 'C4 H10 O3'
PO4 non-polymer 'PHOSPHATE ION' 'O4 P -3'
#
# COMPACT_ATOMS: atom_id res chain seq x y z
N ASN A 5 -19.44 -16.38 18.02
CA ASN A 5 -19.65 -16.94 19.35
C ASN A 5 -19.50 -15.88 20.43
N LEU A 6 -20.60 -15.23 20.79
CA LEU A 6 -20.57 -14.09 21.72
C LEU A 6 -20.44 -14.55 23.18
N VAL A 7 -20.18 -13.63 24.11
CA VAL A 7 -20.10 -14.03 25.53
C VAL A 7 -20.49 -12.92 26.50
N PRO A 8 -20.86 -13.27 27.73
CA PRO A 8 -21.59 -14.47 28.08
C PRO A 8 -23.03 -14.29 27.59
N THR A 9 -23.70 -15.39 27.33
CA THR A 9 -24.85 -15.33 26.46
C THR A 9 -26.10 -15.99 26.99
N VAL A 10 -27.10 -15.15 27.21
CA VAL A 10 -28.44 -15.61 27.51
C VAL A 10 -29.18 -15.59 26.14
N ILE A 11 -29.76 -16.71 25.74
CA ILE A 11 -30.41 -16.77 24.42
C ILE A 11 -31.83 -16.19 24.40
N GLU A 12 -32.45 -16.21 23.21
CA GLU A 12 -33.81 -15.71 23.06
C GLU A 12 -34.76 -16.65 23.79
N LYS A 13 -35.68 -16.09 24.56
CA LYS A 13 -36.54 -16.89 25.43
C LYS A 13 -38.01 -16.60 25.28
N ARG A 19 -27.97 -13.29 17.29
CA ARG A 19 -28.48 -14.65 17.49
C ARG A 19 -28.57 -15.03 18.98
N ALA A 20 -27.92 -14.22 19.83
CA ALA A 20 -27.97 -14.39 21.28
C ALA A 20 -27.95 -13.04 22.00
N PHE A 21 -28.30 -13.05 23.28
CA PHE A 21 -28.32 -11.84 24.10
C PHE A 21 -27.12 -11.80 25.05
N ASP A 22 -26.11 -11.02 24.69
CA ASP A 22 -24.82 -11.04 25.40
C ASP A 22 -24.68 -9.87 26.36
N ILE A 23 -23.56 -9.83 27.08
CA ILE A 23 -23.41 -8.88 28.18
C ILE A 23 -23.48 -7.43 27.64
N TYR A 24 -22.96 -7.23 26.43
CA TYR A 24 -23.01 -5.92 25.78
C TYR A 24 -24.42 -5.49 25.40
N SER A 25 -25.25 -6.41 24.91
CA SER A 25 -26.65 -6.14 24.59
C SER A 25 -27.45 -5.81 25.86
N ARG A 26 -27.15 -6.55 26.91
CA ARG A 26 -27.75 -6.31 28.20
C ARG A 26 -27.41 -4.88 28.64
N LEU A 27 -26.13 -4.55 28.67
CA LEU A 27 -25.75 -3.21 29.10
C LEU A 27 -26.32 -2.13 28.18
N LEU A 28 -26.52 -2.45 26.91
CA LEU A 28 -27.01 -1.44 25.97
C LEU A 28 -28.44 -1.08 26.33
N LYS A 29 -29.17 -2.05 26.87
CA LYS A 29 -30.50 -1.84 27.45
C LYS A 29 -30.49 -0.69 28.49
N GLU A 30 -29.36 -0.48 29.16
CA GLU A 30 -29.18 0.63 30.09
C GLU A 30 -28.45 1.86 29.52
N ARG A 31 -28.46 2.02 28.19
CA ARG A 31 -27.81 3.15 27.50
C ARG A 31 -26.30 3.24 27.74
N ILE A 32 -25.69 2.08 27.95
CA ILE A 32 -24.24 1.96 28.07
C ILE A 32 -23.63 1.43 26.77
N VAL A 33 -22.72 2.21 26.20
CA VAL A 33 -22.01 1.82 24.99
C VAL A 33 -20.48 1.73 25.20
N PHE A 34 -19.85 0.73 24.58
CA PHE A 34 -18.38 0.54 24.65
C PHE A 34 -17.62 0.74 23.33
N LEU A 35 -16.57 1.57 23.36
CA LEU A 35 -15.53 1.51 22.34
C LEU A 35 -14.36 0.84 22.98
N ASN A 36 -14.06 -0.34 22.51
CA ASN A 36 -12.98 -1.13 23.06
C ASN A 36 -12.02 -1.51 21.97
N GLY A 37 -10.74 -1.12 22.11
CA GLY A 37 -9.71 -1.50 21.16
C GLY A 37 -9.62 -0.47 20.05
N GLU A 38 -8.93 -0.81 18.98
CA GLU A 38 -8.71 0.16 17.92
C GLU A 38 -9.98 0.67 17.26
N VAL A 39 -9.95 1.94 16.90
CA VAL A 39 -10.97 2.58 16.09
C VAL A 39 -10.73 2.30 14.60
N ASN A 40 -11.62 1.55 13.98
CA ASN A 40 -11.62 1.37 12.54
C ASN A 40 -13.05 1.54 11.99
N ASP A 41 -13.25 1.37 10.69
CA ASP A 41 -14.60 1.51 10.09
C ASP A 41 -15.65 0.64 10.79
N HIS A 42 -15.26 -0.59 11.12
CA HIS A 42 -16.17 -1.54 11.74
C HIS A 42 -16.54 -1.07 13.15
N SER A 43 -15.54 -0.84 13.99
CA SER A 43 -15.83 -0.52 15.38
C SER A 43 -16.48 0.86 15.49
N ALA A 44 -16.11 1.78 14.61
CA ALA A 44 -16.69 3.11 14.66
C ALA A 44 -18.18 3.05 14.29
N ASN A 45 -18.46 2.32 13.21
CA ASN A 45 -19.84 2.21 12.77
C ASN A 45 -20.74 1.52 13.78
N LEU A 46 -20.25 0.46 14.43
CA LEU A 46 -20.96 -0.14 15.56
C LEU A 46 -21.39 0.89 16.63
N VAL A 47 -20.46 1.77 17.02
CA VAL A 47 -20.77 2.81 18.00
C VAL A 47 -21.84 3.74 17.45
N ILE A 48 -21.69 4.17 16.20
CA ILE A 48 -22.65 5.08 15.60
C ILE A 48 -24.05 4.49 15.63
N ALA A 49 -24.14 3.24 15.19
CA ALA A 49 -25.42 2.53 15.14
C ALA A 49 -26.07 2.51 16.53
N GLN A 50 -25.28 2.15 17.53
CA GLN A 50 -25.76 2.14 18.92
C GLN A 50 -26.22 3.51 19.38
N LEU A 51 -25.46 4.55 19.03
CA LEU A 51 -25.84 5.90 19.42
C LEU A 51 -27.17 6.28 18.78
N LEU A 52 -27.30 6.05 17.47
CA LEU A 52 -28.55 6.37 16.78
C LEU A 52 -29.73 5.61 17.36
N PHE A 53 -29.50 4.36 17.71
CA PHE A 53 -30.56 3.50 18.26
C PHE A 53 -31.02 4.02 19.61
N LEU A 54 -30.06 4.47 20.42
CA LEU A 54 -30.41 4.96 21.75
C LEU A 54 -31.16 6.28 21.61
N GLU A 55 -30.79 7.07 20.62
CA GLU A 55 -31.48 8.33 20.40
C GLU A 55 -32.89 8.05 20.00
N SER A 56 -33.06 6.96 19.27
CA SER A 56 -34.38 6.54 18.83
C SER A 56 -35.25 6.05 19.98
N GLU A 57 -34.66 5.28 20.90
CA GLU A 57 -35.40 4.83 22.07
C GLU A 57 -35.81 5.95 23.02
N ASP A 58 -34.88 6.86 23.31
CA ASP A 58 -35.18 8.00 24.15
C ASP A 58 -34.22 9.15 23.86
N PRO A 59 -34.73 10.20 23.23
CA PRO A 59 -33.92 11.37 22.88
C PRO A 59 -33.38 12.12 24.09
N ASP A 60 -34.18 12.22 25.14
CA ASP A 60 -33.80 12.91 26.36
C ASP A 60 -32.70 12.30 27.23
N LYS A 61 -32.65 10.98 27.36
CA LYS A 61 -31.82 10.33 28.36
C LYS A 61 -30.33 10.32 27.98
N ASP A 62 -29.49 10.57 28.98
CA ASP A 62 -28.06 10.52 28.76
C ASP A 62 -27.61 9.13 28.28
N ILE A 63 -26.49 9.11 27.57
CA ILE A 63 -25.88 7.86 27.15
C ILE A 63 -24.50 7.79 27.83
N TYR A 64 -24.09 6.58 28.20
CA TYR A 64 -22.79 6.38 28.85
C TYR A 64 -21.84 5.65 27.92
N PHE A 65 -20.81 6.37 27.47
CA PHE A 65 -19.88 5.91 26.47
C PHE A 65 -18.51 5.60 27.13
N TYR A 66 -18.25 4.33 27.35
CA TYR A 66 -16.99 3.91 27.95
C TYR A 66 -15.92 3.72 26.90
N ILE A 67 -14.76 4.28 27.12
CA ILE A 67 -13.73 4.24 26.12
C ILE A 67 -12.49 3.57 26.70
N ASN A 68 -12.01 2.57 25.96
CA ASN A 68 -10.70 2.01 26.20
C ASN A 68 -10.05 1.70 24.83
N SER A 69 -9.28 2.66 24.33
CA SER A 69 -8.89 2.61 22.93
C SER A 69 -7.56 3.33 22.71
N PRO A 70 -6.69 2.73 21.89
CA PRO A 70 -5.43 3.32 21.43
C PRO A 70 -5.67 4.21 20.21
N GLY A 71 -6.92 4.40 19.84
CA GLY A 71 -7.26 5.22 18.68
C GLY A 71 -7.24 4.39 17.41
N GLY A 72 -6.98 5.04 16.30
CA GLY A 72 -6.92 4.37 15.01
C GLY A 72 -7.28 5.35 13.91
N MSE A 73 -8.16 4.92 13.01
CA MSE A 73 -8.40 5.69 11.77
C MSE A 73 -9.14 7.02 12.05
O MSE A 73 -10.16 7.06 12.76
CB MSE A 73 -9.10 4.80 10.75
CG MSE A 73 -9.52 5.48 9.45
SE MSE A 73 -10.51 4.22 8.32
CE MSE A 73 -9.74 2.53 9.07
N VAL A 74 -8.60 8.11 11.52
CA VAL A 74 -9.16 9.44 11.79
C VAL A 74 -10.56 9.66 11.19
N THR A 75 -10.74 9.34 9.90
CA THR A 75 -12.06 9.43 9.28
C THR A 75 -13.15 8.64 10.02
N ALA A 76 -12.89 7.37 10.33
CA ALA A 76 -13.85 6.58 11.07
C ALA A 76 -14.15 7.25 12.44
N GLY A 77 -13.11 7.73 13.10
CA GLY A 77 -13.30 8.35 14.40
C GLY A 77 -14.10 9.64 14.38
N MSE A 78 -13.96 10.42 13.31
CA MSE A 78 -14.62 11.69 13.23
C MSE A 78 -16.14 11.53 12.99
O MSE A 78 -16.94 12.42 13.33
CB MSE A 78 -13.96 12.58 12.16
CG MSE A 78 -12.62 13.22 12.56
SE MSE A 78 -12.53 13.96 14.41
CE MSE A 78 -13.85 15.39 14.29
N GLY A 79 -16.53 10.39 12.44
CA GLY A 79 -17.93 10.03 12.36
C GLY A 79 -18.52 9.81 13.74
N VAL A 80 -17.77 9.16 14.62
CA VAL A 80 -18.25 8.95 15.98
C VAL A 80 -18.34 10.30 16.70
N TYR A 81 -17.30 11.13 16.56
CA TYR A 81 -17.29 12.42 17.26
C TYR A 81 -18.50 13.27 16.81
N ASP A 82 -18.73 13.31 15.50
CA ASP A 82 -19.80 14.10 14.92
C ASP A 82 -21.18 13.59 15.35
N THR A 83 -21.31 12.26 15.36
CA THR A 83 -22.56 11.64 15.75
C THR A 83 -22.89 12.01 17.20
N MSE A 84 -21.87 11.99 18.06
CA MSE A 84 -22.10 12.31 19.46
C MSE A 84 -22.63 13.73 19.57
O MSE A 84 -23.56 13.96 20.32
CB MSE A 84 -20.83 12.17 20.31
CG MSE A 84 -20.25 10.75 20.43
SE MSE A 84 -18.36 10.88 20.97
CE MSE A 84 -18.64 11.93 22.63
N GLN A 85 -22.06 14.68 18.82
CA GLN A 85 -22.51 16.05 18.92
C GLN A 85 -23.89 16.18 18.28
N PHE A 86 -24.18 15.33 17.30
CA PHE A 86 -25.36 15.48 16.48
C PHE A 86 -26.66 15.05 17.17
N ILE A 87 -26.65 13.86 17.77
CA ILE A 87 -27.83 13.32 18.42
C ILE A 87 -28.33 14.15 19.61
N LYS A 88 -29.62 14.07 19.89
CA LYS A 88 -30.22 14.87 20.96
C LYS A 88 -29.61 14.57 22.38
N PRO A 89 -29.42 13.30 22.72
CA PRO A 89 -28.96 12.97 24.07
C PRO A 89 -27.54 13.44 24.35
N ASP A 90 -27.31 13.88 25.58
CA ASP A 90 -25.95 14.06 26.06
C ASP A 90 -25.23 12.72 26.01
N VAL A 91 -24.02 12.68 25.49
CA VAL A 91 -23.23 11.46 25.55
C VAL A 91 -22.11 11.66 26.56
N SER A 92 -22.21 11.00 27.71
CA SER A 92 -21.21 11.06 28.76
C SER A 92 -20.05 10.15 28.40
N THR A 93 -18.82 10.62 28.52
CA THR A 93 -17.67 9.77 28.25
C THR A 93 -16.95 9.31 29.53
N ILE A 94 -16.55 8.04 29.55
CA ILE A 94 -15.82 7.48 30.67
C ILE A 94 -14.60 6.72 30.16
N CYS A 95 -13.42 7.17 30.56
CA CYS A 95 -12.21 6.44 30.22
C CYS A 95 -11.88 5.32 31.23
N ILE A 96 -11.85 4.07 30.74
CA ILE A 96 -11.61 2.95 31.62
C ILE A 96 -10.34 2.19 31.25
N GLY A 97 -9.27 2.89 30.90
CA GLY A 97 -7.98 2.23 30.69
C GLY A 97 -7.00 3.08 29.87
N LEU A 98 -7.30 3.24 28.59
CA LEU A 98 -6.48 4.05 27.71
C LEU A 98 -7.42 4.86 26.86
N ALA A 99 -7.11 6.15 26.67
CA ALA A 99 -7.70 6.90 25.58
C ALA A 99 -6.55 7.61 24.90
N ALA A 100 -6.08 7.02 23.81
CA ALA A 100 -4.97 7.57 23.05
C ALA A 100 -5.44 7.94 21.65
N SER A 101 -4.78 8.91 21.04
CA SER A 101 -5.10 9.24 19.65
C SER A 101 -6.58 9.55 19.53
N MSE A 102 -7.27 8.98 18.55
CA MSE A 102 -8.71 9.24 18.38
C MSE A 102 -9.49 8.92 19.67
O MSE A 102 -10.54 9.50 19.94
CB MSE A 102 -9.31 8.45 17.21
CG MSE A 102 -8.99 9.00 15.83
SE MSE A 102 -9.20 10.94 15.65
CE MSE A 102 -11.12 11.02 15.88
N GLY A 103 -8.96 7.99 20.47
CA GLY A 103 -9.54 7.67 21.77
C GLY A 103 -9.66 8.91 22.65
N SER A 104 -8.58 9.67 22.74
CA SER A 104 -8.59 10.80 23.66
C SER A 104 -9.49 11.90 23.11
N LEU A 105 -9.56 11.99 21.79
CA LEU A 105 -10.41 12.98 21.17
C LEU A 105 -11.89 12.70 21.47
N LEU A 106 -12.31 11.44 21.36
CA LEU A 106 -13.69 11.06 21.60
C LEU A 106 -14.04 11.30 23.06
N LEU A 107 -13.08 10.99 23.93
CA LEU A 107 -13.25 11.22 25.37
C LEU A 107 -13.49 12.71 25.63
N ALA A 108 -12.66 13.56 25.03
CA ALA A 108 -12.71 14.99 25.28
C ALA A 108 -13.96 15.62 24.66
N GLY A 109 -14.52 14.95 23.66
CA GLY A 109 -15.72 15.39 22.96
C GLY A 109 -17.04 15.02 23.60
N GLY A 110 -17.01 14.34 24.75
CA GLY A 110 -18.22 14.04 25.50
C GLY A 110 -18.97 15.30 25.90
N ALA A 111 -20.23 15.16 26.33
CA ALA A 111 -21.01 16.32 26.76
C ALA A 111 -20.27 17.12 27.83
N LYS A 112 -20.52 18.41 27.85
CA LYS A 112 -19.85 19.35 28.74
C LYS A 112 -20.13 19.03 30.23
N GLY A 113 -19.06 18.82 31.00
CA GLY A 113 -19.17 18.50 32.42
C GLY A 113 -19.52 17.04 32.69
N LYS A 114 -19.50 16.21 31.66
CA LYS A 114 -19.88 14.80 31.81
C LYS A 114 -18.83 13.86 31.23
N ARG A 115 -17.59 14.32 31.25
CA ARG A 115 -16.47 13.55 30.76
C ARG A 115 -15.66 13.06 31.98
N TYR A 116 -15.47 11.75 32.07
CA TYR A 116 -14.93 11.15 33.28
C TYR A 116 -13.73 10.24 32.95
N SER A 117 -12.87 10.03 33.94
CA SER A 117 -11.94 8.93 33.87
C SER A 117 -11.85 8.21 35.22
N LEU A 118 -11.59 6.91 35.21
CA LEU A 118 -11.24 6.21 36.44
C LEU A 118 -9.80 6.56 36.82
N PRO A 119 -9.41 6.30 38.07
CA PRO A 119 -8.18 6.97 38.50
C PRO A 119 -6.87 6.55 37.80
N SER A 120 -6.77 5.34 37.26
CA SER A 120 -5.49 4.86 36.74
C SER A 120 -5.37 4.94 35.21
N SER A 121 -6.32 5.61 34.55
CA SER A 121 -6.29 5.67 33.09
C SER A 121 -5.12 6.50 32.56
N GLN A 122 -4.68 6.16 31.35
CA GLN A 122 -3.71 6.96 30.61
C GLN A 122 -4.42 7.60 29.45
N ILE A 123 -4.22 8.90 29.30
CA ILE A 123 -4.80 9.68 28.24
C ILE A 123 -3.62 10.22 27.44
N MSE A 124 -3.65 10.09 26.12
CA MSE A 124 -2.50 10.45 25.33
C MSE A 124 -2.96 11.25 24.13
O MSE A 124 -3.92 10.86 23.46
CB MSE A 124 -1.73 9.19 24.91
CG MSE A 124 -0.39 9.49 24.23
SE MSE A 124 -0.53 9.67 22.27
CE MSE A 124 -0.24 7.78 21.84
N ILE A 125 -2.32 12.36 23.86
CA ILE A 125 -2.65 13.12 22.65
C ILE A 125 -1.39 13.24 21.81
N HIS A 126 -1.55 13.43 20.51
CA HIS A 126 -0.42 13.53 19.60
C HIS A 126 -0.92 13.87 18.19
N GLN A 127 -0.03 14.13 17.24
CA GLN A 127 -0.44 14.48 15.87
C GLN A 127 -0.76 13.26 14.95
N PRO A 128 -1.50 13.47 13.85
CA PRO A 128 -1.85 12.27 13.06
C PRO A 128 -0.64 11.63 12.37
N LEU A 129 -0.78 10.34 12.07
CA LEU A 129 0.22 9.64 11.30
C LEU A 129 -0.42 9.16 10.02
N GLY A 130 0.37 9.14 8.96
CA GLY A 130 -0.12 8.71 7.66
C GLY A 130 1.03 8.29 6.80
N GLY A 131 0.83 8.35 5.50
CA GLY A 131 1.93 8.08 4.62
C GLY A 131 1.39 7.72 3.27
N PHE A 132 2.14 8.09 2.24
CA PHE A 132 1.77 7.83 0.87
C PHE A 132 3.02 7.53 0.07
N ARG A 133 2.97 6.51 -0.77
CA ARG A 133 4.02 6.33 -1.77
C ARG A 133 3.44 6.67 -3.12
N GLY A 134 4.19 7.41 -3.92
CA GLY A 134 3.75 7.75 -5.25
C GLY A 134 4.51 8.91 -5.84
N GLN A 135 3.93 9.54 -6.86
CA GLN A 135 4.54 10.70 -7.52
C GLN A 135 4.58 11.93 -6.60
N ALA A 136 5.60 12.76 -6.77
CA ALA A 136 5.73 14.00 -5.99
C ALA A 136 4.39 14.77 -5.86
N SER A 137 3.70 14.93 -7.01
CA SER A 137 2.39 15.57 -7.04
C SER A 137 1.41 14.95 -6.03
N ASP A 138 1.30 13.64 -6.09
CA ASP A 138 0.39 12.94 -5.20
C ASP A 138 0.83 13.03 -3.75
N ILE A 139 2.14 12.97 -3.52
CA ILE A 139 2.63 13.14 -2.15
C ILE A 139 2.29 14.57 -1.66
N GLU A 140 2.40 15.58 -2.54
CA GLU A 140 2.09 16.97 -2.20
C GLU A 140 0.62 17.10 -1.73
N ILE A 141 -0.29 16.54 -2.53
CA ILE A 141 -1.70 16.55 -2.25
C ILE A 141 -2.02 15.93 -0.88
N HIS A 142 -1.53 14.72 -0.65
CA HIS A 142 -1.80 14.04 0.62
C HIS A 142 -1.07 14.71 1.78
N ALA A 143 0.06 15.36 1.48
CA ALA A 143 0.77 16.08 2.54
C ALA A 143 -0.04 17.28 2.97
N LYS A 144 -0.56 18.05 2.00
CA LYS A 144 -1.41 19.20 2.34
C LYS A 144 -2.64 18.72 3.13
N ASN A 145 -3.21 17.62 2.70
CA ASN A 145 -4.43 17.19 3.36
C ASN A 145 -4.19 16.76 4.82
N ILE A 146 -3.10 16.04 5.05
CA ILE A 146 -2.85 15.52 6.39
C ILE A 146 -2.54 16.72 7.29
N LEU A 147 -2.09 17.83 6.70
CA LEU A 147 -1.89 19.03 7.51
C LEU A 147 -3.21 19.74 7.83
N ARG A 148 -4.17 19.74 6.91
CA ARG A 148 -5.49 20.29 7.23
C ARG A 148 -6.15 19.48 8.34
N ILE A 149 -6.01 18.17 8.28
CA ILE A 149 -6.62 17.30 9.26
C ILE A 149 -5.95 17.50 10.62
N LYS A 150 -4.62 17.62 10.63
CA LYS A 150 -3.88 17.87 11.86
C LYS A 150 -4.43 19.15 12.53
N ASP A 151 -4.67 20.15 11.70
CA ASP A 151 -5.20 21.44 12.16
C ASP A 151 -6.57 21.24 12.78
N ARG A 152 -7.44 20.49 12.09
CA ARG A 152 -8.82 20.26 12.55
C ARG A 152 -8.88 19.49 13.85
N LEU A 153 -8.09 18.42 13.94
CA LEU A 153 -8.02 17.66 15.18
C LEU A 153 -7.64 18.59 16.33
N ASN A 154 -6.59 19.37 16.14
CA ASN A 154 -6.17 20.33 17.14
C ASN A 154 -7.26 21.33 17.50
N LYS A 155 -8.01 21.81 16.52
CA LYS A 155 -9.11 22.72 16.83
C LYS A 155 -10.18 22.07 17.68
N VAL A 156 -10.47 20.81 17.40
CA VAL A 156 -11.42 20.06 18.20
C VAL A 156 -10.98 20.01 19.67
N LEU A 157 -9.76 19.56 19.92
CA LEU A 157 -9.26 19.51 21.29
C LEU A 157 -9.23 20.90 21.92
N ALA A 158 -8.90 21.94 21.15
CA ALA A 158 -8.82 23.27 21.72
C ALA A 158 -10.21 23.72 22.20
N HIS A 159 -11.23 23.40 21.41
CA HIS A 159 -12.60 23.73 21.73
C HIS A 159 -13.10 23.06 23.02
N HIS A 160 -12.75 21.79 23.22
CA HIS A 160 -13.33 21.02 24.32
C HIS A 160 -12.55 21.19 25.61
N THR A 161 -11.26 21.47 25.48
CA THR A 161 -10.40 21.64 26.63
C THR A 161 -10.43 23.09 27.07
N GLY A 162 -10.62 23.99 26.11
CA GLY A 162 -10.50 25.40 26.40
C GLY A 162 -9.06 25.91 26.30
N GLN A 163 -8.10 25.05 25.99
CA GLN A 163 -6.76 25.57 25.73
C GLN A 163 -6.80 26.43 24.49
N ASP A 164 -5.81 27.31 24.33
CA ASP A 164 -5.57 27.96 23.04
C ASP A 164 -5.09 26.93 22.03
N LEU A 165 -5.46 27.13 20.78
CA LEU A 165 -4.99 26.28 19.70
C LEU A 165 -3.45 26.08 19.72
N GLU A 166 -2.70 27.18 19.85
CA GLU A 166 -1.23 27.13 19.94
C GLU A 166 -0.71 26.19 21.02
N THR A 167 -1.33 26.22 22.18
CA THR A 167 -1.04 25.27 23.26
C THR A 167 -1.24 23.83 22.78
N ILE A 168 -2.36 23.57 22.10
CA ILE A 168 -2.62 22.21 21.64
C ILE A 168 -1.54 21.78 20.65
N VAL A 169 -1.22 22.67 19.73
CA VAL A 169 -0.24 22.37 18.72
C VAL A 169 1.07 21.92 19.39
N LYS A 170 1.56 22.75 20.32
CA LYS A 170 2.83 22.48 21.00
C LYS A 170 2.81 21.18 21.79
N ASP A 171 1.67 20.92 22.44
CA ASP A 171 1.58 19.75 23.30
C ASP A 171 1.34 18.41 22.56
N THR A 172 1.16 18.46 21.25
CA THR A 172 0.85 17.22 20.52
C THR A 172 1.88 16.90 19.48
N ASP A 173 2.99 17.62 19.49
CA ASP A 173 4.02 17.45 18.47
C ASP A 173 4.62 16.04 18.58
N ARG A 174 4.71 15.55 19.80
CA ARG A 174 5.06 14.15 20.07
C ARG A 174 4.08 13.54 21.08
N ASP A 175 4.14 12.22 21.22
CA ASP A 175 3.28 11.52 22.16
C ASP A 175 3.34 12.24 23.51
N ASN A 176 2.18 12.53 24.05
CA ASN A 176 2.10 13.22 25.30
C ASN A 176 1.17 12.46 26.25
N PHE A 177 1.75 11.67 27.15
CA PHE A 177 0.99 10.88 28.13
C PHE A 177 0.56 11.70 29.33
N MSE A 178 -0.70 11.55 29.73
CA MSE A 178 -1.17 12.18 30.97
C MSE A 178 -1.83 11.16 31.84
O MSE A 178 -2.49 10.26 31.34
CB MSE A 178 -2.18 13.28 30.68
CG MSE A 178 -1.56 14.44 29.95
SE MSE A 178 -2.83 15.86 29.52
CE MSE A 178 -2.05 16.48 27.85
N MSE A 179 -1.62 11.31 33.14
CA MSE A 179 -2.45 10.59 34.11
C MSE A 179 -3.83 11.28 34.15
O MSE A 179 -4.01 12.36 33.58
CB MSE A 179 -1.79 10.57 35.49
CG MSE A 179 -0.42 9.85 35.57
SE MSE A 179 -0.32 8.01 34.82
CE MSE A 179 0.98 8.30 33.39
N ALA A 180 -4.79 10.66 34.83
CA ALA A 180 -6.17 11.13 34.83
C ALA A 180 -6.29 12.52 35.44
N ASP A 181 -5.59 12.73 36.54
CA ASP A 181 -5.65 14.02 37.20
C ASP A 181 -5.02 15.14 36.33
N GLU A 182 -3.99 14.81 35.55
CA GLU A 182 -3.36 15.80 34.67
C GLU A 182 -4.29 16.06 33.46
N ALA A 183 -4.99 15.03 33.00
CA ALA A 183 -6.01 15.21 31.96
C ALA A 183 -7.13 16.14 32.41
N LYS A 184 -7.56 16.02 33.66
CA LYS A 184 -8.60 16.94 34.16
C LYS A 184 -8.07 18.38 34.20
N ALA A 185 -6.84 18.55 34.66
CA ALA A 185 -6.27 19.89 34.76
C ALA A 185 -6.01 20.44 33.37
N TYR A 186 -5.80 19.57 32.38
CA TYR A 186 -5.61 20.06 31.00
C TYR A 186 -6.95 20.42 30.32
N GLY A 187 -8.05 19.93 30.89
CA GLY A 187 -9.38 20.13 30.34
C GLY A 187 -9.89 19.02 29.41
N LEU A 188 -9.21 17.87 29.36
CA LEU A 188 -9.68 16.77 28.52
C LEU A 188 -10.87 15.99 29.12
N ILE A 189 -10.97 15.98 30.46
CA ILE A 189 -12.13 15.42 31.15
C ILE A 189 -12.54 16.41 32.24
N ASP A 190 -13.67 16.16 32.89
CA ASP A 190 -14.18 17.08 33.90
C ASP A 190 -13.98 16.54 35.29
N HIS A 191 -14.03 15.21 35.42
CA HIS A 191 -14.01 14.59 36.74
C HIS A 191 -13.25 13.28 36.72
N VAL A 192 -12.38 13.08 37.71
CA VAL A 192 -11.77 11.79 38.00
C VAL A 192 -12.61 11.16 39.08
N ILE A 193 -13.19 9.99 38.81
CA ILE A 193 -14.06 9.34 39.79
C ILE A 193 -13.44 8.03 40.23
N GLU A 194 -13.47 7.81 41.54
CA GLU A 194 -12.72 6.74 42.18
C GLU A 194 -13.68 5.72 42.73
N SER A 195 -14.84 6.19 43.16
CA SER A 195 -15.83 5.33 43.79
C SER A 195 -17.22 5.75 43.35
N ARG A 196 -18.08 4.76 43.15
CA ARG A 196 -19.45 5.01 42.77
C ARG A 196 -20.19 5.77 43.88
N GLU A 197 -20.02 5.34 45.13
CA GLU A 197 -20.74 5.98 46.24
C GLU A 197 -20.19 7.35 46.62
N ALA A 198 -18.86 7.48 46.65
CA ALA A 198 -18.25 8.80 46.80
C ALA A 198 -18.92 9.75 45.83
N LEU B 6 29.16 -6.77 -11.65
CA LEU B 6 30.44 -6.89 -10.95
C LEU B 6 31.52 -5.95 -11.51
N VAL B 7 32.66 -5.89 -10.79
CA VAL B 7 33.67 -4.83 -10.92
C VAL B 7 34.69 -5.03 -12.03
N PRO B 8 34.99 -3.95 -12.79
CA PRO B 8 35.95 -4.03 -13.90
C PRO B 8 37.41 -4.16 -13.45
N THR B 9 38.20 -4.85 -14.26
CA THR B 9 39.64 -5.03 -14.09
C THR B 9 40.43 -4.05 -14.98
N VAL B 10 41.60 -3.60 -14.49
CA VAL B 10 42.53 -2.78 -15.30
C VAL B 10 43.97 -3.29 -15.19
N ILE B 11 44.91 -2.64 -15.87
CA ILE B 11 46.35 -2.85 -15.63
C ILE B 11 47.18 -1.58 -15.85
N ALA B 20 47.22 -6.28 -12.74
CA ALA B 20 45.77 -6.53 -12.73
C ALA B 20 45.02 -6.20 -11.42
N PHE B 21 44.32 -5.07 -11.41
CA PHE B 21 43.56 -4.60 -10.26
C PHE B 21 42.06 -4.60 -10.58
N ASP B 22 41.20 -4.67 -9.56
CA ASP B 22 39.82 -4.25 -9.72
C ASP B 22 39.82 -2.73 -9.74
N ILE B 23 38.74 -2.11 -10.19
CA ILE B 23 38.75 -0.66 -10.40
C ILE B 23 39.04 0.10 -9.10
N TYR B 24 38.46 -0.37 -8.00
CA TYR B 24 38.59 0.28 -6.72
C TYR B 24 40.01 0.18 -6.19
N SER B 25 40.65 -0.97 -6.44
CA SER B 25 42.05 -1.17 -6.07
C SER B 25 42.94 -0.20 -6.82
N ARG B 26 42.64 -0.02 -8.10
CA ARG B 26 43.41 0.92 -8.91
C ARG B 26 43.27 2.35 -8.38
N LEU B 27 42.06 2.78 -8.03
CA LEU B 27 41.93 4.09 -7.41
C LEU B 27 42.58 4.18 -6.01
N LEU B 28 42.56 3.08 -5.27
CA LEU B 28 43.19 3.07 -3.94
C LEU B 28 44.68 3.42 -4.09
N LYS B 29 45.27 3.03 -5.22
CA LYS B 29 46.66 3.37 -5.55
C LYS B 29 46.85 4.89 -5.60
N GLU B 30 45.79 5.61 -5.89
CA GLU B 30 45.87 7.07 -5.90
C GLU B 30 45.27 7.66 -4.64
N ARG B 31 45.12 6.85 -3.58
CA ARG B 31 44.65 7.32 -2.28
C ARG B 31 43.17 7.76 -2.28
N ILE B 32 42.37 7.08 -3.10
CA ILE B 32 40.95 7.35 -3.19
C ILE B 32 40.18 6.22 -2.54
N VAL B 33 39.35 6.58 -1.54
CA VAL B 33 38.54 5.60 -0.83
C VAL B 33 37.06 5.95 -0.98
N PHE B 34 36.23 4.92 -1.18
CA PHE B 34 34.78 5.09 -1.26
C PHE B 34 34.00 4.48 -0.11
N LEU B 35 33.11 5.30 0.45
CA LEU B 35 32.00 4.82 1.27
C LEU B 35 30.73 4.95 0.45
N ASN B 36 30.15 3.80 0.11
CA ASN B 36 29.01 3.76 -0.78
C ASN B 36 27.85 2.90 -0.22
N GLY B 37 26.71 3.54 0.06
CA GLY B 37 25.56 2.83 0.58
C GLY B 37 25.67 2.91 2.09
N GLU B 38 24.94 2.05 2.79
CA GLU B 38 24.78 2.14 4.23
C GLU B 38 26.06 1.89 5.03
N VAL B 39 26.14 2.56 6.16
CA VAL B 39 27.18 2.28 7.13
C VAL B 39 26.79 1.10 8.05
N ASN B 40 27.52 -0.01 7.92
CA ASN B 40 27.36 -1.13 8.85
C ASN B 40 28.73 -1.66 9.25
N ASP B 41 28.81 -2.74 10.03
CA ASP B 41 30.12 -3.16 10.53
C ASP B 41 31.07 -3.51 9.38
N HIS B 42 30.51 -4.13 8.32
CA HIS B 42 31.30 -4.55 7.18
C HIS B 42 31.86 -3.38 6.38
N SER B 43 30.98 -2.44 6.03
CA SER B 43 31.35 -1.30 5.17
C SER B 43 32.26 -0.32 5.93
N ALA B 44 32.00 -0.16 7.22
CA ALA B 44 32.83 0.67 8.08
C ALA B 44 34.24 0.08 8.21
N ASN B 45 34.32 -1.19 8.55
CA ASN B 45 35.63 -1.82 8.69
C ASN B 45 36.48 -1.74 7.41
N LEU B 46 35.84 -1.91 6.25
CA LEU B 46 36.54 -1.83 4.98
C LEU B 46 37.17 -0.48 4.75
N VAL B 47 36.42 0.57 5.06
CA VAL B 47 36.93 1.91 4.96
C VAL B 47 38.12 2.08 5.94
N ILE B 48 37.97 1.61 7.18
CA ILE B 48 38.99 1.78 8.20
C ILE B 48 40.27 1.08 7.77
N ALA B 49 40.14 -0.11 7.19
CA ALA B 49 41.30 -0.88 6.78
C ALA B 49 42.00 -0.14 5.64
N GLN B 50 41.22 0.45 4.74
CA GLN B 50 41.80 1.23 3.66
C GLN B 50 42.54 2.46 4.15
N LEU B 51 41.98 3.16 5.15
CA LEU B 51 42.65 4.36 5.70
C LEU B 51 43.97 4.00 6.40
N LEU B 52 43.93 2.99 7.26
CA LEU B 52 45.13 2.45 7.88
C LEU B 52 46.17 2.04 6.84
N PHE B 53 45.71 1.32 5.79
CA PHE B 53 46.61 0.96 4.67
C PHE B 53 47.26 2.18 4.05
N LEU B 54 46.48 3.23 3.83
CA LEU B 54 47.01 4.35 3.09
C LEU B 54 48.03 5.09 3.92
N GLU B 55 47.77 5.20 5.22
CA GLU B 55 48.68 5.84 6.14
C GLU B 55 50.01 5.06 6.19
N SER B 56 49.89 3.75 6.12
CA SER B 56 51.04 2.88 6.09
C SER B 56 51.88 3.20 4.85
N GLU B 57 51.21 3.36 3.71
CA GLU B 57 51.88 3.63 2.43
C GLU B 57 52.60 4.95 2.47
N ASP B 58 51.88 5.96 2.95
CA ASP B 58 52.48 7.25 3.14
C ASP B 58 51.69 8.04 4.17
N PRO B 59 52.34 8.37 5.31
CA PRO B 59 51.61 9.00 6.40
C PRO B 59 51.46 10.49 6.17
N ASP B 60 51.99 11.02 5.08
CA ASP B 60 51.85 12.46 4.89
C ASP B 60 50.97 12.92 3.71
N LYS B 61 50.63 12.02 2.81
CA LYS B 61 49.86 12.46 1.65
C LYS B 61 48.37 12.46 1.94
N ASP B 62 47.67 13.47 1.45
CA ASP B 62 46.23 13.51 1.60
C ASP B 62 45.56 12.24 1.13
N ILE B 63 44.46 11.91 1.78
CA ILE B 63 43.60 10.84 1.35
C ILE B 63 42.30 11.49 0.84
N TYR B 64 41.71 10.92 -0.21
CA TYR B 64 40.43 11.42 -0.75
C TYR B 64 39.33 10.38 -0.54
N PHE B 65 38.34 10.77 0.27
CA PHE B 65 37.34 9.87 0.80
C PHE B 65 36.01 10.38 0.25
N TYR B 66 35.52 9.65 -0.76
CA TYR B 66 34.26 9.94 -1.43
C TYR B 66 33.09 9.31 -0.69
N ILE B 67 32.05 10.10 -0.44
CA ILE B 67 30.91 9.61 0.32
C ILE B 67 29.59 9.70 -0.43
N ASN B 68 28.91 8.57 -0.46
CA ASN B 68 27.55 8.48 -0.93
C ASN B 68 26.86 7.46 -0.06
N SER B 69 26.23 7.92 1.01
CA SER B 69 25.74 7.06 2.08
C SER B 69 24.52 7.64 2.74
N PRO B 70 23.52 6.79 3.00
CA PRO B 70 22.34 7.21 3.75
C PRO B 70 22.59 7.07 5.26
N GLY B 71 23.83 6.73 5.63
CA GLY B 71 24.12 6.49 7.04
C GLY B 71 23.86 5.04 7.43
N GLY B 72 23.57 4.82 8.72
CA GLY B 72 23.44 3.46 9.27
C GLY B 72 23.94 3.43 10.72
N MSE B 73 24.73 2.41 11.07
CA MSE B 73 25.03 2.09 12.48
C MSE B 73 26.01 3.07 13.14
O MSE B 73 27.13 3.28 12.66
CB MSE B 73 25.50 0.64 12.62
CG MSE B 73 25.63 0.13 14.06
SE MSE B 73 26.57 -1.59 14.06
CE MSE B 73 25.71 -2.22 12.38
N VAL B 74 25.57 3.71 14.21
CA VAL B 74 26.38 4.75 14.86
C VAL B 74 27.74 4.24 15.37
N THR B 75 27.76 3.11 16.10
CA THR B 75 29.05 2.60 16.57
C THR B 75 30.00 2.28 15.40
N ALA B 76 29.49 1.64 14.34
CA ALA B 76 30.36 1.36 13.20
C ALA B 76 30.89 2.66 12.64
N GLY B 77 30.01 3.64 12.49
CA GLY B 77 30.39 4.95 11.94
C GLY B 77 31.34 5.77 12.79
N MSE B 78 31.18 5.75 14.12
CA MSE B 78 32.09 6.49 14.98
C MSE B 78 33.52 5.95 14.86
O MSE B 78 34.49 6.69 15.01
CB MSE B 78 31.59 6.56 16.42
CG MSE B 78 30.42 7.55 16.61
SE MSE B 78 30.57 9.21 15.54
CE MSE B 78 31.85 10.08 16.72
N GLY B 79 33.65 4.65 14.59
CA GLY B 79 34.96 4.06 14.36
C GLY B 79 35.64 4.68 13.15
N VAL B 80 34.88 4.84 12.07
CA VAL B 80 35.42 5.45 10.85
C VAL B 80 35.81 6.88 11.15
N TYR B 81 34.97 7.59 11.91
CA TYR B 81 35.21 8.98 12.24
C TYR B 81 36.48 9.12 13.08
N ASP B 82 36.63 8.32 14.13
CA ASP B 82 37.82 8.37 14.97
C ASP B 82 39.08 7.99 14.19
N THR B 83 38.93 7.06 13.25
CA THR B 83 40.08 6.63 12.46
C THR B 83 40.56 7.80 11.59
N MSE B 84 39.62 8.51 10.99
CA MSE B 84 39.96 9.77 10.29
C MSE B 84 40.76 10.78 11.12
O MSE B 84 41.71 11.36 10.62
CB MSE B 84 38.68 10.41 9.73
CG MSE B 84 37.98 9.55 8.70
SE MSE B 84 36.19 10.32 8.26
CE MSE B 84 36.75 12.12 7.89
N GLN B 85 40.37 11.02 12.39
CA GLN B 85 41.07 12.00 13.20
C GLN B 85 42.39 11.38 13.65
N PHE B 86 42.44 10.07 13.72
CA PHE B 86 43.58 9.42 14.34
C PHE B 86 44.78 9.34 13.42
N ILE B 87 44.59 8.90 12.19
CA ILE B 87 45.71 8.70 11.28
C ILE B 87 46.37 10.00 10.91
N LYS B 88 47.66 9.94 10.59
CA LYS B 88 48.44 11.14 10.30
C LYS B 88 47.97 11.92 9.07
N PRO B 89 47.73 11.22 7.95
CA PRO B 89 47.30 11.96 6.75
C PRO B 89 46.02 12.77 6.96
N ASP B 90 45.93 13.95 6.37
CA ASP B 90 44.62 14.62 6.23
C ASP B 90 43.67 13.81 5.38
N VAL B 91 42.40 13.72 5.79
CA VAL B 91 41.40 13.00 5.05
C VAL B 91 40.41 13.99 4.49
N SER B 92 40.53 14.25 3.19
CA SER B 92 39.62 15.16 2.54
C SER B 92 38.34 14.40 2.22
N THR B 93 37.19 15.06 2.33
CA THR B 93 35.91 14.38 2.07
C THR B 93 35.17 14.99 0.90
N ILE B 94 34.50 14.13 0.12
CA ILE B 94 33.81 14.60 -1.08
C ILE B 94 32.47 13.89 -1.17
N CYS B 95 31.38 14.65 -1.02
CA CYS B 95 30.04 14.08 -1.13
C CYS B 95 29.66 13.91 -2.58
N ILE B 96 29.31 12.69 -3.00
CA ILE B 96 28.94 12.45 -4.39
C ILE B 96 27.56 11.86 -4.56
N GLY B 97 26.57 12.47 -3.90
CA GLY B 97 25.18 12.08 -4.04
C GLY B 97 24.36 12.39 -2.79
N LEU B 98 24.64 11.69 -1.72
CA LEU B 98 23.87 11.82 -0.50
C LEU B 98 24.84 11.66 0.66
N ALA B 99 24.65 12.44 1.71
CA ALA B 99 25.30 12.17 2.99
C ALA B 99 24.29 12.52 4.07
N ALA B 100 23.68 11.48 4.63
CA ALA B 100 22.66 11.64 5.66
C ALA B 100 23.09 10.83 6.88
N SER B 101 22.57 11.17 8.05
CA SER B 101 22.82 10.37 9.23
C SER B 101 24.36 10.29 9.42
N MSE B 102 24.91 9.11 9.70
CA MSE B 102 26.37 9.00 9.85
C MSE B 102 27.12 9.48 8.59
O MSE B 102 28.29 9.91 8.68
CB MSE B 102 26.79 7.56 10.24
CG MSE B 102 26.39 7.16 11.65
SE MSE B 102 27.19 8.35 13.01
CE MSE B 102 28.99 8.35 12.31
N GLY B 103 26.44 9.45 7.44
CA GLY B 103 27.01 10.01 6.20
C GLY B 103 27.45 11.47 6.36
N SER B 104 26.55 12.31 6.85
CA SER B 104 26.87 13.73 6.97
C SER B 104 27.94 13.95 8.04
N LEU B 105 27.96 13.08 9.02
CA LEU B 105 28.88 13.28 10.12
C LEU B 105 30.31 12.98 9.65
N LEU B 106 30.48 11.89 8.90
CA LEU B 106 31.77 11.58 8.27
C LEU B 106 32.25 12.68 7.32
N LEU B 107 31.34 13.19 6.49
CA LEU B 107 31.63 14.25 5.54
C LEU B 107 32.14 15.45 6.31
N ALA B 108 31.41 15.83 7.34
CA ALA B 108 31.69 17.06 8.08
C ALA B 108 32.94 16.87 8.94
N GLY B 109 33.33 15.63 9.16
CA GLY B 109 34.51 15.36 9.95
C GLY B 109 35.79 15.23 9.15
N GLY B 110 35.73 15.56 7.86
CA GLY B 110 36.92 15.58 7.05
C GLY B 110 37.90 16.63 7.54
N ALA B 111 39.12 16.60 6.99
CA ALA B 111 40.13 17.60 7.31
C ALA B 111 39.65 19.03 7.06
N LYS B 112 39.96 19.91 8.02
CA LYS B 112 39.57 21.31 7.97
C LYS B 112 39.99 21.95 6.64
N GLY B 113 39.02 22.57 5.99
CA GLY B 113 39.27 23.26 4.72
C GLY B 113 39.29 22.35 3.49
N LYS B 114 39.11 21.05 3.70
CA LYS B 114 39.20 20.09 2.61
C LYS B 114 37.96 19.21 2.57
N ARG B 115 36.81 19.80 2.88
CA ARG B 115 35.56 19.08 2.84
C ARG B 115 34.79 19.62 1.63
N TYR B 116 34.36 18.73 0.73
CA TYR B 116 33.77 19.13 -0.52
C TYR B 116 32.47 18.43 -0.79
N SER B 117 31.68 19.01 -1.69
CA SER B 117 30.54 18.34 -2.27
C SER B 117 30.43 18.70 -3.75
N LEU B 118 29.94 17.77 -4.54
CA LEU B 118 29.58 18.07 -5.93
C LEU B 118 28.31 18.90 -5.88
N PRO B 119 27.94 19.58 -6.98
CA PRO B 119 26.86 20.57 -6.83
C PRO B 119 25.48 20.06 -6.49
N SER B 120 25.14 18.82 -6.88
CA SER B 120 23.75 18.35 -6.76
C SER B 120 23.56 17.42 -5.57
N SER B 121 24.58 17.23 -4.75
CA SER B 121 24.44 16.31 -3.63
C SER B 121 23.36 16.78 -2.67
N GLN B 122 22.89 15.85 -1.84
CA GLN B 122 22.01 16.13 -0.73
C GLN B 122 22.63 15.69 0.58
N ILE B 123 22.56 16.59 1.56
CA ILE B 123 23.11 16.37 2.87
C ILE B 123 21.99 16.46 3.89
N MSE B 124 21.97 15.52 4.83
CA MSE B 124 20.86 15.46 5.76
C MSE B 124 21.41 15.18 7.16
O MSE B 124 22.28 14.32 7.35
CB MSE B 124 19.83 14.42 5.31
CG MSE B 124 18.54 14.40 6.12
SE MSE B 124 18.67 13.20 7.70
CE MSE B 124 17.63 11.74 6.92
N ILE B 125 20.96 15.95 8.14
CA ILE B 125 21.28 15.67 9.54
C ILE B 125 20.01 15.37 10.34
N HIS B 126 20.18 14.58 11.39
CA HIS B 126 19.08 14.31 12.31
C HIS B 126 19.59 13.60 13.57
N GLN B 127 18.70 13.30 14.49
CA GLN B 127 19.06 12.63 15.75
C GLN B 127 19.12 11.10 15.61
N PRO B 128 19.70 10.43 16.63
CA PRO B 128 19.79 8.96 16.60
C PRO B 128 18.45 8.21 16.66
N LEU B 129 18.42 7.09 15.97
CA LEU B 129 17.27 6.20 16.08
C LEU B 129 17.72 4.92 16.76
N GLY B 130 16.81 4.30 17.50
CA GLY B 130 17.10 3.10 18.23
C GLY B 130 15.90 2.39 18.81
N GLY B 131 16.13 1.60 19.83
CA GLY B 131 15.00 1.01 20.52
C GLY B 131 15.31 -0.33 21.13
N PHE B 132 14.64 -0.59 22.24
CA PHE B 132 14.83 -1.80 22.97
C PHE B 132 13.45 -2.21 23.44
N ARG B 133 13.18 -3.50 23.44
CA ARG B 133 12.01 -4.04 24.12
C ARG B 133 12.59 -4.77 25.31
N GLY B 134 11.93 -4.66 26.44
CA GLY B 134 12.29 -5.44 27.60
C GLY B 134 11.75 -4.80 28.86
N GLN B 135 12.37 -5.16 29.99
CA GLN B 135 12.04 -4.60 31.30
C GLN B 135 12.23 -3.06 31.36
N ALA B 136 11.38 -2.40 32.13
CA ALA B 136 11.48 -0.97 32.40
C ALA B 136 12.94 -0.59 32.71
N SER B 137 13.57 -1.33 33.65
CA SER B 137 14.97 -1.10 34.04
C SER B 137 15.89 -1.05 32.84
N ASP B 138 15.78 -2.04 31.97
CA ASP B 138 16.63 -2.07 30.77
C ASP B 138 16.33 -0.97 29.76
N ILE B 139 15.04 -0.64 29.63
CA ILE B 139 14.65 0.50 28.79
C ILE B 139 15.29 1.80 29.32
N GLU B 140 15.27 2.00 30.64
CA GLU B 140 15.93 3.15 31.26
C GLU B 140 17.41 3.19 30.84
N ILE B 141 18.10 2.07 31.01
CA ILE B 141 19.52 2.05 30.68
C ILE B 141 19.76 2.42 29.22
N HIS B 142 18.98 1.84 28.33
CA HIS B 142 19.22 2.12 26.91
C HIS B 142 18.76 3.54 26.52
N ALA B 143 17.66 3.99 27.11
CA ALA B 143 17.23 5.37 26.89
C ALA B 143 18.33 6.37 27.37
N LYS B 144 18.89 6.20 28.58
CA LYS B 144 19.96 7.11 29.01
C LYS B 144 21.13 7.11 28.02
N ASN B 145 21.61 5.91 27.67
CA ASN B 145 22.72 5.79 26.76
C ASN B 145 22.45 6.42 25.40
N ILE B 146 21.23 6.26 24.86
CA ILE B 146 20.96 6.83 23.55
C ILE B 146 20.92 8.34 23.68
N LEU B 147 20.51 8.85 24.83
CA LEU B 147 20.57 10.29 25.08
C LEU B 147 22.01 10.82 25.16
N ARG B 148 22.91 10.09 25.79
CA ARG B 148 24.32 10.49 25.77
C ARG B 148 24.86 10.53 24.34
N ILE B 149 24.54 9.49 23.57
CA ILE B 149 25.09 9.37 22.23
C ILE B 149 24.60 10.56 21.40
N LYS B 150 23.31 10.86 21.53
CA LYS B 150 22.71 11.98 20.80
C LYS B 150 23.48 13.31 21.09
N ASP B 151 23.78 13.54 22.36
CA ASP B 151 24.44 14.77 22.80
C ASP B 151 25.87 14.83 22.24
N ARG B 152 26.53 13.69 22.25
CA ARG B 152 27.88 13.62 21.73
C ARG B 152 28.00 13.76 20.20
N LEU B 153 27.02 13.24 19.45
CA LEU B 153 26.98 13.45 18.00
C LEU B 153 26.77 14.92 17.71
N ASN B 154 25.88 15.52 18.50
CA ASN B 154 25.60 16.95 18.37
C ASN B 154 26.88 17.75 18.61
N LYS B 155 27.68 17.34 19.60
CA LYS B 155 28.91 18.06 19.91
C LYS B 155 30.00 17.90 18.82
N VAL B 156 29.98 16.76 18.12
CA VAL B 156 30.91 16.56 17.01
C VAL B 156 30.49 17.44 15.86
N LEU B 157 29.19 17.53 15.60
CA LEU B 157 28.71 18.45 14.57
C LEU B 157 28.99 19.93 14.88
N ALA B 158 28.71 20.36 16.12
CA ALA B 158 29.00 21.75 16.52
C ALA B 158 30.48 22.10 16.32
N HIS B 159 31.38 21.27 16.84
CA HIS B 159 32.80 21.41 16.61
C HIS B 159 33.19 21.61 15.11
N HIS B 160 32.75 20.70 14.25
CA HIS B 160 33.11 20.76 12.82
C HIS B 160 32.43 21.86 12.02
N THR B 161 31.20 22.21 12.38
CA THR B 161 30.50 23.27 11.67
C THR B 161 30.80 24.65 12.21
N GLY B 162 31.22 24.75 13.47
CA GLY B 162 31.29 26.05 14.12
C GLY B 162 29.93 26.60 14.57
N GLN B 163 28.85 25.86 14.37
CA GLN B 163 27.54 26.25 14.95
C GLN B 163 27.54 26.07 16.48
N ASP B 164 26.66 26.80 17.15
CA ASP B 164 26.37 26.57 18.56
C ASP B 164 25.79 25.18 18.75
N LEU B 165 26.03 24.60 19.93
CA LEU B 165 25.43 23.34 20.29
C LEU B 165 23.90 23.40 20.14
N GLU B 166 23.29 24.49 20.64
CA GLU B 166 21.84 24.61 20.68
C GLU B 166 21.31 24.62 19.26
N THR B 167 22.05 25.25 18.38
CA THR B 167 21.65 25.33 16.99
C THR B 167 21.65 23.94 16.40
N ILE B 168 22.69 23.17 16.72
CA ILE B 168 22.78 21.80 16.25
C ILE B 168 21.62 20.97 16.80
N VAL B 169 21.35 21.12 18.10
CA VAL B 169 20.24 20.42 18.73
C VAL B 169 18.94 20.76 17.99
N LYS B 170 18.66 22.05 17.85
CA LYS B 170 17.42 22.45 17.22
C LYS B 170 17.31 21.87 15.82
N ASP B 171 18.41 21.88 15.06
CA ASP B 171 18.35 21.54 13.63
C ASP B 171 18.38 20.05 13.33
N THR B 172 18.55 19.23 14.35
CA THR B 172 18.62 17.78 14.12
C THR B 172 17.41 17.10 14.73
N ASP B 173 16.50 17.88 15.29
CA ASP B 173 15.34 17.31 15.95
C ASP B 173 14.56 16.42 14.99
N ARG B 174 14.44 16.86 13.75
CA ARG B 174 13.83 16.04 12.71
C ARG B 174 14.75 16.05 11.48
N ASP B 175 14.40 15.22 10.50
CA ASP B 175 15.16 15.12 9.25
C ASP B 175 15.33 16.51 8.65
N ASN B 176 16.57 16.94 8.54
CA ASN B 176 16.89 18.22 7.97
C ASN B 176 17.75 18.10 6.70
N PHE B 177 17.14 18.38 5.54
CA PHE B 177 17.73 18.23 4.21
C PHE B 177 18.29 19.55 3.67
N MSE B 178 19.55 19.53 3.22
CA MSE B 178 20.19 20.69 2.61
C MSE B 178 20.83 20.35 1.28
O MSE B 178 21.36 19.25 1.10
CB MSE B 178 21.29 21.25 3.52
CG MSE B 178 20.86 21.41 4.94
SE MSE B 178 22.29 22.17 5.98
CE MSE B 178 21.90 21.42 7.75
N MSE B 179 20.75 21.30 0.34
CA MSE B 179 21.50 21.26 -0.91
C MSE B 179 22.96 21.56 -0.59
O MSE B 179 23.28 22.01 0.51
CB MSE B 179 20.95 22.30 -1.92
CG MSE B 179 19.46 22.10 -2.25
SE MSE B 179 18.99 20.25 -2.83
CE MSE B 179 18.24 19.52 -1.16
N ALA B 180 23.84 21.33 -1.56
CA ALA B 180 25.27 21.46 -1.34
C ALA B 180 25.66 22.87 -0.84
N ASP B 181 25.07 23.88 -1.44
CA ASP B 181 25.40 25.27 -1.12
C ASP B 181 24.93 25.65 0.29
N GLU B 182 23.86 25.01 0.77
CA GLU B 182 23.31 25.30 2.09
C GLU B 182 24.15 24.64 3.16
N ALA B 183 24.71 23.49 2.81
CA ALA B 183 25.55 22.75 3.75
C ALA B 183 26.89 23.47 3.92
N LYS B 184 27.34 24.11 2.86
CA LYS B 184 28.58 24.86 2.95
C LYS B 184 28.34 26.09 3.80
N ALA B 185 27.17 26.70 3.68
CA ALA B 185 26.90 27.85 4.53
C ALA B 185 26.67 27.44 6.01
N TYR B 186 26.19 26.24 6.24
CA TYR B 186 26.00 25.71 7.60
C TYR B 186 27.35 25.28 8.23
N GLY B 187 28.35 25.00 7.39
CA GLY B 187 29.68 24.63 7.88
C GLY B 187 29.92 23.14 7.83
N LEU B 188 28.96 22.42 7.24
CA LEU B 188 29.12 20.98 7.06
C LEU B 188 30.20 20.65 6.04
N ILE B 189 30.46 21.56 5.11
CA ILE B 189 31.54 21.39 4.17
C ILE B 189 32.18 22.73 3.93
N ASP B 190 33.30 22.72 3.20
CA ASP B 190 34.03 23.98 2.93
C ASP B 190 33.83 24.53 1.52
N HIS B 191 33.66 23.63 0.56
CA HIS B 191 33.57 24.03 -0.86
C HIS B 191 32.58 23.18 -1.64
N VAL B 192 31.84 23.86 -2.50
CA VAL B 192 31.10 23.20 -3.55
C VAL B 192 31.93 23.30 -4.80
N ILE B 193 32.22 22.16 -5.40
CA ILE B 193 33.05 22.12 -6.61
C ILE B 193 32.27 21.57 -7.82
N GLU B 194 32.32 22.30 -8.92
CA GLU B 194 31.55 21.93 -10.09
C GLU B 194 32.44 21.42 -11.20
N SER B 195 33.67 21.91 -11.21
CA SER B 195 34.58 21.56 -12.26
C SER B 195 35.99 21.42 -11.72
N ARG B 196 36.66 20.37 -12.16
CA ARG B 196 38.07 20.13 -11.84
C ARG B 196 38.93 21.41 -12.01
N GLU B 197 38.56 22.26 -12.96
CA GLU B 197 39.31 23.48 -13.24
C GLU B 197 38.93 24.68 -12.34
N VAL C 7 30.11 -13.49 -18.41
CA VAL C 7 31.12 -12.44 -18.60
C VAL C 7 32.38 -12.95 -19.31
N PRO C 8 32.40 -12.88 -20.65
CA PRO C 8 33.53 -13.51 -21.35
C PRO C 8 34.93 -12.91 -21.02
N THR C 9 35.95 -13.75 -21.08
CA THR C 9 37.36 -13.33 -20.98
C THR C 9 37.98 -12.93 -22.36
N VAL C 10 38.69 -11.80 -22.43
CA VAL C 10 39.48 -11.49 -23.63
C VAL C 10 40.83 -10.87 -23.27
N PHE C 21 41.04 -10.71 -18.64
CA PHE C 21 39.97 -9.88 -18.11
C PHE C 21 38.67 -9.94 -18.94
N ASP C 22 37.57 -9.59 -18.32
CA ASP C 22 36.25 -9.68 -18.94
C ASP C 22 36.07 -8.71 -20.11
N ILE C 23 34.93 -8.84 -20.78
CA ILE C 23 34.64 -8.05 -21.98
C ILE C 23 34.49 -6.57 -21.61
N TYR C 24 33.98 -6.28 -20.42
CA TYR C 24 33.75 -4.89 -20.05
C TYR C 24 35.04 -4.16 -19.74
N SER C 25 36.04 -4.88 -19.27
CA SER C 25 37.33 -4.28 -18.99
C SER C 25 38.08 -4.06 -20.31
N ARG C 26 37.90 -4.98 -21.24
CA ARG C 26 38.52 -4.77 -22.54
C ARG C 26 37.98 -3.47 -23.14
N LEU C 27 36.67 -3.26 -23.08
CA LEU C 27 36.08 -2.03 -23.60
C LEU C 27 36.46 -0.80 -22.77
N LEU C 28 36.70 -0.98 -21.48
CA LEU C 28 37.06 0.15 -20.65
C LEU C 28 38.40 0.69 -21.12
N LYS C 29 39.23 -0.18 -21.67
CA LYS C 29 40.56 0.19 -22.18
C LYS C 29 40.45 1.09 -23.44
N GLU C 30 39.27 1.07 -24.06
CA GLU C 30 38.98 1.95 -25.18
C GLU C 30 38.06 3.11 -24.78
N ARG C 31 38.10 3.47 -23.49
CA ARG C 31 37.28 4.55 -22.92
C ARG C 31 35.76 4.40 -23.07
N ILE C 32 35.29 3.15 -23.08
CA ILE C 32 33.86 2.82 -23.09
C ILE C 32 33.32 2.38 -21.70
N VAL C 33 32.30 3.10 -21.22
CA VAL C 33 31.61 2.79 -19.96
C VAL C 33 30.10 2.53 -20.19
N PHE C 34 29.56 1.53 -19.50
CA PHE C 34 28.13 1.16 -19.55
C PHE C 34 27.34 1.44 -18.28
N LEU C 35 26.17 2.05 -18.41
CA LEU C 35 25.18 1.98 -17.37
C LEU C 35 24.03 1.13 -17.92
N ASN C 36 23.87 -0.05 -17.35
CA ASN C 36 22.91 -1.05 -17.78
C ASN C 36 22.04 -1.52 -16.61
N GLY C 37 20.73 -1.31 -16.68
CA GLY C 37 19.85 -1.73 -15.61
C GLY C 37 19.63 -0.56 -14.67
N GLU C 38 19.04 -0.82 -13.51
CA GLU C 38 18.63 0.26 -12.64
C GLU C 38 19.78 1.10 -12.07
N VAL C 39 19.50 2.37 -11.77
CA VAL C 39 20.42 3.19 -10.99
C VAL C 39 20.19 2.96 -9.51
N ASN C 40 21.24 2.47 -8.85
CA ASN C 40 21.29 2.38 -7.40
C ASN C 40 22.71 2.75 -6.97
N ASP C 41 22.94 2.80 -5.67
CA ASP C 41 24.22 3.25 -5.14
C ASP C 41 25.35 2.42 -5.72
N HIS C 42 25.13 1.10 -5.84
CA HIS C 42 26.16 0.23 -6.41
C HIS C 42 26.46 0.53 -7.88
N SER C 43 25.42 0.59 -8.73
CA SER C 43 25.68 0.70 -10.18
C SER C 43 26.20 2.09 -10.52
N ALA C 44 25.74 3.07 -9.75
CA ALA C 44 26.15 4.46 -9.95
C ALA C 44 27.61 4.66 -9.51
N ASN C 45 27.96 4.11 -8.36
CA ASN C 45 29.33 4.24 -7.89
C ASN C 45 30.34 3.59 -8.86
N LEU C 46 30.03 2.39 -9.34
CA LEU C 46 30.84 1.74 -10.36
C LEU C 46 31.18 2.65 -11.53
N VAL C 47 30.19 3.43 -11.96
CA VAL C 47 30.35 4.26 -13.13
C VAL C 47 31.26 5.41 -12.75
N ILE C 48 31.03 5.94 -11.55
CA ILE C 48 31.82 7.07 -11.12
C ILE C 48 33.28 6.62 -11.04
N ALA C 49 33.52 5.40 -10.56
CA ALA C 49 34.88 4.89 -10.46
C ALA C 49 35.52 4.79 -11.83
N GLN C 50 34.75 4.34 -12.81
CA GLN C 50 35.25 4.28 -14.19
C GLN C 50 35.53 5.66 -14.79
N LEU C 51 34.65 6.63 -14.54
CA LEU C 51 34.92 8.01 -14.97
C LEU C 51 36.17 8.64 -14.30
N LEU C 52 36.32 8.49 -13.00
CA LEU C 52 37.51 9.08 -12.36
C LEU C 52 38.76 8.43 -12.93
N PHE C 53 38.70 7.12 -13.12
CA PHE C 53 39.81 6.34 -13.67
C PHE C 53 40.18 6.75 -15.09
N LEU C 54 39.19 7.00 -15.95
CA LEU C 54 39.52 7.38 -17.33
C LEU C 54 40.16 8.76 -17.37
N GLU C 55 39.58 9.71 -16.63
CA GLU C 55 40.18 11.02 -16.43
C GLU C 55 41.64 10.91 -16.03
N SER C 56 41.92 10.01 -15.08
CA SER C 56 43.28 9.81 -14.57
C SER C 56 44.26 9.27 -15.61
N GLU C 57 43.79 8.36 -16.46
CA GLU C 57 44.60 7.83 -17.54
C GLU C 57 44.90 8.84 -18.62
N ASP C 58 43.89 9.59 -19.03
CA ASP C 58 44.04 10.62 -20.03
C ASP C 58 42.96 11.65 -19.81
N PRO C 59 43.34 12.84 -19.40
CA PRO C 59 42.37 13.88 -19.08
C PRO C 59 41.79 14.62 -20.27
N ASP C 60 42.29 14.40 -21.47
CA ASP C 60 41.77 15.14 -22.61
C ASP C 60 40.90 14.32 -23.57
N LYS C 61 41.12 13.01 -23.64
CA LYS C 61 40.33 12.17 -24.55
C LYS C 61 38.84 11.99 -24.14
N ASP C 62 37.95 12.13 -25.12
CA ASP C 62 36.51 11.85 -24.96
C ASP C 62 36.22 10.53 -24.24
N ILE C 63 35.08 10.47 -23.56
CA ILE C 63 34.64 9.23 -22.93
C ILE C 63 33.31 8.79 -23.56
N TYR C 64 33.12 7.49 -23.73
CA TYR C 64 31.90 7.00 -24.34
C TYR C 64 31.00 6.24 -23.35
N PHE C 65 29.91 6.89 -22.92
CA PHE C 65 29.00 6.39 -21.90
C PHE C 65 27.69 5.82 -22.53
N TYR C 66 27.61 4.50 -22.60
CA TYR C 66 26.44 3.81 -23.14
C TYR C 66 25.39 3.56 -22.03
N ILE C 67 24.16 4.00 -22.27
CA ILE C 67 23.10 3.96 -21.28
C ILE C 67 21.92 3.07 -21.72
N ASN C 68 21.60 2.07 -20.91
CA ASN C 68 20.35 1.33 -21.08
C ASN C 68 19.79 1.10 -19.69
N SER C 69 18.89 1.98 -19.28
CA SER C 69 18.47 2.05 -17.89
C SER C 69 17.07 2.64 -17.73
N PRO C 70 16.25 1.99 -16.88
CA PRO C 70 14.92 2.40 -16.46
C PRO C 70 15.05 3.45 -15.37
N GLY C 71 16.28 3.78 -14.99
CA GLY C 71 16.53 4.79 -13.98
C GLY C 71 16.58 4.23 -12.58
N GLY C 72 16.19 5.01 -11.59
CA GLY C 72 16.24 4.52 -10.22
C GLY C 72 16.50 5.62 -9.21
N MSE C 73 17.47 5.41 -8.33
CA MSE C 73 17.60 6.30 -7.18
C MSE C 73 18.10 7.66 -7.64
O MSE C 73 19.12 7.78 -8.37
CB MSE C 73 18.48 5.65 -6.12
CG MSE C 73 18.38 6.25 -4.73
SE MSE C 73 19.63 5.32 -3.55
CE MSE C 73 19.25 3.48 -4.15
N VAL C 74 17.40 8.72 -7.26
CA VAL C 74 17.81 10.05 -7.68
C VAL C 74 19.20 10.45 -7.18
N THR C 75 19.47 10.24 -5.88
CA THR C 75 20.74 10.70 -5.32
C THR C 75 21.95 10.01 -5.94
N ALA C 76 21.84 8.69 -6.13
CA ALA C 76 22.89 7.92 -6.76
C ALA C 76 23.12 8.43 -8.17
N GLY C 77 22.02 8.70 -8.89
CA GLY C 77 22.11 9.23 -10.26
C GLY C 77 22.73 10.64 -10.34
N MSE C 78 22.37 11.51 -9.41
CA MSE C 78 22.88 12.87 -9.42
C MSE C 78 24.38 12.90 -9.17
O MSE C 78 25.06 13.82 -9.61
CB MSE C 78 22.13 13.78 -8.43
CG MSE C 78 20.71 14.16 -8.92
SE MSE C 78 20.62 14.70 -10.81
CE MSE C 78 21.43 16.47 -10.70
N GLY C 79 24.91 11.89 -8.48
CA GLY C 79 26.34 11.77 -8.28
C GLY C 79 27.03 11.47 -9.61
N VAL C 80 26.40 10.62 -10.42
CA VAL C 80 26.93 10.27 -11.72
C VAL C 80 26.84 11.48 -12.58
N TYR C 81 25.70 12.15 -12.56
CA TYR C 81 25.52 13.35 -13.39
C TYR C 81 26.63 14.38 -13.07
N ASP C 82 26.86 14.62 -11.79
CA ASP C 82 27.82 15.67 -11.37
C ASP C 82 29.25 15.33 -11.77
N THR C 83 29.56 14.05 -11.71
CA THR C 83 30.91 13.59 -11.97
C THR C 83 31.17 13.86 -13.44
N MSE C 84 30.22 13.45 -14.29
CA MSE C 84 30.20 13.79 -15.70
C MSE C 84 30.52 15.24 -15.98
O MSE C 84 31.29 15.53 -16.86
CB MSE C 84 28.84 13.46 -16.34
CG MSE C 84 28.60 11.99 -16.54
SE MSE C 84 26.77 11.67 -17.06
CE MSE C 84 26.88 12.34 -18.94
N GLN C 85 29.93 16.16 -15.23
CA GLN C 85 30.26 17.57 -15.51
C GLN C 85 31.63 17.95 -14.92
N PHE C 86 32.02 17.26 -13.87
CA PHE C 86 33.19 17.69 -13.08
C PHE C 86 34.49 17.34 -13.81
N ILE C 87 34.58 16.13 -14.35
CA ILE C 87 35.83 15.68 -14.96
C ILE C 87 36.17 16.46 -16.22
N LYS C 88 37.45 16.51 -16.55
CA LYS C 88 37.90 17.26 -17.73
C LYS C 88 37.37 16.65 -19.03
N PRO C 89 37.51 15.32 -19.21
CA PRO C 89 37.05 14.72 -20.47
C PRO C 89 35.59 15.02 -20.77
N ASP C 90 35.27 15.11 -22.07
CA ASP C 90 33.89 15.19 -22.53
C ASP C 90 33.27 13.81 -22.38
N VAL C 91 32.12 13.75 -21.72
CA VAL C 91 31.41 12.50 -21.62
C VAL C 91 30.28 12.46 -22.66
N SER C 92 30.58 11.78 -23.74
CA SER C 92 29.63 11.54 -24.80
C SER C 92 28.69 10.42 -24.38
N THR C 93 27.38 10.63 -24.55
CA THR C 93 26.41 9.62 -24.11
C THR C 93 25.68 8.97 -25.28
N ILE C 94 25.36 7.69 -25.13
CA ILE C 94 24.66 6.96 -26.21
C ILE C 94 23.56 6.07 -25.63
N CYS C 95 22.33 6.28 -26.08
CA CYS C 95 21.25 5.43 -25.62
C CYS C 95 21.17 4.17 -26.47
N ILE C 96 21.13 3.03 -25.81
CA ILE C 96 21.04 1.76 -26.50
C ILE C 96 19.94 0.90 -25.91
N GLY C 97 18.70 1.30 -26.12
CA GLY C 97 17.57 0.54 -25.64
C GLY C 97 16.59 1.40 -24.89
N LEU C 98 16.91 1.74 -23.66
CA LEU C 98 16.03 2.58 -22.88
C LEU C 98 16.79 3.60 -22.06
N ALA C 99 16.25 4.80 -22.00
CA ALA C 99 16.71 5.80 -21.02
C ALA C 99 15.48 6.44 -20.41
N ALA C 100 15.12 5.98 -19.21
CA ALA C 100 13.94 6.46 -18.49
C ALA C 100 14.32 7.00 -17.14
N SER C 101 13.54 7.92 -16.58
CA SER C 101 13.81 8.44 -15.22
C SER C 101 15.26 8.95 -15.22
N MSE C 102 16.05 8.57 -14.22
CA MSE C 102 17.45 9.00 -14.14
C MSE C 102 18.26 8.64 -15.40
O MSE C 102 19.27 9.29 -15.69
CB MSE C 102 18.11 8.43 -12.89
CG MSE C 102 17.63 9.13 -11.60
SE MSE C 102 17.81 11.10 -11.59
CE MSE C 102 19.72 11.17 -12.00
N GLY C 103 17.83 7.61 -16.12
CA GLY C 103 18.45 7.23 -17.38
C GLY C 103 18.45 8.35 -18.39
N SER C 104 17.32 9.04 -18.55
CA SER C 104 17.21 10.14 -19.52
C SER C 104 17.89 11.41 -19.01
N LEU C 105 18.03 11.52 -17.70
CA LEU C 105 18.77 12.63 -17.15
C LEU C 105 20.28 12.51 -17.43
N LEU C 106 20.84 11.31 -17.22
CA LEU C 106 22.23 11.07 -17.55
C LEU C 106 22.49 11.20 -19.08
N LEU C 107 21.58 10.67 -19.90
CA LEU C 107 21.74 10.75 -21.33
C LEU C 107 21.76 12.22 -21.75
N ALA C 108 20.81 12.99 -21.23
CA ALA C 108 20.65 14.42 -21.57
C ALA C 108 21.80 15.30 -21.05
N GLY C 109 22.43 14.87 -19.96
CA GLY C 109 23.53 15.60 -19.34
C GLY C 109 24.87 15.38 -20.00
N GLY C 110 24.90 14.56 -21.04
CA GLY C 110 26.12 14.34 -21.79
C GLY C 110 26.68 15.63 -22.38
N ALA C 111 27.95 15.58 -22.78
CA ALA C 111 28.64 16.71 -23.41
C ALA C 111 27.86 17.35 -24.56
N LYS C 112 27.75 18.68 -24.54
CA LYS C 112 27.08 19.43 -25.60
C LYS C 112 27.46 18.92 -27.00
N GLY C 113 26.46 18.66 -27.83
CA GLY C 113 26.70 18.22 -29.19
C GLY C 113 27.13 16.76 -29.32
N LYS C 114 27.21 16.05 -28.21
CA LYS C 114 27.69 14.67 -28.26
C LYS C 114 26.77 13.66 -27.56
N ARG C 115 25.48 13.97 -27.55
CA ARG C 115 24.48 13.05 -27.01
C ARG C 115 23.81 12.28 -28.17
N TYR C 116 23.89 10.96 -28.13
CA TYR C 116 23.44 10.12 -29.22
C TYR C 116 22.39 9.09 -28.81
N SER C 117 21.72 8.53 -29.81
CA SER C 117 20.81 7.43 -29.59
C SER C 117 20.75 6.53 -30.81
N LEU C 118 20.83 5.21 -30.59
CA LEU C 118 20.45 4.27 -31.65
C LEU C 118 18.97 4.51 -31.98
N PRO C 119 18.54 4.14 -33.21
CA PRO C 119 17.23 4.60 -33.66
C PRO C 119 16.02 3.99 -32.96
N SER C 120 16.09 2.77 -32.43
CA SER C 120 14.90 2.15 -31.85
C SER C 120 14.71 2.42 -30.34
N SER C 121 15.65 3.15 -29.74
CA SER C 121 15.60 3.44 -28.31
C SER C 121 14.32 4.16 -27.85
N GLN C 122 13.90 3.87 -26.63
CA GLN C 122 12.88 4.68 -25.97
C GLN C 122 13.47 5.58 -24.89
N ILE C 123 12.99 6.82 -24.86
CA ILE C 123 13.43 7.83 -23.89
C ILE C 123 12.19 8.32 -23.14
N MSE C 124 12.24 8.27 -21.82
CA MSE C 124 11.07 8.58 -21.02
C MSE C 124 11.49 9.57 -19.95
O MSE C 124 12.50 9.38 -19.29
CB MSE C 124 10.46 7.29 -20.43
CG MSE C 124 9.15 7.44 -19.66
SE MSE C 124 9.36 7.80 -17.70
CE MSE C 124 8.94 6.01 -17.04
N ILE C 125 10.72 10.65 -19.80
CA ILE C 125 10.92 11.58 -18.69
C ILE C 125 9.67 11.62 -17.81
N HIS C 126 9.86 12.02 -16.56
CA HIS C 126 8.74 12.06 -15.60
C HIS C 126 9.20 12.60 -14.26
N GLN C 127 8.26 12.81 -13.35
CA GLN C 127 8.60 13.37 -12.05
C GLN C 127 9.05 12.30 -11.05
N PRO C 128 9.71 12.73 -9.96
CA PRO C 128 10.22 11.85 -8.90
C PRO C 128 9.13 11.03 -8.20
N LEU C 129 9.50 9.83 -7.77
CA LEU C 129 8.59 8.99 -6.97
C LEU C 129 9.25 8.83 -5.61
N GLY C 130 8.43 8.76 -4.57
CA GLY C 130 8.96 8.60 -3.23
C GLY C 130 7.88 8.32 -2.21
N GLY C 131 8.10 8.82 -1.01
CA GLY C 131 7.09 8.71 0.02
C GLY C 131 7.61 8.24 1.35
N PHE C 132 6.91 8.66 2.40
CA PHE C 132 7.29 8.44 3.77
C PHE C 132 6.06 8.00 4.55
N ARG C 133 6.24 7.14 5.54
CA ARG C 133 5.18 6.86 6.48
C ARG C 133 5.61 7.45 7.80
N GLY C 134 4.69 8.10 8.51
CA GLY C 134 5.00 8.63 9.83
C GLY C 134 4.11 9.77 10.27
N GLN C 135 4.58 10.54 11.25
CA GLN C 135 3.87 11.74 11.70
C GLN C 135 3.75 12.77 10.57
N ALA C 136 2.71 13.60 10.63
CA ALA C 136 2.47 14.65 9.64
C ALA C 136 3.71 15.58 9.48
N SER C 137 4.31 15.95 10.62
CA SER C 137 5.51 16.81 10.64
C SER C 137 6.60 16.22 9.75
N ASP C 138 6.78 14.90 9.82
CA ASP C 138 7.83 14.24 9.04
C ASP C 138 7.42 14.11 7.59
N ILE C 139 6.13 13.94 7.35
CA ILE C 139 5.63 13.82 5.98
C ILE C 139 5.78 15.18 5.30
N GLU C 140 5.50 16.22 6.06
CA GLU C 140 5.63 17.58 5.53
C GLU C 140 7.08 17.83 5.10
N ILE C 141 8.04 17.47 5.97
CA ILE C 141 9.46 17.66 5.67
C ILE C 141 9.91 16.93 4.39
N HIS C 142 9.52 15.66 4.27
CA HIS C 142 9.86 14.84 3.10
C HIS C 142 9.09 15.30 1.87
N ALA C 143 7.85 15.76 2.07
CA ALA C 143 7.11 16.35 0.94
C ALA C 143 7.86 17.56 0.38
N LYS C 144 8.30 18.45 1.26
CA LYS C 144 8.98 19.65 0.79
C LYS C 144 10.28 19.32 0.04
N ASN C 145 11.01 18.35 0.56
CA ASN C 145 12.26 17.97 -0.07
C ASN C 145 12.08 17.40 -1.46
N ILE C 146 11.16 16.47 -1.61
CA ILE C 146 10.95 15.88 -2.92
C ILE C 146 10.45 16.95 -3.91
N LEU C 147 9.70 17.93 -3.40
CA LEU C 147 9.27 19.05 -4.23
C LEU C 147 10.44 19.89 -4.72
N ARG C 148 11.43 20.12 -3.86
CA ARG C 148 12.67 20.78 -4.27
C ARG C 148 13.41 19.97 -5.33
N ILE C 149 13.50 18.67 -5.11
CA ILE C 149 14.21 17.78 -6.00
C ILE C 149 13.53 17.74 -7.35
N LYS C 150 12.21 17.63 -7.33
CA LYS C 150 11.39 17.75 -8.53
C LYS C 150 11.82 18.98 -9.38
N ASP C 151 11.89 20.12 -8.71
CA ASP C 151 12.24 21.39 -9.33
C ASP C 151 13.63 21.42 -9.91
N ARG C 152 14.63 21.05 -9.11
CA ARG C 152 16.00 20.97 -9.60
C ARG C 152 16.19 20.02 -10.79
N LEU C 153 15.58 18.83 -10.71
CA LEU C 153 15.56 17.92 -11.85
C LEU C 153 14.99 18.59 -13.11
N ASN C 154 13.88 19.32 -12.96
CA ASN C 154 13.29 20.04 -14.08
C ASN C 154 14.28 21.07 -14.65
N LYS C 155 14.98 21.77 -13.77
CA LYS C 155 15.90 22.81 -14.22
C LYS C 155 17.10 22.23 -14.91
N VAL C 156 17.55 21.07 -14.47
CA VAL C 156 18.63 20.39 -15.18
C VAL C 156 18.21 20.06 -16.63
N LEU C 157 17.02 19.48 -16.76
CA LEU C 157 16.52 19.18 -18.09
C LEU C 157 16.32 20.44 -18.96
N ALA C 158 15.81 21.52 -18.35
CA ALA C 158 15.58 22.76 -19.11
C ALA C 158 16.89 23.24 -19.66
N HIS C 159 17.94 23.09 -18.85
CA HIS C 159 19.28 23.50 -19.24
C HIS C 159 19.88 22.67 -20.38
N HIS C 160 19.73 21.36 -20.34
CA HIS C 160 20.42 20.55 -21.34
C HIS C 160 19.61 20.43 -22.59
N THR C 161 18.31 20.69 -22.49
CA THR C 161 17.46 20.59 -23.66
C THR C 161 17.25 21.93 -24.35
N GLY C 162 17.39 23.03 -23.61
CA GLY C 162 17.15 24.34 -24.19
C GLY C 162 15.67 24.72 -24.12
N GLN C 163 14.90 23.88 -23.48
CA GLN C 163 13.48 24.04 -23.32
C GLN C 163 13.17 25.05 -22.17
N ASP C 164 12.02 25.71 -22.22
CA ASP C 164 11.56 26.55 -21.09
C ASP C 164 11.26 25.67 -19.88
N LEU C 165 11.52 26.20 -18.68
CA LEU C 165 11.21 25.45 -17.46
C LEU C 165 9.76 24.99 -17.46
N GLU C 166 8.85 25.92 -17.77
CA GLU C 166 7.42 25.65 -17.80
C GLU C 166 7.11 24.44 -18.67
N THR C 167 7.77 24.37 -19.83
CA THR C 167 7.59 23.23 -20.72
C THR C 167 7.97 21.90 -20.03
N ILE C 168 9.14 21.88 -19.41
CA ILE C 168 9.61 20.67 -18.73
C ILE C 168 8.62 20.26 -17.65
N VAL C 169 8.23 21.22 -16.82
CA VAL C 169 7.26 20.96 -15.73
C VAL C 169 5.99 20.27 -16.25
N LYS C 170 5.49 20.75 -17.39
CA LYS C 170 4.27 20.22 -17.98
C LYS C 170 4.50 18.84 -18.61
N ASP C 171 5.64 18.68 -19.26
CA ASP C 171 5.91 17.45 -19.99
C ASP C 171 6.37 16.29 -19.08
N THR C 172 6.64 16.58 -17.82
CA THR C 172 7.06 15.53 -16.90
C THR C 172 6.05 15.21 -15.81
N ASP C 173 4.82 15.75 -15.92
CA ASP C 173 3.81 15.51 -14.88
C ASP C 173 3.44 14.02 -14.79
N ARG C 174 3.41 13.38 -15.96
CA ARG C 174 3.15 11.93 -16.07
C ARG C 174 4.22 11.33 -16.99
N ASP C 175 4.35 10.01 -16.98
CA ASP C 175 5.29 9.35 -17.86
C ASP C 175 5.14 9.87 -19.31
N ASN C 176 6.28 10.15 -19.92
CA ASN C 176 6.34 10.69 -21.27
C ASN C 176 7.36 9.88 -22.05
N PHE C 177 6.88 9.05 -22.97
CA PHE C 177 7.76 8.25 -23.80
C PHE C 177 8.01 8.92 -25.15
N MSE C 178 9.27 8.92 -25.56
CA MSE C 178 9.69 9.40 -26.86
C MSE C 178 10.53 8.36 -27.56
O MSE C 178 11.28 7.61 -26.93
CB MSE C 178 10.53 10.68 -26.70
CG MSE C 178 9.72 11.89 -26.43
SE MSE C 178 10.82 13.33 -25.74
CE MSE C 178 9.36 14.43 -25.03
N MSE C 179 10.37 8.33 -28.88
CA MSE C 179 11.24 7.59 -29.77
C MSE C 179 12.48 8.44 -30.00
O MSE C 179 12.52 9.60 -29.59
CB MSE C 179 10.51 7.30 -31.08
CG MSE C 179 9.21 6.51 -30.89
SE MSE C 179 9.43 4.76 -29.98
CE MSE C 179 7.57 4.47 -29.47
N ALA C 180 13.50 7.86 -30.62
CA ALA C 180 14.80 8.54 -30.69
C ALA C 180 14.75 9.87 -31.40
N ASP C 181 14.06 9.93 -32.53
CA ASP C 181 13.95 11.18 -33.28
C ASP C 181 13.18 12.25 -32.49
N GLU C 182 12.22 11.82 -31.67
CA GLU C 182 11.42 12.75 -30.87
C GLU C 182 12.27 13.34 -29.75
N ALA C 183 13.15 12.52 -29.19
CA ALA C 183 14.08 12.94 -28.14
C ALA C 183 15.09 13.97 -28.68
N LYS C 184 15.56 13.75 -29.90
CA LYS C 184 16.40 14.71 -30.62
C LYS C 184 15.67 16.03 -30.84
N ALA C 185 14.44 15.95 -31.33
CA ALA C 185 13.65 17.16 -31.59
C ALA C 185 13.42 17.90 -30.29
N TYR C 186 13.34 17.14 -29.20
CA TYR C 186 13.06 17.71 -27.90
C TYR C 186 14.30 18.32 -27.23
N GLY C 187 15.49 17.92 -27.67
CA GLY C 187 16.72 18.47 -27.12
C GLY C 187 17.40 17.56 -26.11
N LEU C 188 16.84 16.36 -25.91
CA LEU C 188 17.43 15.40 -24.95
C LEU C 188 18.70 14.77 -25.50
N ILE C 189 18.77 14.62 -26.83
CA ILE C 189 19.98 14.15 -27.49
C ILE C 189 20.27 15.03 -28.68
N ASP C 190 21.46 14.88 -29.24
CA ASP C 190 21.83 15.67 -30.39
C ASP C 190 21.69 14.92 -31.71
N HIS C 191 21.95 13.61 -31.69
CA HIS C 191 21.95 12.82 -32.93
C HIS C 191 21.38 11.42 -32.75
N VAL C 192 20.67 10.97 -33.76
CA VAL C 192 20.26 9.58 -33.91
C VAL C 192 21.18 8.93 -34.91
N ILE C 193 21.92 7.93 -34.51
CA ILE C 193 22.88 7.33 -35.41
C ILE C 193 22.43 5.91 -35.76
N GLU C 194 22.57 5.55 -37.03
CA GLU C 194 22.14 4.24 -37.56
C GLU C 194 23.30 3.32 -37.97
N SER C 195 24.35 3.94 -38.51
CA SER C 195 25.50 3.20 -38.99
C SER C 195 26.76 3.91 -38.53
N ARG C 196 27.80 3.14 -38.23
CA ARG C 196 29.08 3.75 -37.94
C ARG C 196 29.67 4.36 -39.22
N GLU C 197 29.36 3.74 -40.36
CA GLU C 197 29.90 4.14 -41.65
C GLU C 197 29.26 5.42 -42.21
N ALA C 198 28.21 5.90 -41.54
CA ALA C 198 27.51 7.11 -41.95
C ALA C 198 28.06 8.38 -41.27
N ILE C 199 28.16 9.45 -42.04
CA ILE C 199 28.69 10.72 -41.54
C ILE C 199 27.57 11.71 -41.20
N LEU D 6 -18.27 -7.66 18.56
CA LEU D 6 -19.32 -8.14 17.66
C LEU D 6 -20.62 -7.33 17.79
N VAL D 7 -21.57 -7.61 16.90
CA VAL D 7 -22.80 -6.81 16.74
C VAL D 7 -23.85 -7.03 17.84
N PRO D 8 -24.29 -5.96 18.51
CA PRO D 8 -25.25 -6.13 19.60
C PRO D 8 -26.65 -6.51 19.12
N THR D 9 -27.43 -7.00 20.08
CA THR D 9 -28.77 -7.55 19.85
C THR D 9 -29.83 -6.76 20.62
N VAL D 10 -30.99 -6.60 20.01
CA VAL D 10 -32.14 -5.97 20.63
C VAL D 10 -33.34 -6.92 20.55
N ILE D 11 -34.00 -7.13 21.69
CA ILE D 11 -35.12 -8.06 21.75
C ILE D 11 -36.49 -7.36 21.73
N GLU D 12 -37.45 -8.02 21.09
CA GLU D 12 -38.86 -7.62 21.12
C GLU D 12 -39.72 -8.80 21.58
N GLU D 18 -40.50 -13.37 22.12
CA GLU D 18 -39.23 -12.66 21.95
C GLU D 18 -38.68 -12.74 20.51
N ARG D 19 -38.53 -11.58 19.88
CA ARG D 19 -37.98 -11.47 18.52
C ARG D 19 -36.67 -10.66 18.49
N ALA D 20 -35.53 -11.36 18.51
CA ALA D 20 -34.21 -10.72 18.51
C ALA D 20 -33.71 -10.30 17.13
N PHE D 21 -33.37 -9.02 16.97
CA PHE D 21 -32.55 -8.63 15.83
C PHE D 21 -31.28 -7.87 16.17
N ASP D 22 -30.29 -7.97 15.28
CA ASP D 22 -29.06 -7.21 15.44
C ASP D 22 -29.39 -5.72 15.33
N ILE D 23 -28.51 -4.89 15.88
CA ILE D 23 -28.65 -3.43 15.82
C ILE D 23 -28.98 -2.91 14.38
N TYR D 24 -28.28 -3.40 13.36
CA TYR D 24 -28.50 -2.90 11.99
C TYR D 24 -29.89 -3.23 11.48
N SER D 25 -30.45 -4.36 11.92
CA SER D 25 -31.80 -4.73 11.49
C SER D 25 -32.83 -3.87 12.18
N ARG D 26 -32.53 -3.55 13.43
CA ARG D 26 -33.40 -2.69 14.20
C ARG D 26 -33.47 -1.30 13.55
N LEU D 27 -32.32 -0.74 13.17
CA LEU D 27 -32.35 0.56 12.49
C LEU D 27 -33.00 0.49 11.12
N LEU D 28 -32.95 -0.69 10.51
CA LEU D 28 -33.57 -0.88 9.20
C LEU D 28 -35.09 -0.72 9.30
N LYS D 29 -35.66 -1.04 10.46
CA LYS D 29 -37.11 -0.87 10.65
C LYS D 29 -37.48 0.60 10.60
N GLU D 30 -36.48 1.46 10.67
CA GLU D 30 -36.68 2.90 10.53
C GLU D 30 -36.14 3.39 9.20
N ARG D 31 -35.90 2.46 8.28
CA ARG D 31 -35.51 2.79 6.91
C ARG D 31 -34.12 3.42 6.86
N ILE D 32 -33.28 2.99 7.80
CA ILE D 32 -31.89 3.38 7.81
C ILE D 32 -30.99 2.30 7.22
N VAL D 33 -30.20 2.66 6.23
CA VAL D 33 -29.24 1.75 5.61
C VAL D 33 -27.81 2.30 5.70
N PHE D 34 -26.84 1.44 6.00
CA PHE D 34 -25.42 1.85 6.05
C PHE D 34 -24.57 1.22 4.96
N LEU D 35 -23.81 2.04 4.22
CA LEU D 35 -22.64 1.54 3.51
C LEU D 35 -21.43 1.90 4.36
N ASN D 36 -20.70 0.87 4.81
CA ASN D 36 -19.55 1.07 5.69
C ASN D 36 -18.31 0.25 5.27
N GLY D 37 -17.22 0.94 4.97
CA GLY D 37 -16.02 0.27 4.47
C GLY D 37 -16.04 0.19 2.95
N GLU D 38 -15.19 -0.66 2.38
CA GLU D 38 -15.00 -0.69 0.93
C GLU D 38 -16.22 -1.17 0.14
N VAL D 39 -16.39 -0.59 -1.05
CA VAL D 39 -17.40 -1.03 -1.97
C VAL D 39 -16.88 -2.27 -2.71
N ASN D 40 -17.58 -3.39 -2.53
CA ASN D 40 -17.26 -4.61 -3.27
C ASN D 40 -18.54 -5.36 -3.55
N ASP D 41 -18.47 -6.51 -4.21
CA ASP D 41 -19.69 -7.23 -4.60
C ASP D 41 -20.58 -7.54 -3.39
N HIS D 42 -19.98 -8.05 -2.32
CA HIS D 42 -20.75 -8.37 -1.11
C HIS D 42 -21.44 -7.13 -0.51
N SER D 43 -20.67 -6.05 -0.29
CA SER D 43 -21.21 -4.89 0.41
C SER D 43 -22.26 -4.15 -0.45
N ALA D 44 -21.99 -4.00 -1.74
CA ALA D 44 -22.88 -3.30 -2.63
C ALA D 44 -24.22 -4.03 -2.67
N ASN D 45 -24.16 -5.34 -2.77
CA ASN D 45 -25.37 -6.14 -2.89
C ASN D 45 -26.27 -6.05 -1.66
N LEU D 46 -25.67 -6.12 -0.47
CA LEU D 46 -26.45 -5.97 0.75
C LEU D 46 -27.21 -4.66 0.76
N VAL D 47 -26.53 -3.59 0.31
CA VAL D 47 -27.20 -2.30 0.23
C VAL D 47 -28.38 -2.36 -0.73
N ILE D 48 -28.16 -3.02 -1.85
CA ILE D 48 -29.20 -3.11 -2.85
C ILE D 48 -30.38 -3.92 -2.32
N ALA D 49 -30.07 -5.03 -1.66
CA ALA D 49 -31.13 -5.85 -1.10
C ALA D 49 -31.97 -4.99 -0.16
N GLN D 50 -31.30 -4.28 0.73
CA GLN D 50 -32.02 -3.42 1.68
C GLN D 50 -32.90 -2.38 0.97
N LEU D 51 -32.35 -1.71 -0.04
CA LEU D 51 -33.11 -0.74 -0.79
C LEU D 51 -34.36 -1.37 -1.39
N LEU D 52 -34.20 -2.52 -2.04
CA LEU D 52 -35.33 -3.22 -2.61
C LEU D 52 -36.36 -3.57 -1.54
N PHE D 53 -35.89 -4.03 -0.40
CA PHE D 53 -36.75 -4.34 0.73
C PHE D 53 -37.52 -3.12 1.25
N LEU D 54 -36.82 -2.01 1.44
CA LEU D 54 -37.47 -0.81 2.00
C LEU D 54 -38.54 -0.27 1.05
N GLU D 55 -38.27 -0.34 -0.26
CA GLU D 55 -39.23 0.09 -1.25
C GLU D 55 -40.51 -0.75 -1.22
N SER D 56 -40.33 -2.06 -1.18
CA SER D 56 -41.47 -2.96 -1.13
C SER D 56 -42.28 -2.73 0.14
N GLU D 57 -41.61 -2.48 1.25
CA GLU D 57 -42.31 -2.21 2.50
C GLU D 57 -43.12 -0.92 2.41
N ASP D 58 -42.53 0.13 1.85
CA ASP D 58 -43.22 1.39 1.64
C ASP D 58 -42.57 2.18 0.52
N PRO D 59 -43.24 2.27 -0.61
CA PRO D 59 -42.72 2.95 -1.80
C PRO D 59 -42.52 4.45 -1.64
N ASP D 60 -43.32 5.07 -0.79
CA ASP D 60 -43.35 6.53 -0.65
C ASP D 60 -42.35 7.12 0.37
N LYS D 61 -42.13 6.45 1.49
CA LYS D 61 -41.30 7.01 2.56
C LYS D 61 -39.82 7.08 2.21
N ASP D 62 -39.21 8.19 2.57
CA ASP D 62 -37.78 8.40 2.34
C ASP D 62 -36.96 7.30 2.99
N ILE D 63 -35.76 7.11 2.47
CA ILE D 63 -34.83 6.13 2.99
C ILE D 63 -33.55 6.88 3.33
N TYR D 64 -32.92 6.49 4.43
CA TYR D 64 -31.71 7.16 4.87
C TYR D 64 -30.47 6.29 4.72
N PHE D 65 -29.59 6.73 3.85
CA PHE D 65 -28.43 6.00 3.46
C PHE D 65 -27.18 6.69 4.05
N TYR D 66 -26.66 6.16 5.14
CA TYR D 66 -25.44 6.65 5.75
C TYR D 66 -24.23 6.00 5.08
N ILE D 67 -23.26 6.83 4.74
CA ILE D 67 -22.09 6.41 3.99
C ILE D 67 -20.79 6.73 4.69
N ASN D 68 -19.98 5.72 4.90
CA ASN D 68 -18.63 5.90 5.39
C ASN D 68 -17.79 4.91 4.63
N SER D 69 -17.17 5.37 3.54
CA SER D 69 -16.58 4.45 2.60
C SER D 69 -15.40 5.02 1.81
N PRO D 70 -14.32 4.24 1.68
CA PRO D 70 -13.16 4.68 0.89
C PRO D 70 -13.40 4.43 -0.59
N GLY D 71 -14.57 3.90 -0.94
CA GLY D 71 -14.87 3.58 -2.31
C GLY D 71 -14.56 2.13 -2.59
N GLY D 72 -14.41 1.78 -3.87
CA GLY D 72 -13.95 0.45 -4.26
C GLY D 72 -14.38 0.10 -5.68
N MSE D 73 -14.95 -1.09 -5.85
CA MSE D 73 -15.20 -1.61 -7.19
C MSE D 73 -16.29 -0.80 -7.92
O MSE D 73 -17.42 -0.71 -7.47
CB MSE D 73 -15.56 -3.09 -7.12
CG MSE D 73 -15.81 -3.75 -8.49
SE MSE D 73 -16.19 -5.66 -8.22
CE MSE D 73 -15.31 -5.75 -6.44
N VAL D 74 -15.93 -0.21 -9.06
CA VAL D 74 -16.86 0.61 -9.84
C VAL D 74 -18.14 -0.10 -10.32
N THR D 75 -18.02 -1.31 -10.89
CA THR D 75 -19.24 -2.07 -11.28
C THR D 75 -20.19 -2.30 -10.09
N ALA D 76 -19.63 -2.74 -8.95
CA ALA D 76 -20.41 -2.93 -7.75
C ALA D 76 -21.06 -1.61 -7.34
N GLY D 77 -20.29 -0.53 -7.31
CA GLY D 77 -20.82 0.76 -6.95
C GLY D 77 -21.93 1.25 -7.88
N MSE D 78 -21.71 1.20 -9.19
CA MSE D 78 -22.74 1.69 -10.12
C MSE D 78 -24.12 0.99 -10.00
O MSE D 78 -25.15 1.58 -10.32
CB MSE D 78 -22.25 1.69 -11.58
CG MSE D 78 -21.26 2.81 -11.90
SE MSE D 78 -21.65 4.59 -11.14
CE MSE D 78 -23.24 5.03 -12.17
N GLY D 79 -24.13 -0.25 -9.50
CA GLY D 79 -25.37 -0.96 -9.25
C GLY D 79 -26.13 -0.35 -8.09
N VAL D 80 -25.41 0.00 -7.03
CA VAL D 80 -26.07 0.70 -5.93
C VAL D 80 -26.63 2.02 -6.46
N TYR D 81 -25.81 2.73 -7.23
CA TYR D 81 -26.19 4.02 -7.75
C TYR D 81 -27.46 3.91 -8.59
N ASP D 82 -27.49 2.91 -9.47
CA ASP D 82 -28.63 2.73 -10.39
C ASP D 82 -29.88 2.38 -9.60
N THR D 83 -29.72 1.56 -8.58
CA THR D 83 -30.84 1.19 -7.70
C THR D 83 -31.41 2.38 -6.93
N MSE D 84 -30.54 3.20 -6.33
CA MSE D 84 -31.01 4.48 -5.76
C MSE D 84 -31.90 5.26 -6.73
O MSE D 84 -32.96 5.76 -6.34
CB MSE D 84 -29.82 5.35 -5.34
CG MSE D 84 -29.03 4.78 -4.20
SE MSE D 84 -27.32 5.67 -3.98
CE MSE D 84 -28.02 7.48 -3.56
N GLN D 85 -31.48 5.42 -7.98
CA GLN D 85 -32.24 6.24 -8.92
C GLN D 85 -33.55 5.55 -9.34
N PHE D 86 -33.54 4.22 -9.26
CA PHE D 86 -34.57 3.40 -9.86
C PHE D 86 -35.79 3.25 -8.97
N ILE D 87 -35.56 2.94 -7.68
CA ILE D 87 -36.66 2.69 -6.76
C ILE D 87 -37.50 3.93 -6.54
N LYS D 88 -38.78 3.72 -6.20
CA LYS D 88 -39.68 4.85 -6.00
C LYS D 88 -39.23 5.79 -4.87
N PRO D 89 -38.94 5.24 -3.68
CA PRO D 89 -38.63 6.20 -2.60
C PRO D 89 -37.35 7.02 -2.83
N ASP D 90 -37.34 8.25 -2.35
CA ASP D 90 -36.17 9.11 -2.40
C ASP D 90 -35.12 8.52 -1.47
N VAL D 91 -33.90 8.37 -1.97
CA VAL D 91 -32.85 7.90 -1.09
C VAL D 91 -31.96 9.06 -0.68
N SER D 92 -32.07 9.43 0.59
CA SER D 92 -31.34 10.53 1.17
C SER D 92 -29.98 9.99 1.62
N THR D 93 -28.93 10.76 1.41
CA THR D 93 -27.59 10.30 1.70
C THR D 93 -26.98 11.14 2.82
N ILE D 94 -26.27 10.48 3.75
CA ILE D 94 -25.57 11.18 4.83
C ILE D 94 -24.16 10.65 4.98
N CYS D 95 -23.19 11.53 4.76
CA CYS D 95 -21.80 11.14 4.90
C CYS D 95 -21.41 11.27 6.37
N ILE D 96 -20.82 10.21 6.92
CA ILE D 96 -20.41 10.21 8.30
C ILE D 96 -18.99 9.74 8.43
N GLY D 97 -18.04 10.55 8.01
CA GLY D 97 -16.65 10.21 8.10
C GLY D 97 -15.92 10.39 6.80
N LEU D 98 -16.10 9.46 5.88
CA LEU D 98 -15.45 9.58 4.60
C LEU D 98 -16.32 9.12 3.43
N ALA D 99 -16.22 9.84 2.33
CA ALA D 99 -16.86 9.40 1.10
C ALA D 99 -15.87 9.65 -0.03
N ALA D 100 -15.17 8.61 -0.44
CA ALA D 100 -14.16 8.74 -1.47
C ALA D 100 -14.43 7.77 -2.61
N SER D 101 -13.91 8.07 -3.80
CA SER D 101 -14.09 7.17 -4.94
C SER D 101 -15.59 6.93 -5.13
N MSE D 102 -16.00 5.67 -5.36
CA MSE D 102 -17.42 5.35 -5.49
C MSE D 102 -18.26 5.89 -4.33
O MSE D 102 -19.45 6.15 -4.49
CB MSE D 102 -17.65 3.84 -5.62
CG MSE D 102 -17.20 3.28 -6.97
SE MSE D 102 -18.04 4.26 -8.48
CE MSE D 102 -19.85 4.29 -7.82
N GLY D 103 -17.63 6.03 -3.17
CA GLY D 103 -18.31 6.55 -1.99
C GLY D 103 -18.85 7.95 -2.21
N SER D 104 -18.03 8.83 -2.79
CA SER D 104 -18.45 10.21 -3.02
C SER D 104 -19.50 10.24 -4.14
N LEU D 105 -19.36 9.34 -5.10
CA LEU D 105 -20.34 9.24 -6.17
C LEU D 105 -21.70 8.85 -5.60
N LEU D 106 -21.71 7.92 -4.66
CA LEU D 106 -22.98 7.45 -4.12
C LEU D 106 -23.60 8.56 -3.30
N LEU D 107 -22.79 9.18 -2.47
CA LEU D 107 -23.25 10.34 -1.71
C LEU D 107 -23.95 11.34 -2.62
N ALA D 108 -23.24 11.78 -3.66
CA ALA D 108 -23.66 12.91 -4.49
C ALA D 108 -24.87 12.55 -5.32
N GLY D 109 -25.09 11.25 -5.47
CA GLY D 109 -26.19 10.75 -6.26
C GLY D 109 -27.47 10.57 -5.50
N GLY D 110 -27.50 11.01 -4.24
CA GLY D 110 -28.73 10.98 -3.46
C GLY D 110 -29.83 11.88 -4.01
N ALA D 111 -31.02 11.79 -3.41
CA ALA D 111 -32.15 12.61 -3.85
C ALA D 111 -31.84 14.10 -3.74
N LYS D 112 -32.22 14.82 -4.79
CA LYS D 112 -32.06 16.26 -4.88
C LYS D 112 -32.45 16.96 -3.58
N GLY D 113 -31.56 17.79 -3.05
CA GLY D 113 -31.81 18.53 -1.82
C GLY D 113 -31.71 17.75 -0.50
N LYS D 114 -31.49 16.44 -0.59
CA LYS D 114 -31.46 15.56 0.59
C LYS D 114 -30.14 14.80 0.75
N ARG D 115 -29.06 15.42 0.27
CA ARG D 115 -27.72 14.86 0.39
C ARG D 115 -27.01 15.63 1.51
N TYR D 116 -26.67 14.93 2.58
CA TYR D 116 -26.11 15.54 3.77
C TYR D 116 -24.72 15.03 4.09
N SER D 117 -23.98 15.86 4.81
CA SER D 117 -22.80 15.40 5.48
C SER D 117 -22.71 15.99 6.87
N LEU D 118 -22.08 15.24 7.77
CA LEU D 118 -21.76 15.76 9.09
C LEU D 118 -20.51 16.66 9.04
N PRO D 119 -20.33 17.54 10.03
CA PRO D 119 -19.38 18.64 9.77
C PRO D 119 -17.95 18.17 9.54
N SER D 120 -17.56 17.04 10.11
CA SER D 120 -16.14 16.66 10.06
C SER D 120 -15.82 15.67 8.92
N SER D 121 -16.79 15.36 8.08
CA SER D 121 -16.54 14.36 7.02
C SER D 121 -15.50 14.83 6.00
N GLN D 122 -14.81 13.90 5.36
CA GLN D 122 -14.00 14.23 4.21
C GLN D 122 -14.61 13.55 3.01
N ILE D 123 -14.58 14.24 1.88
CA ILE D 123 -15.19 13.76 0.67
C ILE D 123 -14.16 13.93 -0.40
N MSE D 124 -13.93 12.86 -1.17
CA MSE D 124 -12.81 12.87 -2.08
C MSE D 124 -13.25 12.32 -3.43
O MSE D 124 -13.97 11.31 -3.52
CB MSE D 124 -11.61 12.09 -1.48
CG MSE D 124 -10.35 12.15 -2.31
SE MSE D 124 -10.23 10.72 -3.66
CE MSE D 124 -9.19 9.49 -2.52
N ILE D 125 -12.82 13.00 -4.47
CA ILE D 125 -13.13 12.56 -5.84
C ILE D 125 -11.82 12.40 -6.59
N HIS D 126 -11.85 11.58 -7.62
CA HIS D 126 -10.68 11.33 -8.44
C HIS D 126 -11.08 10.39 -9.55
N GLN D 127 -10.15 10.11 -10.45
CA GLN D 127 -10.44 9.24 -11.60
C GLN D 127 -10.35 7.74 -11.21
N PRO D 128 -10.85 6.86 -12.09
CA PRO D 128 -10.80 5.40 -11.86
C PRO D 128 -9.38 4.81 -11.95
N LEU D 129 -9.19 3.70 -11.25
CA LEU D 129 -7.93 2.95 -11.30
C LEU D 129 -8.22 1.54 -11.81
N GLY D 130 -7.27 0.95 -12.52
CA GLY D 130 -7.31 -0.47 -12.79
C GLY D 130 -6.09 -0.92 -13.53
N GLY D 131 -6.32 -1.66 -14.63
CA GLY D 131 -5.28 -2.02 -15.56
C GLY D 131 -5.19 -3.51 -15.75
N PHE D 132 -4.98 -3.92 -16.99
CA PHE D 132 -4.86 -5.32 -17.34
C PHE D 132 -3.41 -5.60 -17.69
N ARG D 133 -2.97 -6.85 -17.50
CA ARG D 133 -1.67 -7.26 -18.00
C ARG D 133 -1.84 -8.35 -19.07
N GLY D 134 -1.15 -8.20 -20.19
CA GLY D 134 -1.27 -9.19 -21.25
C GLY D 134 -0.90 -8.64 -22.62
N GLN D 135 -1.55 -9.17 -23.66
CA GLN D 135 -1.30 -8.74 -25.04
C GLN D 135 -1.66 -7.29 -25.32
N ALA D 136 -0.94 -6.67 -26.24
CA ALA D 136 -1.24 -5.29 -26.62
C ALA D 136 -2.73 -5.11 -26.97
N SER D 137 -3.29 -6.05 -27.74
CA SER D 137 -4.73 -6.03 -28.11
C SER D 137 -5.67 -5.96 -26.90
N ASP D 138 -5.40 -6.79 -25.91
CA ASP D 138 -6.21 -6.77 -24.68
C ASP D 138 -5.97 -5.52 -23.82
N ILE D 139 -4.71 -5.13 -23.70
CA ILE D 139 -4.41 -3.86 -23.05
C ILE D 139 -5.25 -2.76 -23.68
N GLU D 140 -5.24 -2.70 -25.01
CA GLU D 140 -6.02 -1.74 -25.78
C GLU D 140 -7.52 -1.78 -25.45
N ILE D 141 -8.11 -2.97 -25.54
CA ILE D 141 -9.54 -3.12 -25.28
C ILE D 141 -9.86 -2.60 -23.88
N HIS D 142 -9.05 -2.98 -22.90
CA HIS D 142 -9.34 -2.60 -21.52
C HIS D 142 -9.09 -1.11 -21.28
N ALA D 143 -8.08 -0.59 -21.95
CA ALA D 143 -7.78 0.84 -21.88
C ALA D 143 -8.97 1.67 -22.42
N LYS D 144 -9.50 1.30 -23.60
CA LYS D 144 -10.67 2.00 -24.18
C LYS D 144 -11.87 1.94 -23.22
N ASN D 145 -12.15 0.76 -22.70
CA ASN D 145 -13.23 0.64 -21.74
C ASN D 145 -13.07 1.55 -20.52
N ILE D 146 -11.91 1.50 -19.88
CA ILE D 146 -11.72 2.27 -18.65
C ILE D 146 -11.85 3.77 -18.94
N LEU D 147 -11.52 4.16 -20.16
CA LEU D 147 -11.75 5.54 -20.60
C LEU D 147 -13.23 5.91 -20.76
N ARG D 148 -14.06 5.01 -21.28
CA ARG D 148 -15.49 5.29 -21.30
C ARG D 148 -16.01 5.45 -19.87
N ILE D 149 -15.58 4.52 -19.00
CA ILE D 149 -16.05 4.51 -17.64
C ILE D 149 -15.64 5.80 -16.94
N LYS D 150 -14.41 6.25 -17.20
CA LYS D 150 -13.94 7.53 -16.68
C LYS D 150 -14.84 8.68 -17.12
N ASP D 151 -15.16 8.72 -18.42
CA ASP D 151 -16.04 9.75 -18.95
C ASP D 151 -17.47 9.68 -18.39
N ARG D 152 -18.05 8.50 -18.33
CA ARG D 152 -19.36 8.30 -17.71
C ARG D 152 -19.40 8.81 -16.27
N LEU D 153 -18.45 8.36 -15.45
CA LEU D 153 -18.37 8.79 -14.06
C LEU D 153 -18.32 10.30 -13.95
N ASN D 154 -17.49 10.94 -14.77
CA ASN D 154 -17.42 12.40 -14.77
C ASN D 154 -18.78 13.02 -15.09
N LYS D 155 -19.47 12.46 -16.08
CA LYS D 155 -20.76 13.00 -16.51
C LYS D 155 -21.76 12.90 -15.40
N VAL D 156 -21.66 11.81 -14.64
CA VAL D 156 -22.56 11.59 -13.51
C VAL D 156 -22.36 12.63 -12.41
N LEU D 157 -21.11 12.93 -12.09
CA LEU D 157 -20.84 13.96 -11.08
C LEU D 157 -21.33 15.33 -11.55
N ALA D 158 -21.03 15.66 -12.81
CA ALA D 158 -21.45 16.90 -13.42
C ALA D 158 -22.96 17.10 -13.27
N HIS D 159 -23.71 16.04 -13.51
CA HIS D 159 -25.15 16.08 -13.41
C HIS D 159 -25.67 16.30 -11.98
N HIS D 160 -25.01 15.72 -10.98
CA HIS D 160 -25.49 15.85 -9.60
C HIS D 160 -24.94 17.08 -8.90
N THR D 161 -23.74 17.50 -9.27
CA THR D 161 -23.18 18.70 -8.65
C THR D 161 -23.65 19.97 -9.37
N GLY D 162 -24.03 19.81 -10.63
CA GLY D 162 -24.33 20.96 -11.47
C GLY D 162 -23.08 21.65 -12.00
N GLN D 163 -21.91 21.06 -11.76
CA GLN D 163 -20.69 21.64 -12.30
C GLN D 163 -20.61 21.29 -13.80
N ASP D 164 -19.87 22.07 -14.58
CA ASP D 164 -19.72 21.69 -16.00
C ASP D 164 -18.67 20.58 -16.19
N LEU D 165 -18.79 19.84 -17.28
CA LEU D 165 -18.02 18.62 -17.47
C LEU D 165 -16.49 18.84 -17.37
N GLU D 166 -15.99 19.81 -18.14
CA GLU D 166 -14.59 20.21 -18.10
C GLU D 166 -14.08 20.49 -16.67
N THR D 167 -14.88 21.17 -15.86
CA THR D 167 -14.52 21.46 -14.47
C THR D 167 -14.37 20.16 -13.67
N ILE D 168 -15.31 19.25 -13.82
CA ILE D 168 -15.21 17.94 -13.18
C ILE D 168 -13.92 17.24 -13.62
N VAL D 169 -13.66 17.22 -14.93
CA VAL D 169 -12.50 16.51 -15.46
C VAL D 169 -11.20 17.03 -14.83
N LYS D 170 -11.04 18.35 -14.87
CA LYS D 170 -9.91 19.02 -14.24
C LYS D 170 -9.78 18.64 -12.74
N ASP D 171 -10.90 18.56 -12.04
CA ASP D 171 -10.87 18.40 -10.59
C ASP D 171 -10.73 16.95 -10.14
N THR D 172 -10.87 16.01 -11.07
CA THR D 172 -10.68 14.61 -10.73
C THR D 172 -9.39 13.97 -11.31
N ASP D 173 -8.57 14.77 -11.98
CA ASP D 173 -7.33 14.22 -12.52
C ASP D 173 -6.46 13.55 -11.42
N ARG D 174 -6.44 14.13 -10.21
CA ARG D 174 -5.72 13.54 -9.07
C ARG D 174 -6.65 13.56 -7.85
N ASP D 175 -6.33 12.77 -6.81
CA ASP D 175 -7.15 12.77 -5.59
C ASP D 175 -7.42 14.22 -5.18
N ASN D 176 -8.66 14.51 -4.85
CA ASN D 176 -9.05 15.86 -4.52
C ASN D 176 -9.84 15.82 -3.23
N PHE D 177 -9.24 16.23 -2.13
CA PHE D 177 -9.90 16.12 -0.83
C PHE D 177 -10.70 17.36 -0.46
N MSE D 178 -11.93 17.15 -0.03
CA MSE D 178 -12.79 18.27 0.39
C MSE D 178 -13.38 18.10 1.79
O MSE D 178 -13.84 17.02 2.12
CB MSE D 178 -13.90 18.45 -0.62
CG MSE D 178 -13.46 19.21 -1.79
SE MSE D 178 -14.91 19.31 -3.08
CE MSE D 178 -14.44 17.75 -4.17
N MSE D 179 -13.37 19.17 2.60
CA MSE D 179 -14.18 19.21 3.83
C MSE D 179 -15.64 19.33 3.42
O MSE D 179 -15.96 19.60 2.25
CB MSE D 179 -13.79 20.37 4.75
CG MSE D 179 -12.32 20.43 5.18
SE MSE D 179 -11.58 18.75 5.90
CE MSE D 179 -9.75 19.35 6.27
N ALA D 180 -16.54 19.14 4.39
CA ALA D 180 -17.98 19.11 4.15
C ALA D 180 -18.52 20.41 3.55
N ASP D 181 -18.06 21.55 4.08
CA ASP D 181 -18.47 22.85 3.57
C ASP D 181 -18.01 23.10 2.12
N GLU D 182 -16.80 22.64 1.81
CA GLU D 182 -16.26 22.74 0.46
C GLU D 182 -17.04 21.81 -0.47
N ALA D 183 -17.50 20.68 0.09
CA ALA D 183 -18.38 19.76 -0.63
C ALA D 183 -19.75 20.39 -0.94
N LYS D 184 -20.33 21.11 0.01
CA LYS D 184 -21.61 21.78 -0.23
C LYS D 184 -21.44 22.83 -1.31
N ALA D 185 -20.33 23.55 -1.26
CA ALA D 185 -20.10 24.61 -2.23
C ALA D 185 -19.83 24.03 -3.63
N TYR D 186 -19.17 22.89 -3.68
CA TYR D 186 -18.91 22.22 -4.95
C TYR D 186 -20.17 21.57 -5.53
N GLY D 187 -21.20 21.40 -4.70
CA GLY D 187 -22.45 20.78 -5.14
C GLY D 187 -22.55 19.27 -4.89
N LEU D 188 -21.55 18.70 -4.21
CA LEU D 188 -21.54 17.26 -3.90
C LEU D 188 -22.61 16.88 -2.88
N ILE D 189 -22.94 17.81 -1.99
CA ILE D 189 -24.04 17.64 -1.05
C ILE D 189 -24.80 18.95 -0.97
N ASP D 190 -25.96 18.89 -0.34
CA ASP D 190 -26.82 20.07 -0.21
C ASP D 190 -26.71 20.77 1.15
N HIS D 191 -26.57 19.99 2.22
CA HIS D 191 -26.51 20.60 3.57
C HIS D 191 -25.44 19.97 4.43
N VAL D 192 -24.77 20.82 5.22
CA VAL D 192 -23.98 20.35 6.33
C VAL D 192 -24.83 20.50 7.59
N ILE D 193 -24.98 19.42 8.34
CA ILE D 193 -25.80 19.42 9.57
C ILE D 193 -24.95 19.09 10.80
N GLU D 194 -25.12 19.87 11.86
CA GLU D 194 -24.32 19.69 13.06
C GLU D 194 -25.09 19.04 14.19
N SER D 195 -26.39 19.25 14.22
CA SER D 195 -27.19 18.76 15.33
C SER D 195 -28.61 18.47 14.91
N ARG D 196 -29.29 17.57 15.61
CA ARG D 196 -30.59 17.14 15.12
C ARG D 196 -31.68 18.19 15.31
N GLU D 197 -31.59 18.93 16.40
CA GLU D 197 -32.59 19.96 16.72
C GLU D 197 -32.57 21.11 15.72
N ALA D 198 -31.38 21.54 15.31
CA ALA D 198 -31.24 22.63 14.34
C ALA D 198 -31.70 22.22 12.93
N VAL E 7 31.07 -23.90 -16.35
CA VAL E 7 31.49 -23.75 -17.75
C VAL E 7 32.99 -24.04 -17.94
N PRO E 8 33.32 -24.84 -18.95
CA PRO E 8 34.71 -25.34 -19.10
C PRO E 8 35.77 -24.31 -19.53
N THR E 9 37.03 -24.65 -19.26
CA THR E 9 38.21 -23.82 -19.55
C THR E 9 39.12 -24.46 -20.62
N VAL E 10 39.64 -23.67 -21.56
CA VAL E 10 40.50 -24.25 -22.61
C VAL E 10 41.99 -23.87 -22.50
N PHE E 21 41.06 -18.99 -20.75
CA PHE E 21 39.84 -18.91 -21.57
C PHE E 21 38.75 -19.87 -21.10
N ASP E 22 37.56 -19.35 -20.83
CA ASP E 22 36.39 -20.23 -20.76
C ASP E 22 35.93 -20.52 -22.20
N ILE E 23 35.02 -21.47 -22.35
CA ILE E 23 34.62 -21.98 -23.67
C ILE E 23 34.05 -20.87 -24.56
N TYR E 24 33.20 -20.02 -24.00
CA TYR E 24 32.59 -18.92 -24.74
C TYR E 24 33.60 -17.86 -25.23
N SER E 25 34.57 -17.52 -24.39
CA SER E 25 35.62 -16.56 -24.78
C SER E 25 36.45 -17.14 -25.90
N ARG E 26 36.61 -18.45 -25.84
CA ARG E 26 37.34 -19.14 -26.86
C ARG E 26 36.60 -18.99 -28.19
N LEU E 27 35.29 -19.29 -28.18
CA LEU E 27 34.51 -19.17 -29.41
C LEU E 27 34.43 -17.71 -29.89
N LEU E 28 34.51 -16.79 -28.94
CA LEU E 28 34.53 -15.37 -29.28
C LEU E 28 35.76 -15.03 -30.12
N LYS E 29 36.85 -15.78 -29.94
CA LYS E 29 38.05 -15.57 -30.75
C LYS E 29 37.79 -15.84 -32.22
N GLU E 30 36.64 -16.45 -32.51
CA GLU E 30 36.26 -16.71 -33.88
C GLU E 30 35.02 -15.91 -34.24
N ARG E 31 34.70 -14.90 -33.40
CA ARG E 31 33.59 -14.01 -33.69
C ARG E 31 32.25 -14.75 -33.62
N ILE E 32 32.22 -15.75 -32.75
CA ILE E 32 30.98 -16.40 -32.41
C ILE E 32 30.43 -15.79 -31.12
N VAL E 33 29.16 -15.39 -31.18
CA VAL E 33 28.44 -14.83 -30.03
C VAL E 33 27.15 -15.61 -29.78
N PHE E 34 26.91 -15.97 -28.54
CA PHE E 34 25.65 -16.63 -28.20
C PHE E 34 24.71 -15.69 -27.49
N LEU E 35 23.44 -15.74 -27.89
CA LEU E 35 22.33 -15.29 -27.05
C LEU E 35 21.58 -16.55 -26.66
N ASN E 36 21.56 -16.86 -25.38
CA ASN E 36 20.96 -18.09 -24.91
C ASN E 36 20.11 -17.83 -23.67
N GLY E 37 18.82 -18.14 -23.80
CA GLY E 37 17.88 -17.87 -22.72
C GLY E 37 17.18 -16.54 -22.89
N GLU E 38 16.59 -16.06 -21.81
CA GLU E 38 15.74 -14.89 -21.83
C GLU E 38 16.49 -13.63 -22.25
N VAL E 39 15.82 -12.77 -23.02
CA VAL E 39 16.34 -11.45 -23.31
C VAL E 39 16.00 -10.49 -22.18
N ASN E 40 17.02 -10.08 -21.45
CA ASN E 40 16.88 -9.07 -20.40
C ASN E 40 18.03 -8.10 -20.50
N ASP E 41 18.12 -7.15 -19.58
CA ASP E 41 19.15 -6.10 -19.63
C ASP E 41 20.55 -6.67 -19.60
N HIS E 42 20.78 -7.59 -18.67
CA HIS E 42 22.05 -8.27 -18.53
C HIS E 42 22.47 -9.12 -19.77
N SER E 43 21.57 -9.95 -20.27
CA SER E 43 21.94 -10.83 -21.37
C SER E 43 22.10 -10.02 -22.64
N ALA E 44 21.27 -8.99 -22.77
CA ALA E 44 21.29 -8.15 -23.96
C ALA E 44 22.57 -7.36 -24.00
N ASN E 45 22.94 -6.82 -22.84
CA ASN E 45 24.13 -5.97 -22.75
C ASN E 45 25.41 -6.75 -23.00
N LEU E 46 25.53 -7.95 -22.44
CA LEU E 46 26.60 -8.86 -22.84
C LEU E 46 26.73 -8.98 -24.37
N VAL E 47 25.61 -9.12 -25.07
CA VAL E 47 25.67 -9.36 -26.52
C VAL E 47 26.21 -8.12 -27.19
N ILE E 48 25.61 -6.98 -26.86
CA ILE E 48 26.06 -5.70 -27.39
C ILE E 48 27.55 -5.51 -27.16
N ALA E 49 28.03 -5.76 -25.93
CA ALA E 49 29.47 -5.66 -25.62
C ALA E 49 30.35 -6.52 -26.51
N GLN E 50 29.90 -7.74 -26.76
CA GLN E 50 30.61 -8.62 -27.67
C GLN E 50 30.59 -8.11 -29.11
N LEU E 51 29.49 -7.49 -29.52
CA LEU E 51 29.42 -6.98 -30.89
C LEU E 51 30.44 -5.87 -31.09
N LEU E 52 30.39 -4.87 -30.21
CA LEU E 52 31.32 -3.73 -30.22
C LEU E 52 32.78 -4.15 -30.15
N PHE E 53 33.06 -5.16 -29.34
CA PHE E 53 34.41 -5.69 -29.25
C PHE E 53 34.89 -6.27 -30.59
N LEU E 54 34.08 -7.16 -31.16
CA LEU E 54 34.36 -7.80 -32.44
C LEU E 54 34.50 -6.77 -33.57
N GLU E 55 33.68 -5.74 -33.54
CA GLU E 55 33.85 -4.64 -34.47
C GLU E 55 35.20 -3.98 -34.24
N SER E 56 35.59 -3.86 -32.99
CA SER E 56 36.87 -3.28 -32.65
C SER E 56 38.04 -4.11 -33.14
N GLU E 57 37.98 -5.43 -32.98
CA GLU E 57 39.05 -6.30 -33.41
C GLU E 57 39.26 -6.31 -34.93
N ASP E 58 38.16 -6.44 -35.66
CA ASP E 58 38.17 -6.36 -37.10
C ASP E 58 36.82 -5.83 -37.51
N PRO E 59 36.80 -4.69 -38.19
CA PRO E 59 35.53 -4.05 -38.55
C PRO E 59 34.96 -4.57 -39.84
N ASP E 60 35.69 -5.49 -40.48
CA ASP E 60 35.28 -5.95 -41.80
C ASP E 60 34.75 -7.40 -41.82
N LYS E 61 35.20 -8.18 -40.85
CA LYS E 61 34.89 -9.61 -40.80
C LYS E 61 33.52 -9.91 -40.22
N ASP E 62 32.82 -10.86 -40.83
CA ASP E 62 31.52 -11.33 -40.36
C ASP E 62 31.51 -11.83 -38.92
N ILE E 63 30.35 -11.69 -38.29
CA ILE E 63 30.17 -12.15 -36.94
C ILE E 63 29.05 -13.19 -36.97
N TYR E 64 29.19 -14.23 -36.16
CA TYR E 64 28.21 -15.31 -36.10
C TYR E 64 27.48 -15.27 -34.77
N PHE E 65 26.16 -15.11 -34.85
CA PHE E 65 25.34 -14.87 -33.70
C PHE E 65 24.34 -16.03 -33.57
N TYR E 66 24.61 -16.96 -32.66
CA TYR E 66 23.71 -18.10 -32.42
C TYR E 66 22.61 -17.74 -31.42
N ILE E 67 21.38 -18.07 -31.75
CA ILE E 67 20.24 -17.61 -30.98
C ILE E 67 19.40 -18.78 -30.50
N ASN E 68 19.29 -18.92 -29.18
CA ASN E 68 18.35 -19.87 -28.60
C ASN E 68 17.63 -19.19 -27.47
N SER E 69 16.48 -18.62 -27.78
CA SER E 69 15.86 -17.68 -26.83
C SER E 69 14.35 -17.59 -26.95
N PRO E 70 13.67 -17.55 -25.79
CA PRO E 70 12.21 -17.33 -25.77
C PRO E 70 11.83 -15.85 -25.89
N GLY E 71 12.82 -14.99 -26.06
CA GLY E 71 12.57 -13.57 -26.11
C GLY E 71 12.61 -12.91 -24.74
N GLY E 72 11.90 -11.81 -24.58
CA GLY E 72 11.84 -11.12 -23.30
C GLY E 72 11.70 -9.61 -23.50
N MSE E 73 12.52 -8.84 -22.79
CA MSE E 73 12.32 -7.40 -22.77
C MSE E 73 12.57 -6.70 -24.14
O MSE E 73 13.65 -6.79 -24.72
CB MSE E 73 13.15 -6.78 -21.65
CG MSE E 73 12.87 -5.30 -21.40
SE MSE E 73 14.01 -4.59 -20.00
CE MSE E 73 14.02 -6.23 -18.91
N VAL E 74 11.56 -6.01 -24.64
CA VAL E 74 11.68 -5.33 -25.93
C VAL E 74 12.78 -4.25 -25.97
N THR E 75 12.83 -3.37 -24.99
CA THR E 75 13.86 -2.31 -24.99
C THR E 75 15.26 -2.90 -25.00
N ALA E 76 15.51 -3.87 -24.12
CA ALA E 76 16.80 -4.56 -24.10
C ALA E 76 17.08 -5.18 -25.47
N GLY E 77 16.12 -5.93 -26.01
CA GLY E 77 16.29 -6.61 -27.27
C GLY E 77 16.47 -5.70 -28.49
N MSE E 78 15.81 -4.54 -28.50
CA MSE E 78 15.95 -3.60 -29.61
C MSE E 78 17.33 -2.92 -29.60
O MSE E 78 17.83 -2.49 -30.65
CB MSE E 78 14.82 -2.57 -29.63
CG MSE E 78 13.46 -3.15 -30.03
SE MSE E 78 13.50 -4.01 -31.82
CE MSE E 78 12.08 -5.30 -31.58
N GLY E 79 17.93 -2.83 -28.41
CA GLY E 79 19.32 -2.40 -28.28
C GLY E 79 20.23 -3.30 -29.11
N VAL E 80 20.06 -4.60 -28.95
CA VAL E 80 20.82 -5.59 -29.70
C VAL E 80 20.52 -5.49 -31.18
N TYR E 81 19.25 -5.33 -31.53
CA TYR E 81 18.87 -5.20 -32.94
C TYR E 81 19.60 -4.02 -33.57
N ASP E 82 19.56 -2.88 -32.89
CA ASP E 82 20.20 -1.66 -33.40
C ASP E 82 21.72 -1.81 -33.47
N THR E 83 22.30 -2.47 -32.47
CA THR E 83 23.74 -2.62 -32.46
C THR E 83 24.13 -3.46 -33.67
N MSE E 84 23.36 -4.52 -33.93
CA MSE E 84 23.57 -5.31 -35.12
C MSE E 84 23.52 -4.44 -36.36
O MSE E 84 24.35 -4.60 -37.25
CB MSE E 84 22.51 -6.43 -35.24
CG MSE E 84 22.62 -7.49 -34.16
SE MSE E 84 21.11 -8.71 -34.13
CE MSE E 84 21.17 -9.32 -36.00
N GLN E 85 22.56 -3.52 -36.45
CA GLN E 85 22.41 -2.79 -37.72
C GLN E 85 23.52 -1.76 -37.87
N PHE E 86 24.14 -1.44 -36.75
CA PHE E 86 24.96 -0.26 -36.63
C PHE E 86 26.46 -0.52 -36.83
N ILE E 87 26.96 -1.62 -36.27
CA ILE E 87 28.39 -1.95 -36.41
C ILE E 87 28.72 -2.27 -37.87
N LYS E 88 29.99 -2.11 -38.24
CA LYS E 88 30.38 -2.30 -39.65
C LYS E 88 30.21 -3.76 -40.10
N PRO E 89 30.66 -4.71 -39.27
CA PRO E 89 30.58 -6.13 -39.61
C PRO E 89 29.16 -6.63 -39.91
N ASP E 90 29.02 -7.51 -40.91
CA ASP E 90 27.77 -8.23 -41.08
C ASP E 90 27.52 -9.15 -39.88
N VAL E 91 26.30 -9.14 -39.37
CA VAL E 91 25.95 -10.10 -38.33
C VAL E 91 25.04 -11.20 -38.89
N SER E 92 25.63 -12.37 -39.07
CA SER E 92 24.91 -13.55 -39.46
C SER E 92 24.31 -14.18 -38.21
N THR E 93 23.08 -14.67 -38.34
CA THR E 93 22.37 -15.26 -37.23
C THR E 93 22.07 -16.72 -37.53
N ILE E 94 22.03 -17.53 -36.48
CA ILE E 94 21.75 -18.95 -36.60
C ILE E 94 20.88 -19.36 -35.43
N CYS E 95 19.67 -19.80 -35.71
CA CYS E 95 18.80 -20.29 -34.66
C CYS E 95 19.11 -21.76 -34.36
N ILE E 96 19.41 -22.03 -33.10
CA ILE E 96 19.80 -23.35 -32.66
C ILE E 96 18.89 -23.76 -31.53
N GLY E 97 17.58 -23.68 -31.75
CA GLY E 97 16.70 -24.26 -30.78
C GLY E 97 15.34 -23.65 -30.88
N LEU E 98 15.27 -22.44 -30.38
CA LEU E 98 14.07 -21.62 -30.29
C LEU E 98 14.42 -20.16 -30.57
N ALA E 99 13.56 -19.46 -31.31
CA ALA E 99 13.66 -18.03 -31.49
C ALA E 99 12.23 -17.57 -31.51
N ALA E 100 11.77 -17.09 -30.36
CA ALA E 100 10.40 -16.62 -30.16
C ALA E 100 10.43 -15.18 -29.71
N SER E 101 9.35 -14.43 -29.95
CA SER E 101 9.26 -13.05 -29.47
C SER E 101 10.51 -12.30 -29.95
N MSE E 102 11.15 -11.55 -29.07
CA MSE E 102 12.36 -10.83 -29.42
C MSE E 102 13.44 -11.71 -30.06
O MSE E 102 14.25 -11.24 -30.84
CB MSE E 102 12.90 -10.09 -28.21
CG MSE E 102 12.12 -8.80 -27.88
SE MSE E 102 12.01 -7.55 -29.42
CE MSE E 102 13.89 -7.33 -29.71
N GLY E 103 13.41 -12.99 -29.72
CA GLY E 103 14.36 -13.94 -30.30
C GLY E 103 14.24 -13.99 -31.81
N SER E 104 13.02 -14.15 -32.30
CA SER E 104 12.78 -14.26 -33.73
C SER E 104 13.01 -12.93 -34.45
N LEU E 105 12.77 -11.83 -33.77
CA LEU E 105 13.06 -10.53 -34.34
C LEU E 105 14.59 -10.27 -34.48
N LEU E 106 15.39 -10.77 -33.54
CA LEU E 106 16.84 -10.71 -33.71
C LEU E 106 17.33 -11.63 -34.84
N LEU E 107 16.79 -12.84 -34.87
CA LEU E 107 17.10 -13.79 -35.92
C LEU E 107 16.79 -13.16 -37.28
N ALA E 108 15.59 -12.60 -37.41
CA ALA E 108 15.15 -12.03 -38.68
C ALA E 108 15.96 -10.80 -39.08
N GLY E 109 16.55 -10.12 -38.09
CA GLY E 109 17.28 -8.88 -38.35
C GLY E 109 18.75 -9.06 -38.70
N GLY E 110 19.14 -10.32 -38.93
CA GLY E 110 20.49 -10.62 -39.33
C GLY E 110 20.83 -9.97 -40.67
N ALA E 111 22.11 -10.04 -41.02
CA ALA E 111 22.55 -9.58 -42.33
C ALA E 111 21.78 -10.30 -43.45
N LYS E 112 21.40 -9.55 -44.48
CA LYS E 112 20.64 -10.11 -45.58
C LYS E 112 21.42 -11.25 -46.23
N GLY E 113 20.72 -12.36 -46.45
CA GLY E 113 21.30 -13.54 -47.06
C GLY E 113 22.03 -14.45 -46.09
N LYS E 114 22.22 -13.99 -44.85
CA LYS E 114 22.99 -14.74 -43.86
C LYS E 114 22.20 -15.08 -42.57
N ARG E 115 20.91 -15.32 -42.74
CA ARG E 115 20.11 -15.73 -41.60
C ARG E 115 19.82 -17.23 -41.70
N TYR E 116 20.31 -17.99 -40.71
CA TYR E 116 20.20 -19.45 -40.78
C TYR E 116 19.39 -20.04 -39.65
N SER E 117 18.92 -21.25 -39.87
CA SER E 117 18.36 -22.04 -38.78
C SER E 117 18.74 -23.49 -38.96
N LEU E 118 19.06 -24.17 -37.87
CA LEU E 118 19.24 -25.61 -37.89
C LEU E 118 17.88 -26.27 -38.17
N PRO E 119 17.88 -27.56 -38.56
CA PRO E 119 16.60 -28.05 -39.09
C PRO E 119 15.47 -28.18 -38.09
N SER E 120 15.77 -28.37 -36.80
CA SER E 120 14.72 -28.68 -35.84
C SER E 120 14.22 -27.48 -35.04
N SER E 121 14.76 -26.29 -35.33
CA SER E 121 14.40 -25.11 -34.56
C SER E 121 12.92 -24.77 -34.68
N GLN E 122 12.41 -24.18 -33.62
CA GLN E 122 11.11 -23.54 -33.64
C GLN E 122 11.31 -22.04 -33.60
N ILE E 123 10.60 -21.36 -34.50
CA ILE E 123 10.57 -19.90 -34.59
C ILE E 123 9.13 -19.47 -34.34
N MSE E 124 8.93 -18.48 -33.49
CA MSE E 124 7.59 -18.02 -33.19
C MSE E 124 7.53 -16.52 -33.17
O MSE E 124 8.46 -15.87 -32.73
CB MSE E 124 7.12 -18.57 -31.85
CG MSE E 124 5.70 -18.23 -31.50
SE MSE E 124 5.49 -16.61 -30.43
CE MSE E 124 5.47 -17.49 -28.73
N ILE E 125 6.43 -15.96 -33.64
CA ILE E 125 6.27 -14.54 -33.63
C ILE E 125 4.93 -14.16 -33.07
N HIS E 126 4.85 -12.97 -32.48
CA HIS E 126 3.60 -12.48 -31.93
C HIS E 126 3.71 -11.03 -31.49
N GLN E 127 2.61 -10.45 -31.04
CA GLN E 127 2.60 -9.08 -30.54
C GLN E 127 3.20 -8.93 -29.13
N PRO E 128 3.59 -7.71 -28.77
CA PRO E 128 4.20 -7.45 -27.44
C PRO E 128 3.23 -7.62 -26.27
N LEU E 129 3.79 -7.88 -25.09
CA LEU E 129 3.00 -8.02 -23.87
C LEU E 129 3.48 -7.01 -22.82
N GLY E 130 2.54 -6.49 -22.03
CA GLY E 130 2.92 -5.61 -20.93
C GLY E 130 1.73 -5.32 -20.07
N GLY E 131 1.52 -4.03 -19.80
CA GLY E 131 0.32 -3.57 -19.14
C GLY E 131 0.61 -3.00 -17.76
N PHE E 132 -0.03 -1.89 -17.44
CA PHE E 132 0.24 -1.16 -16.23
C PHE E 132 -0.93 -1.32 -15.26
N ARG E 133 -0.69 -0.97 -14.01
CA ARG E 133 -1.75 -0.78 -13.03
C ARG E 133 -1.69 0.67 -12.57
N GLY E 134 -2.85 1.32 -12.51
CA GLY E 134 -2.90 2.65 -11.98
C GLY E 134 -4.09 3.46 -12.46
N GLN E 135 -3.91 4.78 -12.46
CA GLN E 135 -4.92 5.69 -12.98
C GLN E 135 -5.14 5.47 -14.47
N ALA E 136 -6.39 5.69 -14.87
CA ALA E 136 -6.79 5.63 -16.27
C ALA E 136 -5.84 6.45 -17.16
N SER E 137 -5.54 7.68 -16.71
CA SER E 137 -4.58 8.55 -17.41
C SER E 137 -3.28 7.82 -17.71
N ASP E 138 -2.73 7.16 -16.70
CA ASP E 138 -1.45 6.46 -16.86
C ASP E 138 -1.58 5.22 -17.73
N ILE E 139 -2.68 4.50 -17.57
CA ILE E 139 -2.96 3.33 -18.38
C ILE E 139 -3.05 3.74 -19.86
N GLU E 140 -3.71 4.86 -20.14
CA GLU E 140 -3.84 5.35 -21.51
C GLU E 140 -2.48 5.70 -22.14
N ILE E 141 -1.62 6.34 -21.36
CA ILE E 141 -0.26 6.62 -21.83
C ILE E 141 0.49 5.34 -22.15
N HIS E 142 0.52 4.38 -21.24
CA HIS E 142 1.26 3.14 -21.51
C HIS E 142 0.62 2.29 -22.60
N ALA E 143 -0.71 2.35 -22.70
CA ALA E 143 -1.44 1.72 -23.81
C ALA E 143 -1.00 2.29 -25.17
N LYS E 144 -1.08 3.63 -25.30
CA LYS E 144 -0.68 4.30 -26.54
C LYS E 144 0.76 3.96 -26.91
N ASN E 145 1.65 3.92 -25.92
CA ASN E 145 3.03 3.61 -26.18
C ASN E 145 3.22 2.16 -26.64
N ILE E 146 2.50 1.22 -26.02
CA ILE E 146 2.69 -0.17 -26.43
C ILE E 146 2.08 -0.42 -27.81
N LEU E 147 1.07 0.35 -28.18
CA LEU E 147 0.55 0.22 -29.53
C LEU E 147 1.53 0.74 -30.59
N ARG E 148 2.31 1.77 -30.27
CA ARG E 148 3.35 2.25 -31.19
C ARG E 148 4.41 1.20 -31.33
N ILE E 149 4.92 0.77 -30.19
CA ILE E 149 5.90 -0.27 -30.18
C ILE E 149 5.42 -1.43 -31.05
N LYS E 150 4.15 -1.82 -30.91
CA LYS E 150 3.59 -2.97 -31.65
C LYS E 150 3.76 -2.79 -33.17
N ASP E 151 3.25 -1.67 -33.66
CA ASP E 151 3.36 -1.26 -35.04
C ASP E 151 4.82 -1.24 -35.49
N ARG E 152 5.69 -0.66 -34.68
CA ARG E 152 7.10 -0.60 -35.00
C ARG E 152 7.75 -1.97 -35.23
N LEU E 153 7.51 -2.92 -34.33
CA LEU E 153 8.05 -4.28 -34.52
C LEU E 153 7.44 -4.97 -35.74
N ASN E 154 6.16 -4.76 -35.95
CA ASN E 154 5.51 -5.21 -37.15
C ASN E 154 6.21 -4.69 -38.41
N LYS E 155 6.59 -3.42 -38.43
CA LYS E 155 7.29 -2.87 -39.61
C LYS E 155 8.66 -3.51 -39.80
N VAL E 156 9.36 -3.74 -38.70
CA VAL E 156 10.65 -4.41 -38.74
C VAL E 156 10.53 -5.81 -39.35
N LEU E 157 9.59 -6.60 -38.84
CA LEU E 157 9.31 -7.91 -39.44
C LEU E 157 8.99 -7.80 -40.94
N ALA E 158 8.10 -6.88 -41.29
CA ALA E 158 7.77 -6.71 -42.69
C ALA E 158 9.03 -6.41 -43.51
N HIS E 159 9.83 -5.46 -43.03
CA HIS E 159 11.06 -5.10 -43.72
C HIS E 159 11.99 -6.28 -44.01
N HIS E 160 12.36 -7.06 -42.98
CA HIS E 160 13.30 -8.17 -43.14
C HIS E 160 12.71 -9.44 -43.77
N THR E 161 11.40 -9.65 -43.64
CA THR E 161 10.76 -10.80 -44.28
C THR E 161 10.34 -10.54 -45.73
N GLY E 162 10.20 -9.27 -46.11
CA GLY E 162 9.70 -8.93 -47.45
C GLY E 162 8.20 -9.12 -47.53
N GLN E 163 7.58 -9.35 -46.39
CA GLN E 163 6.14 -9.56 -46.28
C GLN E 163 5.41 -8.20 -46.26
N ASP E 164 4.14 -8.16 -46.69
CA ASP E 164 3.32 -6.94 -46.52
C ASP E 164 2.94 -6.74 -45.05
N LEU E 165 2.87 -5.49 -44.60
CA LEU E 165 2.55 -5.19 -43.21
C LEU E 165 1.24 -5.85 -42.75
N GLU E 166 0.21 -5.75 -43.58
CA GLU E 166 -1.08 -6.33 -43.24
C GLU E 166 -0.90 -7.80 -42.89
N THR E 167 -0.06 -8.48 -43.64
CA THR E 167 0.21 -9.89 -43.40
C THR E 167 0.89 -10.11 -42.03
N ILE E 168 1.95 -9.36 -41.76
CA ILE E 168 2.62 -9.46 -40.45
C ILE E 168 1.64 -9.22 -39.32
N VAL E 169 0.82 -8.16 -39.46
CA VAL E 169 -0.16 -7.84 -38.44
C VAL E 169 -1.11 -9.01 -38.18
N LYS E 170 -1.72 -9.50 -39.25
CA LYS E 170 -2.62 -10.65 -39.15
C LYS E 170 -1.93 -11.84 -38.47
N ASP E 171 -0.68 -12.10 -38.85
CA ASP E 171 0.02 -13.32 -38.41
C ASP E 171 0.64 -13.26 -37.01
N THR E 172 0.68 -12.07 -36.42
CA THR E 172 1.27 -11.98 -35.09
C THR E 172 0.25 -11.63 -33.99
N ASP E 173 -1.05 -11.65 -34.33
CA ASP E 173 -2.10 -11.36 -33.37
C ASP E 173 -2.06 -12.37 -32.22
N ARG E 174 -1.71 -13.60 -32.55
CA ARG E 174 -1.59 -14.68 -31.59
C ARG E 174 -0.30 -15.43 -31.84
N ASP E 175 0.15 -16.21 -30.88
CA ASP E 175 1.42 -16.88 -31.04
C ASP E 175 1.39 -17.66 -32.32
N ASN E 176 2.44 -17.50 -33.12
CA ASN E 176 2.55 -18.20 -34.38
C ASN E 176 3.81 -19.03 -34.37
N PHE E 177 3.65 -20.34 -34.47
CA PHE E 177 4.80 -21.23 -34.40
C PHE E 177 5.14 -21.79 -35.76
N MSE E 178 6.39 -21.63 -36.16
CA MSE E 178 6.86 -22.21 -37.43
C MSE E 178 8.08 -23.09 -37.22
O MSE E 178 8.92 -22.84 -36.33
CB MSE E 178 7.24 -21.15 -38.46
CG MSE E 178 6.36 -19.94 -38.40
SE MSE E 178 6.54 -18.75 -39.91
CE MSE E 178 6.13 -17.10 -38.96
N MSE E 179 8.20 -24.09 -38.08
CA MSE E 179 9.40 -24.89 -38.21
C MSE E 179 10.39 -24.12 -39.06
O MSE E 179 10.02 -23.13 -39.69
CB MSE E 179 9.07 -26.22 -38.87
CG MSE E 179 7.99 -27.04 -38.17
SE MSE E 179 8.35 -27.34 -36.26
CE MSE E 179 6.84 -28.48 -35.88
N ALA E 180 11.63 -24.59 -39.10
CA ALA E 180 12.68 -23.97 -39.91
C ALA E 180 12.30 -23.80 -41.38
N ASP E 181 11.73 -24.84 -42.00
CA ASP E 181 11.37 -24.69 -43.40
C ASP E 181 10.24 -23.67 -43.59
N GLU E 182 9.32 -23.58 -42.64
CA GLU E 182 8.20 -22.64 -42.78
C GLU E 182 8.69 -21.21 -42.64
N ALA E 183 9.63 -21.01 -41.72
CA ALA E 183 10.22 -19.71 -41.47
C ALA E 183 10.99 -19.21 -42.67
N LYS E 184 11.66 -20.11 -43.38
CA LYS E 184 12.46 -19.69 -44.51
C LYS E 184 11.51 -19.25 -45.60
N ALA E 185 10.39 -19.95 -45.70
CA ALA E 185 9.39 -19.64 -46.72
C ALA E 185 8.67 -18.33 -46.41
N TYR E 186 8.53 -18.03 -45.12
CA TYR E 186 7.89 -16.79 -44.68
C TYR E 186 8.84 -15.59 -44.79
N GLY E 187 10.13 -15.88 -44.90
CA GLY E 187 11.13 -14.85 -45.05
C GLY E 187 11.88 -14.48 -43.79
N LEU E 188 11.65 -15.19 -42.69
CA LEU E 188 12.30 -14.90 -41.41
C LEU E 188 13.77 -15.31 -41.38
N ILE E 189 14.11 -16.32 -42.18
CA ILE E 189 15.50 -16.70 -42.41
C ILE E 189 15.71 -16.93 -43.92
N ASP E 190 16.97 -16.95 -44.34
CA ASP E 190 17.29 -17.20 -45.73
C ASP E 190 17.55 -18.67 -46.01
N HIS E 191 18.05 -19.41 -45.01
CA HIS E 191 18.48 -20.80 -45.24
C HIS E 191 18.31 -21.73 -44.06
N VAL E 192 17.70 -22.88 -44.30
CA VAL E 192 17.77 -23.97 -43.35
C VAL E 192 19.06 -24.74 -43.60
N ILE E 193 19.85 -24.95 -42.55
CA ILE E 193 21.17 -25.56 -42.71
C ILE E 193 21.31 -26.84 -41.84
N GLU E 194 21.61 -27.97 -42.48
CA GLU E 194 21.56 -29.29 -41.81
C GLU E 194 22.93 -29.98 -41.58
N SER E 195 23.94 -29.61 -42.35
CA SER E 195 25.25 -30.24 -42.26
C SER E 195 26.29 -29.23 -42.68
N ARG E 196 27.40 -29.14 -41.96
CA ARG E 196 28.35 -28.07 -42.27
C ARG E 196 28.96 -28.26 -43.64
N GLU E 197 29.15 -29.52 -44.03
CA GLU E 197 29.83 -29.87 -45.27
C GLU E 197 29.03 -29.47 -46.52
N ALA E 198 27.70 -29.57 -46.44
CA ALA E 198 26.82 -29.31 -47.58
C ALA E 198 26.68 -27.81 -47.89
N VAL F 7 -25.70 -9.54 7.45
CA VAL F 7 -26.95 -10.13 6.94
C VAL F 7 -28.12 -9.82 7.86
N PRO F 8 -28.82 -8.71 7.59
CA PRO F 8 -29.83 -8.23 8.56
C PRO F 8 -31.09 -9.10 8.66
N THR F 9 -31.69 -9.17 9.85
CA THR F 9 -32.99 -9.85 10.12
C THR F 9 -34.23 -8.96 9.89
N VAL F 10 -35.20 -9.41 9.10
CA VAL F 10 -36.45 -8.65 8.97
C VAL F 10 -37.70 -9.46 9.31
N ILE F 11 -38.70 -8.77 9.88
CA ILE F 11 -39.89 -9.40 10.43
C ILE F 11 -40.63 -10.35 9.47
N PHE F 21 -35.89 -13.88 9.53
CA PHE F 21 -34.77 -14.42 8.75
C PHE F 21 -34.00 -13.29 8.08
N ASP F 22 -32.96 -13.62 7.31
CA ASP F 22 -32.18 -12.56 6.66
C ASP F 22 -32.91 -11.84 5.49
N ILE F 23 -32.33 -10.73 5.07
CA ILE F 23 -32.92 -9.92 4.02
C ILE F 23 -33.01 -10.67 2.67
N TYR F 24 -32.01 -11.51 2.36
CA TYR F 24 -32.10 -12.43 1.21
C TYR F 24 -33.26 -13.40 1.29
N SER F 25 -33.50 -13.95 2.47
CA SER F 25 -34.62 -14.87 2.68
C SER F 25 -35.94 -14.14 2.54
N ARG F 26 -35.98 -12.93 3.09
CA ARG F 26 -37.12 -12.05 2.88
C ARG F 26 -37.42 -11.78 1.39
N LEU F 27 -36.41 -11.41 0.61
CA LEU F 27 -36.63 -11.14 -0.79
C LEU F 27 -36.94 -12.42 -1.56
N LEU F 28 -36.53 -13.56 -1.01
CA LEU F 28 -36.89 -14.83 -1.62
C LEU F 28 -38.40 -15.10 -1.48
N LYS F 29 -38.99 -14.59 -0.40
CA LYS F 29 -40.43 -14.73 -0.19
C LYS F 29 -41.20 -14.03 -1.32
N GLU F 30 -40.55 -13.06 -1.95
CA GLU F 30 -41.09 -12.35 -3.12
C GLU F 30 -40.51 -12.81 -4.47
N ARG F 31 -39.84 -13.96 -4.47
CA ARG F 31 -39.36 -14.58 -5.72
C ARG F 31 -38.20 -13.80 -6.37
N ILE F 32 -37.39 -13.17 -5.53
CA ILE F 32 -36.21 -12.47 -5.98
C ILE F 32 -35.00 -13.29 -5.59
N VAL F 33 -34.14 -13.57 -6.56
CA VAL F 33 -32.94 -14.38 -6.36
C VAL F 33 -31.72 -13.61 -6.90
N PHE F 34 -30.62 -13.69 -6.17
CA PHE F 34 -29.38 -13.01 -6.56
C PHE F 34 -28.26 -13.95 -6.92
N LEU F 35 -27.62 -13.68 -8.04
CA LEU F 35 -26.29 -14.22 -8.29
C LEU F 35 -25.34 -13.04 -8.13
N ASN F 36 -24.48 -13.13 -7.15
CA ASN F 36 -23.62 -12.02 -6.78
C ASN F 36 -22.20 -12.51 -6.54
N GLY F 37 -21.25 -12.00 -7.29
CA GLY F 37 -19.88 -12.49 -7.20
C GLY F 37 -19.67 -13.59 -8.23
N GLU F 38 -18.57 -14.32 -8.12
CA GLU F 38 -18.16 -15.27 -9.15
C GLU F 38 -19.08 -16.49 -9.21
N VAL F 39 -19.20 -17.09 -10.38
CA VAL F 39 -19.88 -18.36 -10.57
C VAL F 39 -18.92 -19.51 -10.22
N ASN F 40 -19.24 -20.24 -9.15
CA ASN F 40 -18.53 -21.46 -8.80
C ASN F 40 -19.57 -22.49 -8.44
N ASP F 41 -19.13 -23.67 -8.02
CA ASP F 41 -20.06 -24.73 -7.70
C ASP F 41 -21.02 -24.28 -6.62
N HIS F 42 -20.45 -23.79 -5.52
CA HIS F 42 -21.27 -23.38 -4.37
C HIS F 42 -22.30 -22.34 -4.74
N SER F 43 -21.85 -21.30 -5.46
CA SER F 43 -22.69 -20.15 -5.73
C SER F 43 -23.77 -20.52 -6.74
N ALA F 44 -23.41 -21.38 -7.69
CA ALA F 44 -24.33 -21.91 -8.70
C ALA F 44 -25.40 -22.77 -8.04
N ASN F 45 -24.99 -23.70 -7.20
CA ASN F 45 -25.96 -24.59 -6.55
C ASN F 45 -26.99 -23.84 -5.73
N LEU F 46 -26.55 -22.84 -4.96
CA LEU F 46 -27.47 -21.99 -4.22
C LEU F 46 -28.60 -21.43 -5.10
N VAL F 47 -28.22 -20.88 -6.24
CA VAL F 47 -29.20 -20.37 -7.20
C VAL F 47 -30.13 -21.48 -7.65
N ILE F 48 -29.56 -22.63 -8.00
CA ILE F 48 -30.34 -23.73 -8.54
C ILE F 48 -31.33 -24.14 -7.49
N ALA F 49 -30.84 -24.30 -6.26
CA ALA F 49 -31.70 -24.72 -5.15
C ALA F 49 -32.85 -23.75 -5.01
N GLN F 50 -32.56 -22.46 -5.07
CA GLN F 50 -33.61 -21.47 -4.93
C GLN F 50 -34.59 -21.48 -6.11
N LEU F 51 -34.10 -21.81 -7.31
CA LEU F 51 -35.00 -21.87 -8.44
C LEU F 51 -35.95 -23.02 -8.21
N LEU F 52 -35.42 -24.17 -7.79
CA LEU F 52 -36.26 -25.35 -7.63
C LEU F 52 -37.30 -25.09 -6.56
N PHE F 53 -36.87 -24.45 -5.49
CA PHE F 53 -37.78 -24.13 -4.39
C PHE F 53 -38.94 -23.23 -4.82
N LEU F 54 -38.61 -22.13 -5.51
CA LEU F 54 -39.60 -21.16 -5.95
C LEU F 54 -40.61 -21.79 -6.88
N GLU F 55 -40.20 -22.88 -7.52
CA GLU F 55 -41.04 -23.61 -8.45
C GLU F 55 -42.02 -24.46 -7.65
N SER F 56 -41.50 -25.20 -6.67
CA SER F 56 -42.34 -25.89 -5.69
C SER F 56 -43.43 -24.99 -5.18
N GLU F 57 -43.05 -23.80 -4.73
CA GLU F 57 -44.02 -22.89 -4.17
C GLU F 57 -45.07 -22.44 -5.16
N ASP F 58 -44.65 -22.07 -6.35
CA ASP F 58 -45.59 -21.63 -7.37
C ASP F 58 -45.03 -21.77 -8.77
N PRO F 59 -45.52 -22.75 -9.50
CA PRO F 59 -45.04 -23.08 -10.83
C PRO F 59 -45.24 -22.01 -11.87
N ASP F 60 -46.34 -21.28 -11.80
CA ASP F 60 -46.62 -20.28 -12.81
C ASP F 60 -46.21 -18.85 -12.52
N LYS F 61 -45.67 -18.59 -11.34
CA LYS F 61 -45.31 -17.23 -11.00
C LYS F 61 -43.88 -16.88 -11.46
N ASP F 62 -43.72 -15.68 -11.95
CA ASP F 62 -42.43 -15.22 -12.45
C ASP F 62 -41.42 -15.13 -11.34
N ILE F 63 -40.16 -15.38 -11.71
CA ILE F 63 -39.02 -15.22 -10.81
C ILE F 63 -38.15 -14.08 -11.29
N TYR F 64 -37.62 -13.30 -10.35
CA TYR F 64 -36.76 -12.18 -10.72
C TYR F 64 -35.31 -12.47 -10.33
N PHE F 65 -34.48 -12.69 -11.35
CA PHE F 65 -33.12 -13.14 -11.14
C PHE F 65 -32.12 -11.97 -11.33
N TYR F 66 -31.57 -11.50 -10.21
CA TYR F 66 -30.65 -10.39 -10.27
C TYR F 66 -29.19 -10.83 -10.45
N ILE F 67 -28.50 -10.24 -11.44
CA ILE F 67 -27.14 -10.63 -11.76
C ILE F 67 -26.10 -9.50 -11.62
N ASN F 68 -25.11 -9.75 -10.80
CA ASN F 68 -23.93 -8.92 -10.72
C ASN F 68 -22.78 -9.91 -10.61
N SER F 69 -22.21 -10.30 -11.74
CA SER F 69 -21.21 -11.37 -11.73
C SER F 69 -20.11 -11.20 -12.80
N PRO F 70 -18.85 -11.44 -12.40
CA PRO F 70 -17.76 -11.55 -13.38
C PRO F 70 -17.75 -12.91 -14.14
N GLY F 71 -18.76 -13.76 -13.96
CA GLY F 71 -18.68 -15.12 -14.47
C GLY F 71 -17.88 -16.04 -13.58
N GLY F 72 -17.36 -17.13 -14.15
CA GLY F 72 -16.57 -18.08 -13.38
C GLY F 72 -16.62 -19.42 -14.09
N MSE F 73 -16.97 -20.46 -13.35
CA MSE F 73 -16.97 -21.80 -13.89
C MSE F 73 -18.13 -22.09 -14.89
O MSE F 73 -19.32 -21.93 -14.58
CB MSE F 73 -16.93 -22.83 -12.77
CG MSE F 73 -16.82 -24.27 -13.25
SE MSE F 73 -16.69 -25.53 -11.75
CE MSE F 73 -15.86 -24.32 -10.47
N VAL F 74 -17.75 -22.55 -16.08
CA VAL F 74 -18.69 -22.82 -17.15
C VAL F 74 -19.68 -23.92 -16.80
N THR F 75 -19.18 -25.04 -16.27
CA THR F 75 -20.06 -26.19 -15.98
C THR F 75 -21.06 -25.81 -14.93
N ALA F 76 -20.60 -25.15 -13.87
CA ALA F 76 -21.50 -24.68 -12.81
C ALA F 76 -22.55 -23.74 -13.41
N GLY F 77 -22.09 -22.82 -14.25
CA GLY F 77 -22.96 -21.86 -14.90
C GLY F 77 -24.02 -22.51 -15.77
N MSE F 78 -23.61 -23.49 -16.58
CA MSE F 78 -24.53 -24.16 -17.49
C MSE F 78 -25.62 -24.88 -16.73
O MSE F 78 -26.74 -24.96 -17.20
CB MSE F 78 -23.81 -25.09 -18.48
CG MSE F 78 -22.99 -24.34 -19.52
SE MSE F 78 -23.96 -22.81 -20.38
CE MSE F 78 -25.51 -23.80 -21.09
N GLY F 79 -25.30 -25.37 -15.53
CA GLY F 79 -26.31 -25.97 -14.66
C GLY F 79 -27.37 -24.94 -14.32
N VAL F 80 -26.95 -23.71 -14.05
CA VAL F 80 -27.92 -22.67 -13.73
C VAL F 80 -28.72 -22.31 -14.98
N TYR F 81 -28.02 -22.16 -16.10
CA TYR F 81 -28.67 -21.84 -17.35
C TYR F 81 -29.74 -22.91 -17.68
N ASP F 82 -29.35 -24.19 -17.62
CA ASP F 82 -30.31 -25.27 -17.88
C ASP F 82 -31.48 -25.21 -16.90
N THR F 83 -31.20 -25.03 -15.62
CA THR F 83 -32.28 -25.03 -14.64
C THR F 83 -33.29 -23.92 -14.94
N MSE F 84 -32.79 -22.75 -15.34
CA MSE F 84 -33.64 -21.65 -15.80
C MSE F 84 -34.56 -22.06 -16.92
O MSE F 84 -35.73 -21.65 -16.95
CB MSE F 84 -32.81 -20.43 -16.24
CG MSE F 84 -31.87 -19.85 -15.15
SE MSE F 84 -30.73 -18.43 -15.83
CE MSE F 84 -32.02 -17.43 -16.90
N GLN F 85 -34.06 -22.85 -17.88
CA GLN F 85 -34.91 -23.30 -18.98
C GLN F 85 -35.77 -24.50 -18.57
N PHE F 86 -35.31 -25.26 -17.60
CA PHE F 86 -36.02 -26.48 -17.18
C PHE F 86 -37.30 -26.22 -16.37
N ILE F 87 -37.25 -25.30 -15.42
CA ILE F 87 -38.40 -25.02 -14.58
C ILE F 87 -39.52 -24.29 -15.34
N LYS F 88 -40.76 -24.48 -14.90
CA LYS F 88 -41.93 -23.88 -15.57
C LYS F 88 -41.88 -22.35 -15.53
N PRO F 89 -41.71 -21.80 -14.33
CA PRO F 89 -41.66 -20.33 -14.19
C PRO F 89 -40.73 -19.68 -15.21
N ASP F 90 -41.20 -18.61 -15.84
CA ASP F 90 -40.28 -17.71 -16.53
C ASP F 90 -39.31 -17.05 -15.53
N VAL F 91 -38.02 -17.17 -15.82
CA VAL F 91 -37.02 -16.50 -15.00
C VAL F 91 -36.59 -15.23 -15.73
N SER F 92 -36.97 -14.10 -15.19
CA SER F 92 -36.59 -12.83 -15.77
C SER F 92 -35.21 -12.47 -15.23
N THR F 93 -34.35 -11.90 -16.07
CA THR F 93 -33.01 -11.55 -15.59
C THR F 93 -32.82 -10.03 -15.53
N ILE F 94 -32.17 -9.55 -14.47
CA ILE F 94 -31.86 -8.11 -14.32
C ILE F 94 -30.39 -7.91 -13.94
N CYS F 95 -29.61 -7.34 -14.85
CA CYS F 95 -28.23 -7.01 -14.56
C CYS F 95 -28.09 -5.72 -13.70
N ILE F 96 -27.50 -5.87 -12.53
CA ILE F 96 -27.38 -4.77 -11.57
C ILE F 96 -25.96 -4.28 -11.33
N GLY F 97 -25.10 -4.38 -12.32
CA GLY F 97 -23.74 -3.89 -12.17
C GLY F 97 -22.81 -4.46 -13.20
N LEU F 98 -22.58 -5.76 -13.14
CA LEU F 98 -21.73 -6.40 -14.11
C LEU F 98 -22.26 -7.76 -14.52
N ALA F 99 -22.18 -8.04 -15.80
CA ALA F 99 -22.48 -9.37 -16.31
C ALA F 99 -21.41 -9.67 -17.36
N ALA F 100 -20.38 -10.39 -16.94
CA ALA F 100 -19.30 -10.77 -17.85
C ALA F 100 -19.18 -12.28 -17.83
N SER F 101 -18.66 -12.82 -18.92
CA SER F 101 -18.40 -14.25 -19.01
C SER F 101 -19.70 -15.02 -18.79
N MSE F 102 -19.70 -16.05 -17.95
CA MSE F 102 -20.93 -16.80 -17.67
C MSE F 102 -22.05 -15.90 -17.14
O MSE F 102 -23.21 -16.23 -17.23
CB MSE F 102 -20.68 -17.93 -16.66
CG MSE F 102 -19.90 -19.10 -17.24
SE MSE F 102 -20.74 -19.85 -18.88
CE MSE F 102 -22.41 -20.31 -18.07
N GLY F 103 -21.69 -14.76 -16.56
CA GLY F 103 -22.69 -13.86 -16.02
C GLY F 103 -23.56 -13.32 -17.16
N SER F 104 -22.91 -12.98 -18.26
CA SER F 104 -23.60 -12.38 -19.39
C SER F 104 -24.38 -13.45 -20.12
N LEU F 105 -23.93 -14.69 -20.02
CA LEU F 105 -24.69 -15.77 -20.60
C LEU F 105 -26.01 -16.01 -19.83
N LEU F 106 -25.95 -16.04 -18.50
CA LEU F 106 -27.17 -16.23 -17.72
C LEU F 106 -28.15 -15.07 -17.93
N LEU F 107 -27.63 -13.84 -18.00
CA LEU F 107 -28.48 -12.69 -18.31
C LEU F 107 -29.23 -12.86 -19.65
N ALA F 108 -28.52 -13.30 -20.68
CA ALA F 108 -29.10 -13.44 -22.03
C ALA F 108 -30.02 -14.64 -22.12
N GLY F 109 -29.91 -15.55 -21.15
CA GLY F 109 -30.67 -16.77 -21.20
C GLY F 109 -31.97 -16.67 -20.43
N GLY F 110 -32.27 -15.50 -19.87
CA GLY F 110 -33.56 -15.26 -19.24
C GLY F 110 -34.73 -15.37 -20.21
N ALA F 111 -35.97 -15.40 -19.69
CA ALA F 111 -37.17 -15.53 -20.52
C ALA F 111 -37.27 -14.45 -21.59
N LYS F 112 -37.71 -14.87 -22.79
CA LYS F 112 -37.91 -13.95 -23.93
C LYS F 112 -38.67 -12.70 -23.50
N GLY F 113 -38.10 -11.54 -23.80
CA GLY F 113 -38.74 -10.28 -23.46
C GLY F 113 -38.60 -9.82 -22.01
N LYS F 114 -37.99 -10.66 -21.16
CA LYS F 114 -37.84 -10.36 -19.75
C LYS F 114 -36.39 -10.21 -19.33
N ARG F 115 -35.55 -9.70 -20.21
CA ARG F 115 -34.15 -9.51 -19.88
C ARG F 115 -33.86 -8.02 -19.70
N TYR F 116 -33.44 -7.65 -18.49
CA TYR F 116 -33.29 -6.25 -18.14
C TYR F 116 -31.89 -5.88 -17.69
N SER F 117 -31.52 -4.63 -17.96
CA SER F 117 -30.36 -4.05 -17.33
C SER F 117 -30.68 -2.66 -16.81
N LEU F 118 -30.03 -2.31 -15.71
CA LEU F 118 -30.07 -0.96 -15.20
C LEU F 118 -29.15 -0.15 -16.08
N PRO F 119 -29.25 1.18 -16.02
CA PRO F 119 -28.60 1.96 -17.06
C PRO F 119 -27.07 1.91 -17.04
N SER F 120 -26.46 1.77 -15.86
CA SER F 120 -25.01 1.90 -15.72
C SER F 120 -24.24 0.58 -15.75
N SER F 121 -24.95 -0.51 -16.06
CA SER F 121 -24.34 -1.82 -16.09
C SER F 121 -23.34 -2.02 -17.22
N GLN F 122 -22.29 -2.78 -16.93
CA GLN F 122 -21.36 -3.23 -17.94
C GLN F 122 -21.65 -4.68 -18.28
N ILE F 123 -21.70 -5.00 -19.56
CA ILE F 123 -21.94 -6.38 -19.97
C ILE F 123 -20.85 -6.84 -20.92
N MSE F 124 -20.23 -7.97 -20.60
CA MSE F 124 -19.05 -8.41 -21.36
C MSE F 124 -19.19 -9.85 -21.81
O MSE F 124 -19.64 -10.72 -21.06
CB MSE F 124 -17.78 -8.24 -20.51
CG MSE F 124 -16.49 -8.48 -21.27
SE MSE F 124 -15.79 -10.33 -21.09
CE MSE F 124 -14.70 -9.93 -19.50
N ILE F 125 -18.87 -10.12 -23.07
CA ILE F 125 -18.84 -11.47 -23.59
C ILE F 125 -17.43 -11.75 -24.11
N HIS F 126 -17.01 -13.01 -24.04
CA HIS F 126 -15.70 -13.44 -24.51
C HIS F 126 -15.71 -14.97 -24.65
N GLN F 127 -14.59 -15.57 -25.10
CA GLN F 127 -14.51 -17.04 -25.19
C GLN F 127 -14.01 -17.65 -23.86
N PRO F 128 -14.23 -18.96 -23.68
CA PRO F 128 -13.82 -19.59 -22.43
C PRO F 128 -12.30 -19.61 -22.24
N LEU F 129 -11.91 -19.62 -20.98
CA LEU F 129 -10.52 -19.79 -20.60
C LEU F 129 -10.34 -21.14 -19.91
N GLY F 130 -9.15 -21.70 -20.02
CA GLY F 130 -8.91 -23.03 -19.49
C GLY F 130 -7.43 -23.25 -19.30
N GLY F 131 -7.09 -24.42 -18.79
CA GLY F 131 -5.68 -24.72 -18.61
C GLY F 131 -5.50 -26.20 -18.43
N PHE F 132 -4.62 -26.79 -19.22
CA PHE F 132 -4.17 -28.12 -18.89
C PHE F 132 -2.66 -28.32 -19.04
N ARG F 133 -2.07 -28.97 -18.05
CA ARG F 133 -0.67 -29.34 -18.12
C ARG F 133 -0.56 -30.86 -18.07
N GLY F 134 0.31 -31.41 -18.90
CA GLY F 134 0.51 -32.84 -18.92
C GLY F 134 0.98 -33.39 -20.26
N GLN F 135 0.73 -34.67 -20.48
CA GLN F 135 1.04 -35.31 -21.74
C GLN F 135 0.30 -34.66 -22.91
N ALA F 136 0.97 -34.70 -24.07
CA ALA F 136 0.40 -34.26 -25.36
C ALA F 136 -0.99 -34.85 -25.61
N SER F 137 -1.17 -36.15 -25.43
CA SER F 137 -2.50 -36.79 -25.53
C SER F 137 -3.55 -36.11 -24.65
N ASP F 138 -3.20 -35.88 -23.39
CA ASP F 138 -4.15 -35.27 -22.46
C ASP F 138 -4.43 -33.81 -22.81
N ILE F 139 -3.39 -33.07 -23.19
CA ILE F 139 -3.58 -31.71 -23.70
C ILE F 139 -4.54 -31.74 -24.92
N GLU F 140 -4.32 -32.68 -25.85
CA GLU F 140 -5.18 -32.80 -27.03
C GLU F 140 -6.66 -33.00 -26.65
N ILE F 141 -6.91 -34.00 -25.82
CA ILE F 141 -8.27 -34.30 -25.35
C ILE F 141 -8.98 -33.07 -24.76
N HIS F 142 -8.29 -32.34 -23.89
CA HIS F 142 -8.87 -31.19 -23.21
C HIS F 142 -9.03 -29.98 -24.15
N ALA F 143 -8.05 -29.81 -25.04
CA ALA F 143 -8.10 -28.77 -26.07
C ALA F 143 -9.39 -28.98 -26.89
N LYS F 144 -9.54 -30.17 -27.48
CA LYS F 144 -10.75 -30.55 -28.21
C LYS F 144 -12.05 -30.25 -27.46
N ASN F 145 -12.08 -30.57 -26.17
CA ASN F 145 -13.29 -30.33 -25.41
C ASN F 145 -13.59 -28.86 -25.14
N ILE F 146 -12.57 -28.07 -24.81
CA ILE F 146 -12.82 -26.64 -24.62
C ILE F 146 -13.25 -26.00 -25.94
N LEU F 147 -12.72 -26.48 -27.06
CA LEU F 147 -13.22 -26.01 -28.33
C LEU F 147 -14.72 -26.34 -28.53
N ARG F 148 -15.15 -27.55 -28.16
CA ARG F 148 -16.59 -27.89 -28.27
C ARG F 148 -17.42 -26.95 -27.42
N ILE F 149 -16.94 -26.71 -26.21
CA ILE F 149 -17.61 -25.83 -25.28
C ILE F 149 -17.64 -24.37 -25.76
N LYS F 150 -16.53 -23.92 -26.37
CA LYS F 150 -16.49 -22.59 -26.98
C LYS F 150 -17.63 -22.50 -28.00
N ASP F 151 -17.74 -23.53 -28.82
CA ASP F 151 -18.71 -23.59 -29.90
C ASP F 151 -20.14 -23.55 -29.36
N ARG F 152 -20.46 -24.42 -28.40
CA ARG F 152 -21.79 -24.45 -27.82
C ARG F 152 -22.17 -23.12 -27.16
N LEU F 153 -21.21 -22.49 -26.49
CA LEU F 153 -21.47 -21.20 -25.87
C LEU F 153 -21.79 -20.15 -26.92
N ASN F 154 -21.01 -20.12 -28.00
CA ASN F 154 -21.35 -19.21 -29.10
C ASN F 154 -22.74 -19.48 -29.67
N LYS F 155 -23.10 -20.76 -29.74
CA LYS F 155 -24.44 -21.14 -30.21
C LYS F 155 -25.55 -20.67 -29.27
N VAL F 156 -25.33 -20.82 -27.97
CA VAL F 156 -26.31 -20.36 -27.00
C VAL F 156 -26.55 -18.84 -27.12
N LEU F 157 -25.47 -18.07 -27.21
CA LEU F 157 -25.57 -16.62 -27.36
C LEU F 157 -26.26 -16.26 -28.67
N ALA F 158 -25.91 -16.96 -29.75
CA ALA F 158 -26.54 -16.66 -31.04
C ALA F 158 -28.05 -16.84 -30.96
N HIS F 159 -28.48 -17.92 -30.32
CA HIS F 159 -29.90 -18.24 -30.20
C HIS F 159 -30.64 -17.17 -29.40
N HIS F 160 -30.09 -16.75 -28.27
CA HIS F 160 -30.80 -15.79 -27.44
C HIS F 160 -30.70 -14.35 -27.94
N THR F 161 -29.64 -14.01 -28.68
CA THR F 161 -29.50 -12.65 -29.22
C THR F 161 -30.25 -12.39 -30.52
N GLY F 162 -30.31 -13.37 -31.40
CA GLY F 162 -30.91 -13.18 -32.72
C GLY F 162 -29.80 -12.99 -33.74
N GLN F 163 -28.58 -12.82 -33.24
CA GLN F 163 -27.37 -12.66 -34.04
C GLN F 163 -27.02 -13.92 -34.84
N ASP F 164 -26.27 -13.75 -35.93
CA ASP F 164 -25.74 -14.90 -36.67
C ASP F 164 -24.58 -15.51 -35.89
N LEU F 165 -24.43 -16.82 -35.99
CA LEU F 165 -23.33 -17.50 -35.33
C LEU F 165 -21.95 -16.86 -35.63
N GLU F 166 -21.73 -16.48 -36.87
CA GLU F 166 -20.43 -15.96 -37.31
C GLU F 166 -20.14 -14.60 -36.70
N THR F 167 -21.20 -13.82 -36.48
CA THR F 167 -21.08 -12.54 -35.82
C THR F 167 -20.66 -12.76 -34.34
N ILE F 168 -21.33 -13.70 -33.68
CA ILE F 168 -21.01 -14.03 -32.29
C ILE F 168 -19.54 -14.45 -32.13
N VAL F 169 -19.09 -15.35 -33.02
CA VAL F 169 -17.70 -15.81 -33.03
C VAL F 169 -16.70 -14.66 -33.19
N LYS F 170 -16.93 -13.81 -34.20
CA LYS F 170 -16.10 -12.61 -34.37
C LYS F 170 -16.08 -11.74 -33.09
N ASP F 171 -17.25 -11.55 -32.49
CA ASP F 171 -17.41 -10.60 -31.38
C ASP F 171 -16.97 -11.13 -30.00
N THR F 172 -16.64 -12.42 -29.88
CA THR F 172 -16.24 -13.00 -28.60
C THR F 172 -14.79 -13.47 -28.57
N ASP F 173 -14.06 -13.20 -29.63
CA ASP F 173 -12.63 -13.55 -29.72
C ASP F 173 -11.79 -12.92 -28.60
N ARG F 174 -12.13 -11.70 -28.21
CA ARG F 174 -11.50 -11.01 -27.08
C ARG F 174 -12.58 -10.35 -26.26
N ASP F 175 -12.23 -10.00 -25.02
CA ASP F 175 -13.17 -9.31 -24.14
C ASP F 175 -13.87 -8.20 -24.92
N ASN F 176 -15.19 -8.17 -24.82
CA ASN F 176 -15.99 -7.20 -25.52
C ASN F 176 -16.95 -6.55 -24.54
N PHE F 177 -16.66 -5.30 -24.15
CA PHE F 177 -17.48 -4.59 -23.17
C PHE F 177 -18.57 -3.75 -23.84
N MSE F 178 -19.81 -3.89 -23.35
CA MSE F 178 -20.92 -3.13 -23.89
C MSE F 178 -21.60 -2.41 -22.75
O MSE F 178 -21.78 -2.99 -21.68
CB MSE F 178 -21.96 -4.04 -24.59
CG MSE F 178 -21.33 -5.09 -25.44
SE MSE F 178 -22.63 -5.85 -26.66
CE MSE F 178 -21.43 -6.97 -27.71
N MSE F 179 -21.98 -1.16 -22.98
CA MSE F 179 -22.86 -0.47 -22.05
C MSE F 179 -24.26 -1.10 -22.20
O MSE F 179 -24.50 -1.88 -23.11
CB MSE F 179 -22.83 1.03 -22.34
CG MSE F 179 -21.42 1.61 -22.20
SE MSE F 179 -20.56 1.47 -20.37
CE MSE F 179 -19.31 -0.02 -20.70
N ALA F 180 -25.16 -0.80 -21.26
CA ALA F 180 -26.51 -1.40 -21.26
C ALA F 180 -27.30 -1.22 -22.59
N ASP F 181 -27.22 -0.04 -23.18
CA ASP F 181 -27.95 0.20 -24.43
C ASP F 181 -27.29 -0.54 -25.61
N GLU F 182 -25.99 -0.77 -25.51
CA GLU F 182 -25.30 -1.51 -26.57
C GLU F 182 -25.75 -2.95 -26.50
N ALA F 183 -25.90 -3.46 -25.29
CA ALA F 183 -26.30 -4.84 -25.06
C ALA F 183 -27.73 -5.09 -25.52
N LYS F 184 -28.60 -4.10 -25.33
CA LYS F 184 -29.96 -4.17 -25.85
C LYS F 184 -29.94 -4.16 -27.36
N ALA F 185 -29.20 -3.23 -27.94
CA ALA F 185 -29.10 -3.20 -29.40
C ALA F 185 -28.48 -4.49 -29.94
N TYR F 186 -27.64 -5.14 -29.13
CA TYR F 186 -26.99 -6.38 -29.56
C TYR F 186 -27.96 -7.56 -29.45
N GLY F 187 -28.93 -7.45 -28.54
CA GLY F 187 -29.85 -8.55 -28.27
C GLY F 187 -29.57 -9.37 -27.00
N LEU F 188 -28.76 -8.85 -26.09
CA LEU F 188 -28.42 -9.59 -24.87
C LEU F 188 -29.47 -9.36 -23.79
N ILE F 189 -30.17 -8.23 -23.88
CA ILE F 189 -31.24 -7.91 -22.95
C ILE F 189 -32.32 -7.33 -23.83
N ASP F 190 -33.51 -7.13 -23.27
CA ASP F 190 -34.61 -6.56 -24.04
C ASP F 190 -34.90 -5.10 -23.67
N HIS F 191 -34.66 -4.74 -22.41
CA HIS F 191 -35.00 -3.41 -21.90
C HIS F 191 -33.89 -2.83 -21.01
N VAL F 192 -33.70 -1.52 -21.08
CA VAL F 192 -32.92 -0.80 -20.08
C VAL F 192 -33.91 0.01 -19.29
N ILE F 193 -33.83 -0.09 -17.97
CA ILE F 193 -34.80 0.56 -17.11
C ILE F 193 -34.15 1.53 -16.11
N GLU F 194 -34.64 2.77 -16.05
CA GLU F 194 -34.05 3.80 -15.21
C GLU F 194 -34.88 4.07 -13.96
N SER F 195 -36.20 3.93 -14.06
CA SER F 195 -37.09 4.20 -12.93
C SER F 195 -38.13 3.10 -12.84
N ARG F 196 -38.68 2.89 -11.65
CA ARG F 196 -39.67 1.82 -11.52
C ARG F 196 -41.04 2.24 -12.06
N GLU F 197 -41.39 3.50 -11.87
CA GLU F 197 -42.70 3.99 -12.30
C GLU F 197 -42.88 3.88 -13.81
N ALA F 198 -41.90 4.38 -14.55
CA ALA F 198 -41.95 4.40 -16.02
C ALA F 198 -42.32 3.05 -16.62
N LEU G 6 -18.39 -24.69 21.94
CA LEU G 6 -17.56 -25.48 22.87
C LEU G 6 -18.05 -25.33 24.31
N VAL G 7 -18.57 -24.16 24.64
CA VAL G 7 -19.14 -23.87 25.95
C VAL G 7 -20.49 -24.56 26.09
N PRO G 8 -20.61 -25.48 27.05
CA PRO G 8 -21.89 -26.18 27.22
C PRO G 8 -23.01 -25.22 27.63
N THR G 9 -24.25 -25.63 27.38
CA THR G 9 -25.43 -24.81 27.66
C THR G 9 -26.30 -25.40 28.78
N VAL G 10 -27.03 -24.52 29.48
CA VAL G 10 -27.96 -24.90 30.54
C VAL G 10 -29.32 -24.20 30.32
N ILE G 11 -30.44 -24.89 30.62
CA ILE G 11 -31.77 -24.29 30.35
C ILE G 11 -32.52 -23.75 31.57
N ARG G 19 -34.82 -20.00 27.35
CA ARG G 19 -34.36 -20.15 28.71
C ARG G 19 -33.04 -20.90 28.71
N ALA G 20 -32.18 -20.54 27.77
CA ALA G 20 -30.89 -21.21 27.61
C ALA G 20 -29.70 -20.28 27.87
N PHE G 21 -28.70 -20.80 28.58
CA PHE G 21 -27.49 -20.06 28.91
C PHE G 21 -26.26 -20.90 28.63
N ASP G 22 -25.12 -20.26 28.43
CA ASP G 22 -23.87 -20.99 28.33
C ASP G 22 -23.40 -21.19 29.77
N ILE G 23 -22.41 -22.04 30.01
CA ILE G 23 -22.00 -22.32 31.38
C ILE G 23 -21.60 -21.01 32.11
N TYR G 24 -20.80 -20.17 31.47
CA TYR G 24 -20.36 -18.94 32.08
C TYR G 24 -21.52 -18.01 32.43
N SER G 25 -22.50 -17.93 31.53
CA SER G 25 -23.66 -17.08 31.76
C SER G 25 -24.39 -17.58 33.00
N ARG G 26 -24.50 -18.90 33.13
CA ARG G 26 -25.13 -19.51 34.29
C ARG G 26 -24.38 -19.19 35.59
N LEU G 27 -23.06 -19.38 35.61
CA LEU G 27 -22.27 -19.04 36.80
C LEU G 27 -22.37 -17.54 37.11
N LEU G 28 -22.67 -16.74 36.10
CA LEU G 28 -22.76 -15.30 36.33
C LEU G 28 -23.99 -14.96 37.16
N LYS G 29 -25.01 -15.80 37.08
CA LYS G 29 -26.19 -15.66 37.93
C LYS G 29 -25.85 -15.83 39.41
N GLU G 30 -24.73 -16.49 39.69
CA GLU G 30 -24.25 -16.61 41.06
C GLU G 30 -23.15 -15.60 41.33
N ARG G 31 -23.00 -14.60 40.46
CA ARG G 31 -22.03 -13.53 40.67
C ARG G 31 -20.60 -14.03 40.60
N ILE G 32 -20.41 -15.12 39.86
CA ILE G 32 -19.07 -15.59 39.52
C ILE G 32 -18.60 -15.05 38.15
N VAL G 33 -17.44 -14.40 38.14
CA VAL G 33 -16.78 -13.89 36.96
C VAL G 33 -15.36 -14.48 36.85
N PHE G 34 -14.94 -14.81 35.63
CA PHE G 34 -13.61 -15.33 35.37
C PHE G 34 -12.77 -14.36 34.55
N LEU G 35 -11.47 -14.31 34.85
CA LEU G 35 -10.45 -13.79 33.95
C LEU G 35 -9.51 -14.95 33.74
N ASN G 36 -9.39 -15.36 32.50
CA ASN G 36 -8.69 -16.56 32.16
C ASN G 36 -7.82 -16.32 30.92
N GLY G 37 -6.53 -16.65 31.02
CA GLY G 37 -5.61 -16.33 29.96
C GLY G 37 -5.18 -14.87 30.06
N GLU G 38 -4.62 -14.38 28.97
CA GLU G 38 -4.01 -13.05 28.87
C GLU G 38 -4.93 -11.90 29.16
N VAL G 39 -4.40 -10.90 29.86
CA VAL G 39 -5.07 -9.61 29.91
C VAL G 39 -4.82 -8.83 28.59
N ASN G 40 -5.89 -8.61 27.83
CA ASN G 40 -5.85 -7.72 26.68
C ASN G 40 -7.14 -6.92 26.69
N ASP G 41 -7.30 -6.04 25.71
CA ASP G 41 -8.48 -5.17 25.63
C ASP G 41 -9.77 -5.97 25.59
N HIS G 42 -9.76 -7.06 24.83
CA HIS G 42 -10.92 -7.91 24.75
C HIS G 42 -11.31 -8.55 26.10
N SER G 43 -10.36 -9.20 26.77
CA SER G 43 -10.69 -9.96 27.98
C SER G 43 -10.98 -9.03 29.14
N ALA G 44 -10.30 -7.87 29.16
CA ALA G 44 -10.44 -6.94 30.30
C ALA G 44 -11.81 -6.27 30.25
N ASN G 45 -12.21 -5.94 29.02
CA ASN G 45 -13.45 -5.26 28.79
C ASN G 45 -14.65 -6.14 29.08
N LEU G 46 -14.52 -7.43 28.76
CA LEU G 46 -15.51 -8.42 29.14
C LEU G 46 -15.77 -8.47 30.67
N VAL G 47 -14.69 -8.57 31.45
CA VAL G 47 -14.79 -8.53 32.90
C VAL G 47 -15.44 -7.22 33.38
N ILE G 48 -14.99 -6.10 32.83
CA ILE G 48 -15.59 -4.83 33.19
C ILE G 48 -17.10 -4.84 32.94
N ALA G 49 -17.51 -5.32 31.78
CA ALA G 49 -18.95 -5.40 31.48
C ALA G 49 -19.72 -6.24 32.51
N GLN G 50 -19.18 -7.41 32.85
CA GLN G 50 -19.78 -8.27 33.85
C GLN G 50 -19.87 -7.62 35.23
N LEU G 51 -18.82 -6.92 35.63
CA LEU G 51 -18.80 -6.27 36.93
C LEU G 51 -19.84 -5.16 36.97
N LEU G 52 -19.94 -4.37 35.89
CA LEU G 52 -20.97 -3.35 35.83
C LEU G 52 -22.36 -3.95 35.93
N PHE G 53 -22.55 -5.08 35.23
CA PHE G 53 -23.81 -5.81 35.24
C PHE G 53 -24.13 -6.30 36.64
N LEU G 54 -23.18 -7.01 37.25
CA LEU G 54 -23.38 -7.53 38.59
C LEU G 54 -23.74 -6.42 39.61
N GLU G 55 -23.05 -5.28 39.53
CA GLU G 55 -23.41 -4.13 40.35
C GLU G 55 -24.85 -3.68 40.10
N SER G 56 -25.26 -3.67 38.85
CA SER G 56 -26.60 -3.27 38.52
C SER G 56 -27.62 -4.22 39.13
N GLU G 57 -27.37 -5.52 39.06
CA GLU G 57 -28.30 -6.47 39.62
C GLU G 57 -28.46 -6.35 41.13
N ASP G 58 -27.34 -6.27 41.85
CA ASP G 58 -27.37 -6.10 43.28
C ASP G 58 -26.12 -5.40 43.73
N PRO G 59 -26.30 -4.22 44.30
CA PRO G 59 -25.21 -3.37 44.77
C PRO G 59 -24.47 -3.85 46.00
N ASP G 60 -25.12 -4.67 46.80
CA ASP G 60 -24.56 -5.10 48.08
C ASP G 60 -23.83 -6.45 48.05
N LYS G 61 -24.26 -7.38 47.20
CA LYS G 61 -23.72 -8.74 47.23
C LYS G 61 -22.30 -8.85 46.70
N ASP G 62 -21.46 -9.57 47.42
CA ASP G 62 -20.14 -9.95 46.95
C ASP G 62 -20.16 -10.46 45.51
N ILE G 63 -19.06 -10.21 44.80
CA ILE G 63 -18.81 -10.82 43.50
C ILE G 63 -17.57 -11.69 43.68
N TYR G 64 -17.52 -12.80 42.95
CA TYR G 64 -16.40 -13.71 43.07
C TYR G 64 -15.68 -13.76 41.76
N PHE G 65 -14.48 -13.21 41.75
CA PHE G 65 -13.66 -13.02 40.57
C PHE G 65 -12.51 -14.05 40.61
N TYR G 66 -12.69 -15.10 39.82
CA TYR G 66 -11.70 -16.16 39.64
C TYR G 66 -10.64 -15.76 38.63
N ILE G 67 -9.38 -15.84 39.06
CA ILE G 67 -8.30 -15.39 38.21
C ILE G 67 -7.34 -16.52 37.91
N ASN G 68 -7.05 -16.68 36.63
CA ASN G 68 -5.99 -17.54 36.15
C ASN G 68 -5.43 -16.93 34.89
N SER G 69 -4.35 -16.15 35.06
CA SER G 69 -3.85 -15.27 33.99
C SER G 69 -2.36 -15.04 34.13
N PRO G 70 -1.63 -15.05 33.00
CA PRO G 70 -0.21 -14.67 33.04
C PRO G 70 -0.04 -13.15 33.02
N GLY G 71 -1.13 -12.38 33.05
CA GLY G 71 -1.04 -10.94 32.90
C GLY G 71 -1.24 -10.54 31.44
N GLY G 72 -0.72 -9.38 31.08
CA GLY G 72 -0.81 -8.84 29.76
C GLY G 72 -0.75 -7.33 29.83
N MSE G 73 -1.61 -6.67 29.07
CA MSE G 73 -1.50 -5.25 28.87
C MSE G 73 -1.87 -4.45 30.14
O MSE G 73 -2.91 -4.65 30.76
CB MSE G 73 -2.33 -4.85 27.62
CG MSE G 73 -2.51 -3.33 27.45
SE MSE G 73 -3.51 -2.90 25.85
CE MSE G 73 -3.52 -4.76 25.03
N VAL G 74 -0.99 -3.54 30.54
CA VAL G 74 -1.15 -2.77 31.77
C VAL G 74 -2.39 -1.89 31.71
N THR G 75 -2.59 -1.14 30.63
CA THR G 75 -3.74 -0.24 30.57
C THR G 75 -5.07 -0.99 30.63
N ALA G 76 -5.23 -2.04 29.83
CA ALA G 76 -6.41 -2.91 29.94
C ALA G 76 -6.62 -3.42 31.37
N GLY G 77 -5.56 -3.93 31.99
CA GLY G 77 -5.65 -4.47 33.35
C GLY G 77 -6.05 -3.43 34.39
N MSE G 78 -5.51 -2.22 34.26
CA MSE G 78 -5.77 -1.16 35.21
C MSE G 78 -7.22 -0.67 35.10
O MSE G 78 -7.77 -0.20 36.09
CB MSE G 78 -4.77 -0.01 35.05
CG MSE G 78 -3.35 -0.35 35.58
SE MSE G 78 -3.37 -0.97 37.45
CE MSE G 78 -2.08 -2.38 37.30
N GLY G 79 -7.85 -0.82 33.93
CA GLY G 79 -9.28 -0.59 33.82
C GLY G 79 -10.08 -1.55 34.71
N VAL G 80 -9.69 -2.82 34.72
CA VAL G 80 -10.33 -3.83 35.57
C VAL G 80 -10.08 -3.52 37.07
N TYR G 81 -8.85 -3.16 37.43
CA TYR G 81 -8.54 -2.79 38.79
C TYR G 81 -9.39 -1.60 39.25
N ASP G 82 -9.49 -0.56 38.42
CA ASP G 82 -10.23 0.65 38.82
C ASP G 82 -11.71 0.34 38.96
N THR G 83 -12.23 -0.53 38.10
CA THR G 83 -13.65 -0.93 38.11
C THR G 83 -13.98 -1.71 39.38
N MSE G 84 -13.12 -2.66 39.74
CA MSE G 84 -13.23 -3.35 41.03
C MSE G 84 -13.32 -2.40 42.19
O MSE G 84 -14.16 -2.61 43.07
CB MSE G 84 -12.05 -4.31 41.28
CG MSE G 84 -11.97 -5.41 40.20
SE MSE G 84 -10.24 -6.34 40.32
CE MSE G 84 -10.33 -6.89 42.18
N GLN G 85 -12.45 -1.37 42.22
CA GLN G 85 -12.46 -0.46 43.36
C GLN G 85 -13.63 0.48 43.18
N PHE G 86 -14.04 0.71 41.94
CA PHE G 86 -15.11 1.70 41.67
C PHE G 86 -16.53 1.30 42.12
N ILE G 87 -16.98 0.12 41.70
CA ILE G 87 -18.36 -0.34 41.92
C ILE G 87 -18.71 -0.62 43.41
N LYS G 88 -19.99 -0.52 43.76
CA LYS G 88 -20.42 -0.68 45.16
C LYS G 88 -20.06 -2.04 45.74
N PRO G 89 -20.38 -3.13 45.04
CA PRO G 89 -20.17 -4.44 45.63
C PRO G 89 -18.70 -4.71 45.88
N ASP G 90 -18.42 -5.52 46.90
CA ASP G 90 -17.08 -6.07 47.11
C ASP G 90 -16.76 -7.12 46.06
N VAL G 91 -15.59 -7.03 45.45
CA VAL G 91 -15.11 -8.07 44.56
C VAL G 91 -14.12 -8.95 45.30
N SER G 92 -14.50 -10.19 45.56
CA SER G 92 -13.59 -11.15 46.19
C SER G 92 -12.76 -11.84 45.11
N THR G 93 -11.43 -11.92 45.27
CA THR G 93 -10.58 -12.53 44.24
C THR G 93 -10.13 -13.93 44.68
N ILE G 94 -10.06 -14.88 43.74
CA ILE G 94 -9.64 -16.24 44.01
C ILE G 94 -8.69 -16.64 42.90
N CYS G 95 -7.44 -16.90 43.25
CA CYS G 95 -6.49 -17.35 42.24
C CYS G 95 -6.65 -18.87 41.99
N ILE G 96 -6.81 -19.28 40.74
CA ILE G 96 -6.97 -20.69 40.44
C ILE G 96 -6.03 -21.15 39.36
N GLY G 97 -4.76 -21.26 39.70
CA GLY G 97 -3.77 -21.70 38.74
C GLY G 97 -2.57 -20.77 38.72
N LEU G 98 -2.74 -19.63 38.08
CA LEU G 98 -1.68 -18.65 38.02
C LEU G 98 -2.16 -17.21 38.13
N ALA G 99 -1.39 -16.39 38.81
CA ALA G 99 -1.59 -14.95 38.77
C ALA G 99 -0.22 -14.29 38.65
N ALA G 100 0.06 -13.73 37.50
CA ALA G 100 1.36 -13.12 37.24
C ALA G 100 1.16 -11.81 36.53
N SER G 101 2.13 -10.91 36.64
CA SER G 101 2.07 -9.60 35.95
C SER G 101 0.79 -8.93 36.44
N MSE G 102 -0.04 -8.43 35.51
CA MSE G 102 -1.29 -7.78 35.88
C MSE G 102 -2.21 -8.72 36.62
O MSE G 102 -3.02 -8.28 37.42
CB MSE G 102 -1.99 -7.23 34.63
CG MSE G 102 -1.33 -5.97 34.10
SE MSE G 102 -1.39 -4.51 35.42
CE MSE G 102 -3.25 -4.75 35.94
N GLY G 103 -2.10 -10.01 36.34
CA GLY G 103 -2.89 -11.02 37.04
C GLY G 103 -2.78 -10.91 38.56
N SER G 104 -1.55 -10.84 39.07
CA SER G 104 -1.33 -10.80 40.51
C SER G 104 -1.70 -9.45 41.10
N LEU G 105 -1.62 -8.42 40.27
CA LEU G 105 -2.09 -7.12 40.66
C LEU G 105 -3.60 -7.13 40.88
N LEU G 106 -4.35 -7.77 39.99
CA LEU G 106 -5.80 -7.85 40.17
C LEU G 106 -6.17 -8.70 41.39
N LEU G 107 -5.41 -9.78 41.60
CA LEU G 107 -5.60 -10.65 42.74
C LEU G 107 -5.45 -9.82 44.03
N ALA G 108 -4.32 -9.11 44.12
CA ALA G 108 -4.00 -8.35 45.30
C ALA G 108 -4.99 -7.21 45.56
N GLY G 109 -5.67 -6.76 44.51
CA GLY G 109 -6.56 -5.61 44.64
C GLY G 109 -8.02 -5.94 44.91
N GLY G 110 -8.29 -7.21 45.23
CA GLY G 110 -9.60 -7.61 45.70
C GLY G 110 -9.93 -6.97 47.03
N ALA G 111 -11.20 -7.03 47.41
CA ALA G 111 -11.68 -6.53 48.70
C ALA G 111 -10.85 -7.04 49.88
N LYS G 112 -10.56 -6.11 50.78
CA LYS G 112 -9.79 -6.36 52.00
C LYS G 112 -10.36 -7.54 52.74
N GLY G 113 -9.50 -8.51 53.05
CA GLY G 113 -9.89 -9.73 53.72
C GLY G 113 -10.50 -10.81 52.82
N LYS G 114 -10.77 -10.49 51.55
CA LYS G 114 -11.49 -11.43 50.66
C LYS G 114 -10.67 -11.88 49.46
N ARG G 115 -9.37 -11.99 49.65
CA ARG G 115 -8.44 -12.33 48.58
C ARG G 115 -7.99 -13.76 48.87
N TYR G 116 -8.29 -14.68 47.97
CA TYR G 116 -8.01 -16.10 48.24
C TYR G 116 -7.17 -16.71 47.16
N SER G 117 -6.59 -17.88 47.47
CA SER G 117 -5.98 -18.69 46.44
C SER G 117 -6.16 -20.13 46.80
N LEU G 118 -6.31 -20.98 45.78
CA LEU G 118 -6.29 -22.43 45.99
C LEU G 118 -4.84 -22.87 46.27
N PRO G 119 -4.66 -24.05 46.84
CA PRO G 119 -3.34 -24.39 47.41
C PRO G 119 -2.21 -24.44 46.42
N SER G 120 -2.50 -24.80 45.18
CA SER G 120 -1.40 -25.06 44.25
C SER G 120 -1.09 -23.88 43.35
N SER G 121 -1.78 -22.76 43.54
CA SER G 121 -1.57 -21.60 42.66
C SER G 121 -0.13 -21.09 42.72
N GLN G 122 0.31 -20.49 41.62
CA GLN G 122 1.58 -19.76 41.56
C GLN G 122 1.28 -18.32 41.35
N ILE G 123 1.97 -17.48 42.10
CA ILE G 123 1.73 -16.05 42.07
C ILE G 123 3.06 -15.36 41.79
N MSE G 124 3.09 -14.52 40.77
CA MSE G 124 4.33 -13.89 40.39
C MSE G 124 4.16 -12.39 40.25
O MSE G 124 3.13 -11.92 39.76
CB MSE G 124 4.91 -14.54 39.12
CG MSE G 124 6.31 -13.98 38.73
SE MSE G 124 6.15 -12.50 37.46
CE MSE G 124 6.32 -13.70 35.88
N ILE G 125 5.16 -11.62 40.72
CA ILE G 125 5.14 -10.17 40.54
C ILE G 125 6.44 -9.76 39.88
N HIS G 126 6.44 -8.60 39.22
CA HIS G 126 7.62 -8.13 38.49
C HIS G 126 7.35 -6.75 37.89
N GLN G 127 8.37 -6.16 37.30
CA GLN G 127 8.21 -4.82 36.74
C GLN G 127 7.59 -4.84 35.34
N PRO G 128 7.08 -3.69 34.88
CA PRO G 128 6.46 -3.65 33.55
C PRO G 128 7.46 -3.95 32.45
N LEU G 129 6.94 -4.51 31.37
CA LEU G 129 7.71 -4.61 30.15
C LEU G 129 7.13 -3.71 29.05
N GLY G 130 7.98 -3.30 28.12
CA GLY G 130 7.51 -2.60 26.95
C GLY G 130 8.69 -2.29 26.05
N GLY G 131 8.65 -1.10 25.49
CA GLY G 131 9.76 -0.57 24.73
C GLY G 131 9.27 -0.06 23.39
N PHE G 132 9.99 0.93 22.87
CA PHE G 132 9.63 1.56 21.62
C PHE G 132 10.83 1.52 20.71
N ARG G 133 10.58 1.62 19.41
CA ARG G 133 11.62 1.90 18.46
C ARG G 133 11.35 3.27 17.83
N GLY G 134 12.39 4.04 17.61
CA GLY G 134 12.19 5.33 17.01
C GLY G 134 13.31 6.29 17.31
N GLN G 135 13.00 7.57 17.13
CA GLN G 135 13.92 8.63 17.41
C GLN G 135 14.20 8.65 18.90
N ALA G 136 15.38 9.14 19.24
CA ALA G 136 15.81 9.19 20.60
C ALA G 136 14.82 10.00 21.42
N SER G 137 14.28 11.06 20.85
CA SER G 137 13.32 11.88 21.54
C SER G 137 12.09 11.09 21.93
N ASP G 138 11.60 10.27 21.02
CA ASP G 138 10.46 9.42 21.29
C ASP G 138 10.75 8.36 22.33
N ILE G 139 11.94 7.79 22.24
CA ILE G 139 12.35 6.77 23.18
C ILE G 139 12.41 7.41 24.59
N GLU G 140 12.90 8.65 24.69
CA GLU G 140 12.91 9.35 25.98
C GLU G 140 11.49 9.49 26.57
N ILE G 141 10.53 9.94 25.75
CA ILE G 141 9.16 10.13 26.21
C ILE G 141 8.57 8.85 26.75
N HIS G 142 8.73 7.75 26.00
CA HIS G 142 8.19 6.45 26.44
C HIS G 142 8.96 5.85 27.64
N ALA G 143 10.28 6.12 27.70
CA ALA G 143 11.08 5.63 28.82
C ALA G 143 10.55 6.26 30.09
N LYS G 144 10.35 7.60 30.09
CA LYS G 144 9.81 8.30 31.25
C LYS G 144 8.46 7.80 31.66
N ASN G 145 7.61 7.54 30.67
CA ASN G 145 6.27 7.04 30.97
C ASN G 145 6.28 5.66 31.60
N ILE G 146 7.07 4.74 31.05
CA ILE G 146 7.16 3.39 31.62
C ILE G 146 7.66 3.47 33.09
N LEU G 147 8.56 4.41 33.37
CA LEU G 147 9.00 4.66 34.75
C LEU G 147 7.89 5.14 35.72
N ARG G 148 7.04 6.07 35.26
CA ARG G 148 5.88 6.51 36.05
C ARG G 148 4.92 5.38 36.36
N ILE G 149 4.68 4.57 35.34
CA ILE G 149 3.80 3.44 35.49
C ILE G 149 4.41 2.37 36.41
N LYS G 150 5.68 2.06 36.23
CA LYS G 150 6.39 1.12 37.10
C LYS G 150 6.23 1.59 38.55
N ASP G 151 6.38 2.88 38.75
CA ASP G 151 6.26 3.48 40.06
C ASP G 151 4.84 3.35 40.66
N ARG G 152 3.83 3.75 39.88
N ARG G 152 3.85 3.73 39.86
CA ARG G 152 2.44 3.62 40.31
CA ARG G 152 2.46 3.66 40.24
C ARG G 152 2.06 2.18 40.64
C ARG G 152 1.99 2.22 40.56
N LEU G 153 2.46 1.24 39.78
CA LEU G 153 2.14 -0.16 40.04
C LEU G 153 2.76 -0.64 41.38
N ASN G 154 3.96 -0.17 41.68
CA ASN G 154 4.59 -0.60 42.91
C ASN G 154 3.82 -0.01 44.08
N LYS G 155 3.28 1.19 43.90
CA LYS G 155 2.56 1.88 44.98
C LYS G 155 1.22 1.19 45.19
N VAL G 156 0.59 0.74 44.11
CA VAL G 156 -0.58 -0.12 44.23
C VAL G 156 -0.30 -1.40 45.07
N LEU G 157 0.73 -2.14 44.70
CA LEU G 157 1.07 -3.34 45.46
C LEU G 157 1.41 -3.05 46.91
N ALA G 158 2.16 -1.98 47.17
CA ALA G 158 2.52 -1.63 48.52
C ALA G 158 1.27 -1.44 49.38
N HIS G 159 0.31 -0.70 48.83
CA HIS G 159 -0.96 -0.36 49.48
C HIS G 159 -1.81 -1.59 49.82
N HIS G 160 -1.90 -2.54 48.87
CA HIS G 160 -2.74 -3.72 49.06
C HIS G 160 -2.06 -4.79 49.93
N THR G 161 -0.73 -4.87 49.85
CA THR G 161 -0.02 -5.90 50.59
C THR G 161 0.38 -5.45 51.97
N GLY G 162 0.44 -4.14 52.16
CA GLY G 162 0.97 -3.62 53.40
C GLY G 162 2.48 -3.55 53.43
N GLN G 163 3.18 -3.98 52.37
CA GLN G 163 4.66 -3.88 52.37
C GLN G 163 5.12 -2.42 52.22
N ASP G 164 6.35 -2.11 52.64
CA ASP G 164 6.97 -0.83 52.30
C ASP G 164 7.26 -0.75 50.80
N LEU G 165 7.14 0.45 50.23
CA LEU G 165 7.36 0.68 48.79
C LEU G 165 8.72 0.15 48.35
N GLU G 166 9.74 0.41 49.18
CA GLU G 166 11.11 0.03 48.91
C GLU G 166 11.28 -1.49 48.82
N THR G 167 10.55 -2.20 49.67
CA THR G 167 10.49 -3.66 49.65
C THR G 167 9.88 -4.12 48.33
N ILE G 168 8.77 -3.50 47.94
CA ILE G 168 8.13 -3.81 46.66
C ILE G 168 9.11 -3.62 45.50
N VAL G 169 9.76 -2.47 45.48
CA VAL G 169 10.70 -2.14 44.42
C VAL G 169 11.81 -3.21 44.33
N LYS G 170 12.41 -3.58 45.46
CA LYS G 170 13.44 -4.62 45.48
C LYS G 170 12.92 -5.96 44.93
N ASP G 171 11.69 -6.31 45.28
CA ASP G 171 11.15 -7.65 45.03
C ASP G 171 10.52 -7.84 43.63
N THR G 172 10.38 -6.76 42.87
CA THR G 172 9.81 -6.89 41.55
C THR G 172 10.82 -6.56 40.47
N ASP G 173 12.10 -6.49 40.83
CA ASP G 173 13.12 -6.11 39.88
C ASP G 173 13.25 -7.19 38.82
N ARG G 174 13.06 -8.44 39.25
CA ARG G 174 13.10 -9.59 38.35
C ARG G 174 11.88 -10.43 38.72
N ASP G 175 11.55 -11.42 37.90
CA ASP G 175 10.37 -12.25 38.15
C ASP G 175 10.51 -12.88 39.52
N ASN G 176 9.43 -12.87 40.28
CA ASN G 176 9.44 -13.35 41.65
C ASN G 176 8.26 -14.29 41.88
N PHE G 177 8.50 -15.62 41.87
CA PHE G 177 7.41 -16.61 41.96
C PHE G 177 7.15 -17.04 43.40
N MSE G 178 5.87 -17.06 43.80
CA MSE G 178 5.48 -17.48 45.14
C MSE G 178 4.41 -18.58 45.14
O MSE G 178 3.45 -18.53 44.38
CB MSE G 178 4.95 -16.27 45.92
CG MSE G 178 6.03 -15.24 46.10
SE MSE G 178 5.32 -13.75 47.11
CE MSE G 178 5.59 -12.39 45.73
N MSE G 179 4.59 -19.56 46.01
CA MSE G 179 3.50 -20.47 46.33
C MSE G 179 2.37 -19.73 47.07
O MSE G 179 2.55 -18.59 47.54
CB MSE G 179 4.02 -21.65 47.15
CG MSE G 179 5.13 -22.46 46.44
SE MSE G 179 4.72 -22.85 44.50
CE MSE G 179 6.37 -23.78 44.08
N ALA G 180 1.20 -20.37 47.17
CA ALA G 180 0.06 -19.74 47.77
C ALA G 180 0.35 -19.26 49.19
N ASP G 181 1.03 -20.08 49.98
CA ASP G 181 1.25 -19.73 51.37
C ASP G 181 2.26 -18.58 51.53
N GLU G 182 3.19 -18.46 50.58
CA GLU G 182 4.16 -17.35 50.56
C GLU G 182 3.47 -16.03 50.16
N ALA G 183 2.54 -16.10 49.23
CA ALA G 183 1.79 -14.92 48.79
C ALA G 183 0.91 -14.38 49.91
N LYS G 184 0.42 -15.28 50.74
CA LYS G 184 -0.30 -14.88 51.92
C LYS G 184 0.62 -14.21 52.95
N ALA G 185 1.79 -14.79 53.18
CA ALA G 185 2.73 -14.18 54.14
C ALA G 185 3.18 -12.84 53.61
N TYR G 186 3.21 -12.69 52.28
CA TYR G 186 3.63 -11.44 51.66
C TYR G 186 2.52 -10.36 51.65
N GLY G 187 1.26 -10.78 51.75
CA GLY G 187 0.17 -9.84 51.75
C GLY G 187 -0.60 -9.73 50.44
N LEU G 188 -0.24 -10.53 49.43
CA LEU G 188 -0.94 -10.52 48.14
C LEU G 188 -2.33 -11.16 48.20
N ILE G 189 -2.53 -12.07 49.14
CA ILE G 189 -3.84 -12.66 49.42
C ILE G 189 -4.07 -12.71 50.92
N ASP G 190 -5.31 -13.06 51.32
CA ASP G 190 -5.65 -13.15 52.74
C ASP G 190 -5.72 -14.60 53.23
N HIS G 191 -6.18 -15.50 52.38
CA HIS G 191 -6.41 -16.86 52.87
C HIS G 191 -6.07 -17.87 51.78
N VAL G 192 -5.51 -19.00 52.20
CA VAL G 192 -5.32 -20.15 51.33
C VAL G 192 -6.42 -21.14 51.68
N ILE G 193 -7.21 -21.50 50.68
CA ILE G 193 -8.37 -22.36 50.96
C ILE G 193 -8.28 -23.63 50.14
N GLU G 194 -8.36 -24.77 50.80
CA GLU G 194 -8.15 -26.03 50.13
C GLU G 194 -9.46 -26.79 50.05
N SER G 195 -10.42 -26.38 50.86
CA SER G 195 -11.66 -27.16 50.97
C SER G 195 -12.85 -26.26 51.23
N ARG G 196 -13.87 -26.40 50.40
CA ARG G 196 -15.13 -25.71 50.60
C ARG G 196 -15.67 -26.02 52.01
N GLU G 197 -15.49 -27.26 52.44
CA GLU G 197 -15.89 -27.71 53.77
C GLU G 197 -15.28 -26.91 54.95
N ALA G 198 -13.96 -26.70 54.92
CA ALA G 198 -13.25 -26.00 55.99
C ALA G 198 -13.75 -24.57 56.23
MG MG H . -25.32 15.11 21.82
C1 PEG I . -20.38 7.52 36.36
O1 PEG I . -21.03 8.76 36.66
C2 PEG I . -21.00 6.91 35.09
O2 PEG I . -21.15 5.47 35.11
C3 PEG I . -22.48 5.06 34.71
C4 PEG I . -22.46 3.85 33.79
O4 PEG I . -22.69 2.60 34.49
C1 GOL J . -5.42 11.64 17.34
O1 GOL J . -4.53 11.75 16.23
C2 GOL J . -5.69 12.96 18.04
O2 GOL J . -4.97 13.99 17.39
C3 GOL J . -5.36 12.94 19.55
O3 GOL J . -4.28 13.79 19.90
C1 PEG K . -2.90 6.45 15.33
O1 PEG K . -2.86 5.96 13.97
C2 PEG K . -2.38 5.37 16.27
O2 PEG K . -3.33 4.32 16.36
C3 PEG K . -2.75 3.09 16.78
C4 PEG K . -3.80 1.98 16.76
O4 PEG K . -3.99 1.51 15.41
C1 GOL L . 1.28 16.67 31.96
O1 GOL L . 2.24 15.65 32.23
C2 GOL L . 1.57 17.24 30.58
O2 GOL L . 2.07 16.22 29.72
C3 GOL L . 0.40 17.97 29.91
O3 GOL L . 0.89 18.60 28.73
C1 PEG M . -15.70 20.67 12.02
O1 PEG M . -15.93 22.03 11.60
C2 PEG M . -16.09 20.42 13.48
O2 PEG M . -15.53 21.40 14.37
C3 PEG M . -15.71 21.11 15.77
C4 PEG M . -15.81 22.39 16.61
O4 PEG M . -14.56 23.07 16.70
C1 EDO N . -13.74 16.77 41.80
O1 EDO N . -14.13 18.06 41.27
C2 EDO N . -14.02 15.60 40.84
O2 EDO N . -12.88 15.20 40.06
C1 GOL O . -8.40 23.39 32.65
O1 GOL O . -9.55 23.26 33.44
C2 GOL O . -8.78 23.90 31.27
O2 GOL O . -10.05 24.52 31.32
C3 GOL O . -7.75 24.89 30.75
O3 GOL O . -8.38 25.98 30.08
C1 EDO P . -17.33 -3.81 22.45
O1 EDO P . -16.33 -4.64 21.85
C2 EDO P . -18.70 -4.20 21.87
O2 EDO P . -19.66 -3.18 22.15
C1 GOL Q . -12.72 23.40 30.72
O1 GOL Q . -12.98 22.70 31.92
C2 GOL Q . -14.02 23.58 29.91
O2 GOL Q . -14.36 22.32 29.39
C3 GOL Q . -13.85 24.58 28.79
O3 GOL Q . -15.02 24.66 27.99
P PO4 R . -26.11 18.13 22.12
O1 PO4 R . -26.87 17.84 20.83
O2 PO4 R . -26.38 19.56 22.51
O3 PO4 R . -26.62 17.23 23.24
O4 PO4 R . -24.61 17.90 21.90
MG MG S . 43.95 12.69 10.05
P PO4 T . 34.76 28.81 -2.51
O1 PO4 T . 35.92 29.21 -3.40
O2 PO4 T . 33.96 27.67 -3.13
O3 PO4 T . 35.29 28.38 -1.16
O4 PO4 T . 33.86 30.02 -2.30
P PO4 U . 45.17 14.90 11.98
O1 PO4 U . 45.82 13.81 12.82
O2 PO4 U . 45.57 14.75 10.54
O3 PO4 U . 43.66 14.80 12.09
O4 PO4 U . 45.63 16.26 12.46
C1 PEG V . 38.73 17.27 -5.68
O1 PEG V . 39.20 18.03 -4.57
C2 PEG V . 38.62 15.78 -5.32
O2 PEG V . 39.22 14.93 -6.30
C3 PEG V . 40.36 14.26 -5.77
C4 PEG V . 40.85 13.15 -6.68
O4 PEG V . 42.27 13.27 -6.82
C1 PEG W . 24.13 12.33 12.60
O1 PEG W . 23.74 13.55 11.90
C2 PEG W . 22.99 11.30 12.58
O2 PEG W . 23.17 10.17 13.42
C3 PEG W . 21.94 9.47 13.69
C4 PEG W . 22.08 7.96 13.42
O4 PEG W . 21.10 7.12 14.11
C1 PEG X . 19.76 3.45 6.42
O1 PEG X . 20.17 2.15 6.88
C2 PEG X . 20.34 4.54 7.31
O2 PEG X . 19.47 4.81 8.40
C3 PEG X . 20.07 5.64 9.40
C4 PEG X . 19.40 5.35 10.75
O4 PEG X . 20.36 5.23 11.80
C1 GOL Y . 15.37 24.44 6.15
O1 GOL Y . 14.63 23.77 7.16
C2 GOL Y . 15.65 23.53 4.95
O2 GOL Y . 14.46 23.32 4.20
C3 GOL Y . 16.71 24.14 4.04
O3 GOL Y . 17.99 24.16 4.65
C1 GOL Z . 31.95 -0.96 -2.36
O1 GOL Z . 30.93 -0.63 -3.29
C2 GOL Z . 32.96 0.19 -2.16
O2 GOL Z . 32.45 1.34 -2.80
C3 GOL Z . 34.33 -0.09 -2.78
O3 GOL Z . 35.23 -0.73 -1.91
P PO4 AA . 34.97 16.73 20.35
O1 PO4 AA . 34.78 15.94 19.08
O2 PO4 AA . 33.79 17.65 20.56
O3 PO4 AA . 35.06 15.78 21.53
O4 PO4 AA . 36.23 17.56 20.26
C1 PEG BA . 30.39 28.23 8.06
O1 PEG BA . 30.47 29.14 6.95
C2 PEG BA . 29.43 28.79 9.11
O2 PEG BA . 29.87 28.52 10.45
C3 PEG BA . 29.28 29.42 11.40
C4 PEG BA . 30.04 29.48 12.74
O4 PEG BA . 31.44 29.83 12.59
MG MG CA . 33.16 16.68 -18.46
C1 PEG DA . 29.30 6.89 -31.67
O1 PEG DA . 29.86 8.17 -32.05
C2 PEG DA . 30.00 6.35 -30.43
O2 PEG DA . 30.65 5.09 -30.65
C3 PEG DA . 31.86 5.01 -29.87
C4 PEG DA . 32.41 3.58 -29.74
O4 PEG DA . 33.83 3.58 -29.92
C1 PEG EA . 13.59 13.17 -15.14
O1 PEG EA . 13.11 12.38 -16.22
C2 PEG EA . 14.29 12.28 -14.10
O2 PEG EA . 13.36 12.00 -13.06
C3 PEG EA . 13.92 11.17 -12.04
C4 PEG EA . 12.80 10.78 -11.08
O4 PEG EA . 12.11 9.62 -11.55
C1 GOL FA . 12.30 3.66 -10.68
O1 GOL FA . 12.10 4.88 -11.38
C2 GOL FA . 13.22 2.67 -11.43
O2 GOL FA . 12.83 2.62 -12.77
C3 GOL FA . 13.16 1.22 -10.90
O3 GOL FA . 14.08 0.95 -9.86
C1 PEG GA . 23.01 16.66 -38.27
O1 PEG GA . 22.04 17.11 -37.31
C2 PEG GA . 22.76 15.21 -38.68
O2 PEG GA . 22.36 14.44 -37.54
C3 PEG GA . 22.44 13.04 -37.79
C4 PEG GA . 21.73 12.29 -36.68
O4 PEG GA . 20.42 12.86 -36.48
C1 EDO HA . 20.60 22.78 -26.04
O1 EDO HA . 20.80 24.14 -25.64
C2 EDO HA . 20.18 22.73 -27.51
O2 EDO HA . 19.65 21.43 -27.84
C1 GOL IA . 26.35 -1.66 -16.27
O1 GOL IA . 25.77 -1.25 -15.02
C2 GOL IA . 27.38 -2.82 -16.25
O2 GOL IA . 26.85 -3.96 -16.90
C3 GOL IA . 28.69 -2.42 -16.97
O3 GOL IA . 29.86 -2.65 -16.18
P PO4 JA . 33.41 20.22 -18.71
O1 PO4 JA . 34.09 19.73 -19.97
O2 PO4 JA . 33.20 21.71 -18.89
O3 PO4 JA . 32.09 19.46 -18.46
O4 PO4 JA . 34.35 20.02 -17.54
MG MG KA . -35.14 7.10 -5.99
C1 PEG LA . -31.07 14.03 9.02
O1 PEG LA . -32.06 14.65 8.19
C2 PEG LA . -30.87 12.57 8.58
O2 PEG LA . -31.11 11.69 9.68
C3 PEG LA . -32.20 10.78 9.44
C4 PEG LA . -32.34 9.79 10.61
O4 PEG LA . -33.70 9.35 10.68
C1 PEG MA . -9.85 2.36 -6.06
O1 PEG MA . -10.43 1.05 -6.17
C2 PEG MA . -10.48 3.17 -4.93
O2 PEG MA . -9.99 2.72 -3.66
C3 PEG MA . -10.94 1.92 -2.97
C4 PEG MA . -10.34 1.26 -1.73
O4 PEG MA . -10.54 -0.16 -1.79
C1 GOL NA . -14.74 6.45 -8.45
O1 GOL NA . -13.76 5.79 -9.24
C2 GOL NA . -14.97 7.89 -8.94
O2 GOL NA . -14.15 8.05 -10.08
C3 GOL NA . -14.64 8.91 -7.83
O3 GOL NA . -15.01 10.26 -8.11
C1 PEG OA . -10.12 21.11 -1.80
O1 PEG OA . -9.05 21.91 -1.25
C2 PEG OA . -11.22 21.98 -2.41
O2 PEG OA . -11.14 21.88 -3.83
C3 PEG OA . -12.33 22.20 -4.54
C4 PEG OA . -12.25 21.54 -5.92
O4 PEG OA . -10.95 21.77 -6.52
C1 GOL PA . -29.96 25.24 5.33
O1 GOL PA . -30.25 25.12 6.71
C2 GOL PA . -28.48 24.96 5.05
O2 GOL PA . -28.30 24.80 3.66
C3 GOL PA . -27.96 23.73 5.81
O3 GOL PA . -26.60 23.48 5.50
C1 PEG QA . -22.51 24.38 -8.24
O1 PEG QA . -22.63 25.24 -9.38
C2 PEG QA . -23.62 24.73 -7.27
O2 PEG QA . -23.20 24.60 -5.91
C3 PEG QA . -23.17 25.89 -5.30
C4 PEG QA . -24.31 26.05 -4.30
O4 PEG QA . -24.36 27.40 -3.84
P PO4 RA . -37.28 9.02 -7.98
O1 PO4 RA . -35.79 9.27 -8.15
O2 PO4 RA . -38.08 10.22 -8.40
O3 PO4 RA . -37.69 7.82 -8.80
O4 PO4 RA . -37.52 8.74 -6.52
MG MG SA . 26.09 -4.63 -39.45
C1 PEG TA . 26.91 -21.53 -42.12
O1 PEG TA . 27.80 -20.86 -43.04
C2 PEG TA . 26.90 -20.84 -40.76
O2 PEG TA . 27.89 -21.41 -39.88
C3 PEG TA . 28.20 -20.61 -38.74
C4 PEG TA . 29.70 -20.38 -38.64
O4 PEG TA . 30.28 -21.06 -37.52
C1 PEG UA . 8.43 -11.10 -32.69
O1 PEG UA . 7.16 -11.61 -33.12
C2 PEG UA . 8.26 -9.77 -31.98
O2 PEG UA . 8.09 -9.96 -30.57
C3 PEG UA . 7.37 -8.85 -30.01
C4 PEG UA . 7.90 -8.57 -28.62
O4 PEG UA . 7.15 -9.38 -27.71
C1 PEG VA . 8.04 -13.13 -24.17
O1 PEG VA . 7.61 -11.77 -24.37
C2 PEG VA . 8.80 -13.19 -22.85
O2 PEG VA . 9.36 -14.47 -22.57
C3 PEG VA . 9.11 -14.80 -21.20
C4 PEG VA . 10.24 -14.28 -20.32
O4 PEG VA . 11.46 -14.79 -20.85
C1 PEG WA . 1.82 -22.59 -38.42
O1 PEG WA . 1.12 -21.52 -37.76
C2 PEG WA . 2.13 -22.22 -39.87
O2 PEG WA . 2.51 -20.84 -39.94
C3 PEG WA . 2.53 -20.29 -41.26
C4 PEG WA . 2.49 -18.76 -41.20
O4 PEG WA . 1.22 -18.28 -40.72
C1 GOL XA . 7.00 -12.99 -50.01
O1 GOL XA . 7.18 -13.63 -51.26
C2 GOL XA . 8.22 -13.07 -49.08
O2 GOL XA . 9.24 -12.16 -49.47
C3 GOL XA . 8.74 -14.52 -49.02
O3 GOL XA . 10.06 -14.61 -48.52
C1 GOL YA . 27.28 -17.19 -22.67
O1 GOL YA . 27.53 -16.23 -23.70
C2 GOL YA . 25.94 -17.92 -22.82
O2 GOL YA . 24.92 -17.02 -23.20
C3 GOL YA . 25.54 -18.59 -21.49
O3 GOL YA . 24.28 -19.26 -21.54
C1 GOL ZA . 13.41 -10.83 -50.01
O1 GOL ZA . 13.80 -9.62 -50.61
C2 GOL ZA . 13.22 -10.62 -48.51
O2 GOL ZA . 13.71 -9.34 -48.18
C3 GOL ZA . 13.98 -11.66 -47.69
O3 GOL ZA . 13.88 -12.94 -48.31
P PO4 AB . 25.26 -2.73 -42.01
O1 PO4 AB . 25.92 -3.77 -42.88
O2 PO4 AB . 25.05 -1.50 -42.85
O3 PO4 AB . 23.93 -3.26 -41.45
O4 PO4 AB . 26.19 -2.39 -40.88
MG MG BB . -38.26 -21.39 -17.31
C1 PEG CB . -14.32 -16.60 -16.46
O1 PEG CB . -13.43 -17.70 -16.73
C2 PEG CB . -13.67 -15.54 -15.56
O2 PEG CB . -14.03 -15.68 -14.17
C3 PEG CB . -13.36 -14.73 -13.33
C4 PEG CB . -13.69 -14.97 -11.86
O4 PEG CB . -13.33 -16.31 -11.48
C1 PEG DB . -20.06 -15.83 -23.24
O1 PEG DB . -19.69 -14.46 -23.22
C2 PEG DB . -19.83 -16.51 -21.90
O2 PEG DB . -18.43 -16.66 -21.69
C3 PEG DB . -18.10 -17.86 -21.00
C4 PEG DB . -16.62 -18.17 -21.21
O4 PEG DB . -15.93 -17.99 -19.97
C1 GOL EB . -19.20 -2.41 -28.27
O1 GOL EB . -17.87 -2.30 -27.77
C2 GOL EB . -19.27 -3.12 -29.64
O2 GOL EB . -18.02 -3.63 -30.08
C3 GOL EB . -20.34 -4.22 -29.64
O3 GOL EB . -19.91 -5.29 -30.47
C1 EDO FB . -31.46 -8.34 -32.26
O1 EDO FB . -31.40 -7.14 -31.47
C2 EDO FB . -30.25 -8.52 -33.16
O2 EDO FB . -30.67 -9.04 -34.43
C1 PEG GB . -38.18 -4.98 -12.91
O1 PEG GB . -39.02 -5.51 -13.94
C2 PEG GB . -37.73 -6.04 -11.91
O2 PEG GB . -38.08 -5.71 -10.55
C3 PEG GB . -38.43 -6.86 -9.77
C4 PEG GB . -38.86 -6.48 -8.35
O4 PEG GB . -37.72 -6.03 -7.59
P PO4 HB . -39.83 -22.39 -20.15
O1 PO4 HB . -39.55 -23.52 -19.19
O2 PO4 HB . -38.59 -22.14 -20.99
O3 PO4 HB . -40.98 -22.80 -21.05
O4 PO4 HB . -40.18 -21.10 -19.39
MG MG IB . -15.80 -2.42 45.13
C1 PEG JB . -17.82 -19.11 45.46
O1 PEG JB . -17.97 -19.68 44.13
C2 PEG JB . -16.36 -18.72 45.66
O2 PEG JB . -15.84 -19.17 46.91
C3 PEG JB . -14.55 -18.63 47.26
C4 PEG JB . -14.54 -17.86 48.61
O4 PEG JB . -14.65 -18.74 49.75
C1 PEG KB . 3.32 -5.86 34.66
O1 PEG KB . 4.57 -5.52 35.28
C2 PEG KB . 2.33 -6.10 35.80
O2 PEG KB . 3.05 -6.00 37.04
C3 PEG KB . 2.24 -6.26 38.17
C4 PEG KB . 3.14 -6.34 39.41
O4 PEG KB . 3.74 -7.63 39.55
C1 PEG LB . 1.17 -11.79 28.73
O1 PEG LB . 1.64 -12.32 27.49
C2 PEG LB . 2.28 -11.75 29.77
O2 PEG LB . 3.16 -10.65 29.54
C3 PEG LB . 3.29 -9.76 30.65
C4 PEG LB . 4.16 -8.54 30.28
O4 PEG LB . 3.44 -7.44 29.71
C1 PEG MB . 10.03 -17.25 46.87
O1 PEG MB . 10.61 -16.43 45.82
C2 PEG MB . 9.77 -16.44 48.15
O2 PEG MB . 9.19 -15.17 47.82
C3 PEG MB . 9.30 -14.13 48.83
C4 PEG MB . 9.32 -12.73 48.20
O4 PEG MB . 10.67 -12.31 47.89
P PO4 NB . -6.35 -19.22 56.26
O1 PO4 NB . -5.24 -19.14 55.23
O2 PO4 NB . -6.55 -17.89 56.98
O3 PO4 NB . -7.64 -19.62 55.58
O4 PO4 NB . -6.02 -20.26 57.31
C1 EDO OB . -2.24 -5.11 54.79
O1 EDO OB . -2.97 -3.87 54.84
C2 EDO OB . -3.12 -6.26 54.30
O2 EDO OB . -2.57 -7.53 54.67
C1 PEG PB . 3.58 -7.05 55.39
O1 PEG PB . 4.44 -6.58 56.44
C2 PEG PB . 2.21 -7.45 55.96
O2 PEG PB . 1.63 -8.47 55.14
C3 PEG PB . 1.69 -9.73 55.79
C4 PEG PB . 0.30 -10.25 56.12
O4 PEG PB . 0.40 -11.08 57.29
C1 GOL QB . -14.55 -16.22 30.68
O1 GOL QB . -15.89 -15.74 30.58
C2 GOL QB . -14.10 -17.01 29.45
O2 GOL QB . -14.10 -16.21 28.29
C3 GOL QB . -12.70 -17.61 29.70
O3 GOL QB . -12.31 -18.53 28.69
P PO4 RB . -16.18 -0.72 47.80
O1 PO4 RB . -14.95 -0.67 46.90
O2 PO4 RB . -17.28 0.12 47.19
O3 PO4 RB . -16.71 -2.15 47.95
O4 PO4 RB . -15.87 -0.15 49.16
#